data_2DL7
#
_entry.id   2DL7
#
_entity_poly.entity_id   1
_entity_poly.type   'polypeptide(L)'
_entity_poly.pdbx_seq_one_letter_code
;GSSGSSGVCFVKALYDYEGQTDDELSFPEGAIIRILNKENQDDDGFWEGEFNGRIGVFPSVLVEELSSGPSSG
;
_entity_poly.pdbx_strand_id   A
#
# COMPACT_ATOMS: atom_id res chain seq x y z
N GLY A 1 24.82 4.87 4.19
CA GLY A 1 24.02 5.65 5.12
C GLY A 1 22.62 5.93 4.59
N SER A 2 22.39 7.18 4.19
CA SER A 2 21.10 7.58 3.66
C SER A 2 19.97 6.96 4.48
N SER A 3 20.07 7.09 5.80
CA SER A 3 19.04 6.54 6.69
C SER A 3 17.98 7.59 7.00
N GLY A 4 16.72 7.16 6.95
CA GLY A 4 15.62 8.07 7.23
C GLY A 4 14.50 7.41 8.00
N SER A 5 13.64 6.67 7.29
CA SER A 5 12.52 5.99 7.91
C SER A 5 12.70 4.47 7.85
N SER A 6 12.99 3.87 9.00
CA SER A 6 13.20 2.44 9.08
C SER A 6 12.00 1.74 9.72
N GLY A 7 11.00 1.42 8.90
CA GLY A 7 9.81 0.77 9.39
C GLY A 7 8.77 0.55 8.31
N VAL A 8 8.87 -0.58 7.61
CA VAL A 8 7.94 -0.90 6.53
C VAL A 8 6.49 -0.78 7.02
N CYS A 9 5.57 -0.67 6.06
CA CYS A 9 4.15 -0.55 6.39
C CYS A 9 3.30 -1.39 5.45
N PHE A 10 2.16 -1.86 5.95
CA PHE A 10 1.26 -2.68 5.16
C PHE A 10 -0.17 -2.14 5.21
N VAL A 11 -0.99 -2.57 4.26
CA VAL A 11 -2.38 -2.13 4.21
C VAL A 11 -3.25 -3.16 3.50
N LYS A 12 -4.49 -3.29 3.95
CA LYS A 12 -5.43 -4.24 3.37
C LYS A 12 -6.45 -3.52 2.49
N ALA A 13 -6.57 -3.99 1.24
CA ALA A 13 -7.51 -3.39 0.30
C ALA A 13 -8.95 -3.64 0.73
N LEU A 14 -9.56 -2.66 1.38
CA LEU A 14 -10.94 -2.77 1.84
C LEU A 14 -11.86 -3.19 0.71
N TYR A 15 -11.65 -2.59 -0.47
CA TYR A 15 -12.46 -2.89 -1.64
C TYR A 15 -11.58 -3.20 -2.84
N ASP A 16 -11.90 -4.29 -3.53
CA ASP A 16 -11.14 -4.69 -4.72
C ASP A 16 -10.92 -3.51 -5.65
N TYR A 17 -9.66 -3.27 -6.00
CA TYR A 17 -9.30 -2.17 -6.88
C TYR A 17 -8.88 -2.68 -8.25
N GLU A 18 -9.46 -2.11 -9.30
CA GLU A 18 -9.14 -2.50 -10.66
C GLU A 18 -8.25 -1.47 -11.34
N GLY A 19 -6.93 -1.66 -11.22
CA GLY A 19 -5.99 -0.73 -11.83
C GLY A 19 -6.30 -0.45 -13.28
N GLN A 20 -6.33 0.83 -13.64
CA GLN A 20 -6.63 1.23 -15.01
C GLN A 20 -5.55 0.74 -15.96
N THR A 21 -4.29 0.95 -15.57
CA THR A 21 -3.15 0.54 -16.40
C THR A 21 -2.16 -0.29 -15.59
N ASP A 22 -1.14 -0.80 -16.25
CA ASP A 22 -0.12 -1.60 -15.60
C ASP A 22 0.51 -0.84 -14.43
N ASP A 23 0.88 0.41 -14.68
CA ASP A 23 1.49 1.25 -13.65
C ASP A 23 0.75 1.09 -12.33
N GLU A 24 -0.56 1.01 -12.39
CA GLU A 24 -1.38 0.85 -11.18
C GLU A 24 -1.28 -0.57 -10.64
N LEU A 25 -1.96 -0.81 -9.52
CA LEU A 25 -1.95 -2.13 -8.89
C LEU A 25 -3.37 -2.67 -8.77
N SER A 26 -3.54 -3.93 -9.16
CA SER A 26 -4.85 -4.58 -9.10
C SER A 26 -4.86 -5.67 -8.03
N PHE A 27 -5.67 -5.48 -7.00
CA PHE A 27 -5.78 -6.45 -5.91
C PHE A 27 -7.24 -6.72 -5.56
N PRO A 28 -7.53 -7.96 -5.16
CA PRO A 28 -8.89 -8.38 -4.78
C PRO A 28 -9.36 -7.73 -3.48
N GLU A 29 -10.65 -7.86 -3.20
CA GLU A 29 -11.22 -7.30 -1.99
C GLU A 29 -10.63 -7.95 -0.74
N GLY A 30 -9.69 -7.24 -0.10
CA GLY A 30 -9.06 -7.77 1.09
C GLY A 30 -7.68 -8.33 0.81
N ALA A 31 -6.86 -7.57 0.09
CA ALA A 31 -5.51 -8.00 -0.23
C ALA A 31 -4.47 -7.17 0.51
N ILE A 32 -3.43 -7.83 1.01
CA ILE A 32 -2.37 -7.16 1.74
C ILE A 32 -1.30 -6.63 0.80
N ILE A 33 -0.84 -5.41 1.04
CA ILE A 33 0.19 -4.80 0.22
C ILE A 33 1.37 -4.32 1.07
N ARG A 34 2.57 -4.39 0.50
CA ARG A 34 3.77 -3.97 1.21
C ARG A 34 4.20 -2.56 0.77
N ILE A 35 3.93 -1.58 1.61
CA ILE A 35 4.27 -0.20 1.31
C ILE A 35 5.78 -0.06 1.05
N LEU A 36 6.12 0.59 -0.04
CA LEU A 36 7.52 0.80 -0.41
C LEU A 36 7.91 2.27 -0.28
N ASN A 37 7.05 3.15 -0.78
CA ASN A 37 7.31 4.59 -0.71
C ASN A 37 6.05 5.33 -0.30
N LYS A 38 6.20 6.26 0.65
CA LYS A 38 5.07 7.05 1.13
C LYS A 38 5.34 8.54 0.95
N GLU A 39 5.99 8.90 -0.15
CA GLU A 39 6.30 10.28 -0.44
C GLU A 39 5.37 10.85 -1.49
N ASN A 40 4.29 11.48 -1.04
CA ASN A 40 3.31 12.08 -1.94
C ASN A 40 2.78 13.40 -1.40
N GLN A 41 3.19 14.50 -2.02
CA GLN A 41 2.76 15.83 -1.59
C GLN A 41 2.10 16.58 -2.74
N ASP A 42 2.82 16.69 -3.86
CA ASP A 42 2.30 17.38 -5.02
C ASP A 42 1.32 16.51 -5.80
N ASP A 43 1.76 15.30 -6.15
CA ASP A 43 0.93 14.36 -6.88
C ASP A 43 -0.46 14.25 -6.24
N ASP A 44 -1.34 13.50 -6.90
CA ASP A 44 -2.70 13.31 -6.39
C ASP A 44 -2.68 12.81 -4.96
N GLY A 45 -1.99 11.69 -4.74
CA GLY A 45 -1.90 11.12 -3.41
C GLY A 45 -1.87 9.60 -3.43
N PHE A 46 -1.18 9.04 -4.42
CA PHE A 46 -1.06 7.60 -4.55
C PHE A 46 0.29 7.10 -4.05
N TRP A 47 0.29 5.97 -3.37
CA TRP A 47 1.51 5.38 -2.84
C TRP A 47 2.03 4.26 -3.74
N GLU A 48 3.20 3.74 -3.41
CA GLU A 48 3.80 2.66 -4.19
C GLU A 48 4.05 1.43 -3.32
N GLY A 49 3.54 0.28 -3.76
CA GLY A 49 3.72 -0.95 -3.01
C GLY A 49 3.75 -2.16 -3.89
N GLU A 50 4.47 -3.19 -3.46
CA GLU A 50 4.58 -4.43 -4.23
C GLU A 50 3.54 -5.45 -3.75
N PHE A 51 2.97 -6.18 -4.70
CA PHE A 51 1.97 -7.20 -4.39
C PHE A 51 2.01 -8.33 -5.39
N ASN A 52 2.06 -9.56 -4.89
CA ASN A 52 2.10 -10.75 -5.74
C ASN A 52 3.15 -10.58 -6.84
N GLY A 53 4.30 -10.02 -6.48
CA GLY A 53 5.35 -9.81 -7.45
C GLY A 53 5.00 -8.76 -8.49
N ARG A 54 4.30 -7.72 -8.05
CA ARG A 54 3.89 -6.64 -8.95
C ARG A 54 4.02 -5.29 -8.27
N ILE A 55 4.72 -4.37 -8.92
CA ILE A 55 4.92 -3.02 -8.37
C ILE A 55 4.05 -2.00 -9.11
N GLY A 56 3.16 -1.36 -8.36
CA GLY A 56 2.29 -0.36 -8.95
C GLY A 56 1.97 0.77 -8.00
N VAL A 57 0.88 1.50 -8.28
CA VAL A 57 0.47 2.61 -7.44
C VAL A 57 -1.02 2.56 -7.15
N PHE A 58 -1.40 2.91 -5.93
CA PHE A 58 -2.80 2.91 -5.52
C PHE A 58 -3.19 4.25 -4.92
N PRO A 59 -4.51 4.54 -4.92
CA PRO A 59 -5.04 5.79 -4.37
C PRO A 59 -4.92 5.85 -2.85
N SER A 60 -4.35 4.81 -2.26
CA SER A 60 -4.19 4.75 -0.81
C SER A 60 -5.48 5.13 -0.10
N VAL A 61 -6.60 4.87 -0.75
CA VAL A 61 -7.91 5.19 -0.19
C VAL A 61 -8.77 3.94 -0.06
N LEU A 62 -8.49 2.95 -0.91
CA LEU A 62 -9.25 1.70 -0.90
C LEU A 62 -8.58 0.67 0.00
N VAL A 63 -7.64 1.13 0.83
CA VAL A 63 -6.94 0.25 1.75
C VAL A 63 -7.04 0.75 3.18
N GLU A 64 -6.79 -0.14 4.14
CA GLU A 64 -6.86 0.20 5.55
C GLU A 64 -5.54 -0.12 6.26
N GLU A 65 -5.12 0.77 7.15
CA GLU A 65 -3.88 0.58 7.89
C GLU A 65 -3.99 -0.62 8.83
N LEU A 66 -2.88 -1.36 8.97
CA LEU A 66 -2.86 -2.53 9.84
C LEU A 66 -1.99 -2.28 11.07
N SER A 67 -2.64 -2.06 12.21
CA SER A 67 -1.93 -1.80 13.46
C SER A 67 -1.68 -3.10 14.22
N SER A 68 -0.69 -3.07 15.10
CA SER A 68 -0.34 -4.25 15.89
C SER A 68 -1.01 -4.21 17.26
N GLY A 69 -2.26 -3.73 17.28
CA GLY A 69 -3.00 -3.64 18.53
C GLY A 69 -4.48 -3.81 18.33
N PRO A 70 -5.15 -4.43 19.32
CA PRO A 70 -6.59 -4.67 19.28
C PRO A 70 -7.40 -3.39 19.41
N SER A 71 -8.44 -3.27 18.60
CA SER A 71 -9.31 -2.08 18.63
C SER A 71 -10.19 -2.08 19.87
N SER A 72 -9.98 -1.09 20.73
CA SER A 72 -10.76 -0.97 21.97
C SER A 72 -12.21 -1.37 21.73
N GLY A 73 -12.88 -0.66 20.84
CA GLY A 73 -14.27 -0.95 20.54
C GLY A 73 -15.22 0.10 21.06
N GLY A 1 21.15 9.82 16.15
CA GLY A 1 21.61 8.54 15.63
C GLY A 1 20.47 7.62 15.25
N SER A 2 20.27 7.44 13.95
CA SER A 2 19.19 6.58 13.47
C SER A 2 19.76 5.33 12.81
N SER A 3 19.63 4.20 13.51
CA SER A 3 20.14 2.92 12.99
C SER A 3 19.04 1.86 13.00
N GLY A 4 19.32 0.74 12.35
CA GLY A 4 18.34 -0.34 12.29
C GLY A 4 16.91 0.18 12.23
N SER A 5 16.66 1.13 11.35
CA SER A 5 15.34 1.72 11.19
C SER A 5 14.66 1.20 9.92
N SER A 6 14.05 0.03 10.01
CA SER A 6 13.37 -0.57 8.87
C SER A 6 12.34 0.39 8.29
N GLY A 7 11.38 0.79 9.12
CA GLY A 7 10.34 1.71 8.66
C GLY A 7 9.51 1.13 7.53
N VAL A 8 8.63 0.19 7.87
CA VAL A 8 7.77 -0.44 6.88
C VAL A 8 6.34 -0.57 7.40
N CYS A 9 5.38 -0.31 6.52
CA CYS A 9 3.96 -0.39 6.89
C CYS A 9 3.19 -1.18 5.84
N PHE A 10 2.04 -1.71 6.26
CA PHE A 10 1.19 -2.50 5.36
C PHE A 10 -0.26 -2.03 5.44
N VAL A 11 -1.04 -2.37 4.41
CA VAL A 11 -2.45 -1.99 4.36
C VAL A 11 -3.28 -3.06 3.69
N LYS A 12 -4.51 -3.24 4.16
CA LYS A 12 -5.41 -4.24 3.60
C LYS A 12 -6.42 -3.58 2.66
N ALA A 13 -6.51 -4.10 1.44
CA ALA A 13 -7.44 -3.57 0.45
C ALA A 13 -8.88 -3.86 0.85
N LEU A 14 -9.52 -2.89 1.50
CA LEU A 14 -10.91 -3.05 1.93
C LEU A 14 -11.79 -3.53 0.78
N TYR A 15 -11.59 -2.96 -0.40
CA TYR A 15 -12.36 -3.32 -1.58
C TYR A 15 -11.44 -3.57 -2.78
N ASP A 16 -11.67 -4.67 -3.48
CA ASP A 16 -10.87 -5.02 -4.65
C ASP A 16 -10.74 -3.83 -5.59
N TYR A 17 -9.50 -3.45 -5.89
CA TYR A 17 -9.24 -2.33 -6.77
C TYR A 17 -8.85 -2.81 -8.16
N GLU A 18 -9.32 -2.11 -9.19
CA GLU A 18 -9.03 -2.46 -10.57
C GLU A 18 -8.15 -1.40 -11.22
N GLY A 19 -6.85 -1.68 -11.32
CA GLY A 19 -5.94 -0.74 -11.93
C GLY A 19 -6.21 -0.53 -13.40
N GLN A 20 -6.44 0.72 -13.79
CA GLN A 20 -6.72 1.05 -15.17
C GLN A 20 -5.53 0.73 -16.07
N THR A 21 -4.34 1.15 -15.63
CA THR A 21 -3.12 0.91 -16.39
C THR A 21 -2.10 0.14 -15.56
N ASP A 22 -1.26 -0.63 -16.24
CA ASP A 22 -0.23 -1.42 -15.56
C ASP A 22 0.42 -0.62 -14.44
N ASP A 23 0.79 0.62 -14.73
CA ASP A 23 1.41 1.49 -13.74
C ASP A 23 0.72 1.36 -12.39
N GLU A 24 -0.60 1.30 -12.40
CA GLU A 24 -1.38 1.17 -11.18
C GLU A 24 -1.27 -0.24 -10.61
N LEU A 25 -1.99 -0.49 -9.52
CA LEU A 25 -1.97 -1.80 -8.88
C LEU A 25 -3.38 -2.38 -8.80
N SER A 26 -3.50 -3.67 -9.10
CA SER A 26 -4.78 -4.35 -9.07
C SER A 26 -4.77 -5.49 -8.06
N PHE A 27 -5.60 -5.37 -7.02
CA PHE A 27 -5.68 -6.39 -5.98
C PHE A 27 -7.13 -6.71 -5.65
N PRO A 28 -7.37 -7.96 -5.22
CA PRO A 28 -8.72 -8.42 -4.86
C PRO A 28 -9.24 -7.77 -3.58
N GLU A 29 -10.38 -8.25 -3.10
CA GLU A 29 -10.98 -7.70 -1.89
C GLU A 29 -10.34 -8.31 -0.64
N GLY A 30 -9.44 -7.56 -0.01
CA GLY A 30 -8.76 -8.04 1.17
C GLY A 30 -7.36 -8.53 0.88
N ALA A 31 -6.60 -7.73 0.15
CA ALA A 31 -5.22 -8.09 -0.20
C ALA A 31 -4.22 -7.25 0.59
N ILE A 32 -3.13 -7.89 1.00
CA ILE A 32 -2.08 -7.19 1.76
C ILE A 32 -1.14 -6.43 0.84
N ILE A 33 -0.85 -5.18 1.21
CA ILE A 33 0.04 -4.35 0.42
C ILE A 33 1.15 -3.75 1.29
N ARG A 34 2.38 -3.82 0.79
CA ARG A 34 3.53 -3.28 1.53
C ARG A 34 3.85 -1.86 1.06
N ILE A 35 3.49 -0.87 1.87
CA ILE A 35 3.75 0.51 1.55
C ILE A 35 5.24 0.78 1.39
N LEU A 36 5.75 0.60 0.17
CA LEU A 36 7.15 0.83 -0.11
C LEU A 36 7.54 2.29 0.11
N ASN A 37 6.72 3.19 -0.41
CA ASN A 37 6.96 4.62 -0.28
C ASN A 37 5.68 5.36 0.10
N LYS A 38 5.81 6.31 1.01
CA LYS A 38 4.66 7.10 1.46
C LYS A 38 4.71 8.52 0.90
N GLU A 39 5.91 9.09 0.87
CA GLU A 39 6.10 10.44 0.36
C GLU A 39 5.52 10.58 -1.05
N ASN A 40 4.23 10.86 -1.13
CA ASN A 40 3.56 11.00 -2.42
C ASN A 40 3.97 12.31 -3.10
N GLN A 41 5.09 12.28 -3.81
CA GLN A 41 5.58 13.46 -4.51
C GLN A 41 4.53 14.01 -5.47
N ASP A 42 4.00 13.15 -6.32
CA ASP A 42 2.99 13.54 -7.29
C ASP A 42 2.04 14.57 -6.69
N ASP A 43 1.79 14.45 -5.39
CA ASP A 43 0.89 15.36 -4.69
C ASP A 43 -0.54 15.21 -5.18
N ASP A 44 -0.95 13.97 -5.40
CA ASP A 44 -2.30 13.68 -5.88
C ASP A 44 -3.10 12.92 -4.81
N GLY A 45 -2.44 11.95 -4.18
CA GLY A 45 -3.10 11.16 -3.16
C GLY A 45 -2.96 9.68 -3.39
N PHE A 46 -1.78 9.25 -3.84
CA PHE A 46 -1.51 7.85 -4.12
C PHE A 46 -0.23 7.39 -3.42
N TRP A 47 -0.08 6.08 -3.27
CA TRP A 47 1.10 5.51 -2.63
C TRP A 47 1.76 4.48 -3.54
N GLU A 48 2.87 3.92 -3.07
CA GLU A 48 3.61 2.92 -3.83
C GLU A 48 3.81 1.65 -3.01
N GLY A 49 3.43 0.51 -3.57
CA GLY A 49 3.57 -0.75 -2.88
C GLY A 49 3.83 -1.91 -3.84
N GLU A 50 4.34 -3.01 -3.29
CA GLU A 50 4.64 -4.18 -4.11
C GLU A 50 3.67 -5.31 -3.80
N PHE A 51 2.94 -5.76 -4.82
CA PHE A 51 1.97 -6.84 -4.65
C PHE A 51 1.86 -7.67 -5.93
N ASN A 52 1.70 -8.97 -5.76
CA ASN A 52 1.58 -9.88 -6.90
C ASN A 52 2.86 -9.90 -7.72
N GLY A 53 3.98 -9.60 -7.07
CA GLY A 53 5.26 -9.58 -7.75
C GLY A 53 5.39 -8.42 -8.72
N ARG A 54 4.66 -7.34 -8.45
CA ARG A 54 4.69 -6.16 -9.30
C ARG A 54 4.43 -4.89 -8.49
N ILE A 55 5.19 -3.84 -8.79
CA ILE A 55 5.04 -2.57 -8.10
C ILE A 55 4.10 -1.64 -8.85
N GLY A 56 3.13 -1.07 -8.13
CA GLY A 56 2.18 -0.16 -8.75
C GLY A 56 1.77 0.97 -7.82
N VAL A 57 0.80 1.76 -8.26
CA VAL A 57 0.31 2.88 -7.45
C VAL A 57 -1.19 2.75 -7.19
N PHE A 58 -1.60 3.16 -5.99
CA PHE A 58 -3.01 3.09 -5.61
C PHE A 58 -3.48 4.41 -5.01
N PRO A 59 -4.80 4.63 -5.01
CA PRO A 59 -5.40 5.84 -4.47
C PRO A 59 -5.28 5.93 -2.95
N SER A 60 -4.64 4.93 -2.36
CA SER A 60 -4.47 4.89 -0.91
C SER A 60 -5.77 5.21 -0.19
N VAL A 61 -6.89 4.87 -0.84
CA VAL A 61 -8.20 5.12 -0.26
C VAL A 61 -9.00 3.82 -0.12
N LEU A 62 -8.65 2.83 -0.95
CA LEU A 62 -9.33 1.54 -0.91
C LEU A 62 -8.57 0.55 -0.03
N VAL A 63 -7.71 1.08 0.84
CA VAL A 63 -6.93 0.24 1.73
C VAL A 63 -7.00 0.75 3.17
N GLU A 64 -6.84 -0.16 4.13
CA GLU A 64 -6.88 0.21 5.54
C GLU A 64 -5.59 -0.20 6.25
N GLU A 65 -5.07 0.71 7.08
CA GLU A 65 -3.84 0.43 7.80
C GLU A 65 -4.02 -0.76 8.75
N LEU A 66 -2.91 -1.44 9.04
CA LEU A 66 -2.94 -2.61 9.91
C LEU A 66 -2.32 -2.28 11.26
N SER A 67 -3.09 -2.46 12.33
CA SER A 67 -2.61 -2.18 13.67
C SER A 67 -1.84 -3.37 14.24
N SER A 68 -0.77 -3.08 14.96
CA SER A 68 0.05 -4.13 15.55
C SER A 68 0.68 -3.66 16.86
N GLY A 69 0.95 -4.60 17.77
CA GLY A 69 1.55 -4.26 19.04
C GLY A 69 2.93 -4.85 19.20
N PRO A 70 3.81 -4.12 19.91
CA PRO A 70 5.19 -4.56 20.15
C PRO A 70 5.26 -5.74 21.10
N SER A 71 4.29 -5.82 22.02
CA SER A 71 4.25 -6.91 22.99
C SER A 71 4.69 -8.22 22.36
N SER A 72 5.38 -9.05 23.15
CA SER A 72 5.86 -10.34 22.66
C SER A 72 4.94 -11.46 23.11
N GLY A 73 5.32 -12.70 22.80
CA GLY A 73 4.51 -13.85 23.18
C GLY A 73 3.88 -13.68 24.55
N GLY A 1 22.78 -5.86 3.15
CA GLY A 1 21.80 -4.79 3.15
C GLY A 1 21.04 -4.70 4.47
N SER A 2 20.71 -5.85 5.03
CA SER A 2 19.97 -5.90 6.29
C SER A 2 20.46 -4.81 7.24
N SER A 3 19.62 -3.81 7.47
CA SER A 3 19.97 -2.71 8.36
C SER A 3 18.79 -2.36 9.28
N GLY A 4 19.07 -1.59 10.33
CA GLY A 4 18.04 -1.20 11.26
C GLY A 4 17.10 -0.17 10.68
N SER A 5 16.47 0.61 11.55
CA SER A 5 15.52 1.63 11.11
C SER A 5 14.37 1.02 10.34
N SER A 6 13.88 -0.12 10.82
CA SER A 6 12.77 -0.82 10.17
C SER A 6 11.59 0.12 9.95
N GLY A 7 11.33 0.45 8.70
CA GLY A 7 10.22 1.34 8.38
C GLY A 7 9.40 0.84 7.21
N VAL A 8 8.48 -0.10 7.49
CA VAL A 8 7.63 -0.66 6.45
C VAL A 8 6.21 -0.87 6.96
N CYS A 9 5.26 -0.14 6.40
CA CYS A 9 3.86 -0.26 6.80
C CYS A 9 3.08 -1.12 5.82
N PHE A 10 1.96 -1.66 6.27
CA PHE A 10 1.11 -2.50 5.44
C PHE A 10 -0.36 -2.09 5.54
N VAL A 11 -1.08 -2.21 4.44
CA VAL A 11 -2.49 -1.86 4.40
C VAL A 11 -3.30 -2.89 3.63
N LYS A 12 -4.51 -3.16 4.10
CA LYS A 12 -5.39 -4.13 3.46
C LYS A 12 -6.43 -3.43 2.59
N ALA A 13 -6.51 -3.85 1.33
CA ALA A 13 -7.47 -3.26 0.39
C ALA A 13 -8.90 -3.56 0.81
N LEU A 14 -9.54 -2.59 1.46
CA LEU A 14 -10.92 -2.76 1.91
C LEU A 14 -11.82 -3.22 0.77
N TYR A 15 -11.51 -2.77 -0.45
CA TYR A 15 -12.29 -3.13 -1.62
C TYR A 15 -11.38 -3.39 -2.82
N ASP A 16 -11.68 -4.45 -3.56
CA ASP A 16 -10.89 -4.81 -4.73
C ASP A 16 -10.64 -3.59 -5.61
N TYR A 17 -9.47 -3.55 -6.24
CA TYR A 17 -9.10 -2.44 -7.11
C TYR A 17 -8.71 -2.94 -8.49
N GLU A 18 -9.26 -2.29 -9.53
CA GLU A 18 -8.96 -2.68 -10.90
C GLU A 18 -7.94 -1.73 -11.52
N GLY A 19 -6.82 -2.30 -11.98
CA GLY A 19 -5.78 -1.50 -12.59
C GLY A 19 -5.95 -1.35 -14.09
N GLN A 20 -6.23 -0.13 -14.53
CA GLN A 20 -6.43 0.13 -15.96
C GLN A 20 -5.13 -0.09 -16.73
N THR A 21 -4.02 0.36 -16.16
CA THR A 21 -2.72 0.22 -16.78
C THR A 21 -1.75 -0.53 -15.88
N ASP A 22 -0.68 -1.07 -16.48
CA ASP A 22 0.32 -1.81 -15.73
C ASP A 22 0.92 -0.94 -14.62
N ASP A 23 0.71 0.36 -14.72
CA ASP A 23 1.23 1.31 -13.73
C ASP A 23 0.46 1.17 -12.40
N GLU A 24 -0.84 0.92 -12.50
CA GLU A 24 -1.68 0.77 -11.32
C GLU A 24 -1.52 -0.62 -10.71
N LEU A 25 -2.21 -0.85 -9.61
CA LEU A 25 -2.15 -2.14 -8.93
C LEU A 25 -3.54 -2.75 -8.77
N SER A 26 -3.67 -4.01 -9.15
CA SER A 26 -4.95 -4.70 -9.06
C SER A 26 -4.90 -5.81 -8.00
N PHE A 27 -5.69 -5.64 -6.95
CA PHE A 27 -5.74 -6.62 -5.87
C PHE A 27 -7.19 -6.94 -5.49
N PRO A 28 -7.40 -8.17 -4.97
CA PRO A 28 -8.73 -8.63 -4.56
C PRO A 28 -9.23 -7.90 -3.32
N GLU A 29 -10.42 -8.29 -2.85
CA GLU A 29 -11.02 -7.68 -1.68
C GLU A 29 -10.39 -8.22 -0.39
N GLY A 30 -9.43 -7.48 0.15
CA GLY A 30 -8.76 -7.90 1.36
C GLY A 30 -7.34 -8.38 1.11
N ALA A 31 -6.63 -7.67 0.24
CA ALA A 31 -5.26 -8.03 -0.10
C ALA A 31 -4.29 -7.00 0.47
N ILE A 32 -3.50 -7.41 1.46
CA ILE A 32 -2.53 -6.53 2.09
C ILE A 32 -1.38 -6.22 1.14
N ILE A 33 -0.84 -5.01 1.23
CA ILE A 33 0.26 -4.59 0.38
C ILE A 33 1.40 -4.00 1.21
N ARG A 34 2.63 -4.20 0.73
CA ARG A 34 3.81 -3.69 1.43
C ARG A 34 4.16 -2.29 0.94
N ILE A 35 3.74 -1.28 1.70
CA ILE A 35 4.02 0.11 1.35
C ILE A 35 5.50 0.34 1.14
N LEU A 36 5.93 0.35 -0.11
CA LEU A 36 7.34 0.56 -0.44
C LEU A 36 7.71 2.04 -0.32
N ASN A 37 6.89 2.90 -0.92
CA ASN A 37 7.13 4.34 -0.88
C ASN A 37 5.81 5.11 -0.87
N LYS A 38 5.60 5.90 0.18
CA LYS A 38 4.39 6.69 0.31
C LYS A 38 4.72 8.15 0.64
N GLU A 39 5.81 8.65 0.06
CA GLU A 39 6.23 10.02 0.29
C GLU A 39 6.11 10.86 -0.98
N ASN A 40 5.00 10.68 -1.68
CA ASN A 40 4.76 11.42 -2.92
C ASN A 40 5.22 12.87 -2.80
N GLN A 41 5.74 13.41 -3.90
CA GLN A 41 6.23 14.78 -3.91
C GLN A 41 5.13 15.74 -4.33
N ASP A 42 3.99 15.20 -4.75
CA ASP A 42 2.85 16.01 -5.17
C ASP A 42 1.62 15.70 -4.33
N ASP A 43 0.61 16.55 -4.45
CA ASP A 43 -0.63 16.36 -3.70
C ASP A 43 -1.65 15.57 -4.51
N ASP A 44 -1.49 14.25 -4.51
CA ASP A 44 -2.39 13.38 -5.25
C ASP A 44 -3.15 12.45 -4.30
N GLY A 45 -2.41 11.81 -3.39
CA GLY A 45 -3.04 10.90 -2.45
C GLY A 45 -2.88 9.44 -2.83
N PHE A 46 -1.81 9.14 -3.56
CA PHE A 46 -1.54 7.78 -4.00
C PHE A 46 -0.19 7.30 -3.48
N TRP A 47 -0.07 5.99 -3.26
CA TRP A 47 1.16 5.40 -2.77
C TRP A 47 1.61 4.24 -3.65
N GLU A 48 2.87 3.84 -3.51
CA GLU A 48 3.42 2.74 -4.30
C GLU A 48 3.73 1.54 -3.41
N GLY A 49 3.30 0.37 -3.84
CA GLY A 49 3.55 -0.84 -3.07
C GLY A 49 3.55 -2.09 -3.93
N GLU A 50 4.23 -3.13 -3.46
CA GLU A 50 4.31 -4.38 -4.21
C GLU A 50 3.35 -5.41 -3.64
N PHE A 51 2.55 -6.03 -4.52
CA PHE A 51 1.58 -7.03 -4.10
C PHE A 51 1.89 -8.38 -4.72
N ASN A 52 1.73 -8.47 -6.04
CA ASN A 52 1.99 -9.72 -6.75
C ASN A 52 3.18 -9.56 -7.70
N GLY A 53 4.38 -9.67 -7.14
CA GLY A 53 5.59 -9.53 -7.95
C GLY A 53 5.52 -8.36 -8.91
N ARG A 54 4.77 -7.33 -8.52
CA ARG A 54 4.62 -6.14 -9.35
C ARG A 54 4.46 -4.89 -8.49
N ILE A 55 4.97 -3.77 -8.99
CA ILE A 55 4.88 -2.50 -8.27
C ILE A 55 3.98 -1.51 -9.01
N GLY A 56 2.90 -1.11 -8.35
CA GLY A 56 1.97 -0.16 -8.96
C GLY A 56 1.60 0.96 -8.02
N VAL A 57 0.65 1.79 -8.44
CA VAL A 57 0.20 2.92 -7.63
C VAL A 57 -1.29 2.83 -7.34
N PHE A 58 -1.67 3.17 -6.11
CA PHE A 58 -3.08 3.12 -5.70
C PHE A 58 -3.50 4.43 -5.06
N PRO A 59 -4.82 4.69 -5.04
CA PRO A 59 -5.38 5.91 -4.47
C PRO A 59 -5.26 5.94 -2.95
N SER A 60 -4.63 4.91 -2.39
CA SER A 60 -4.45 4.82 -0.94
C SER A 60 -5.73 5.19 -0.21
N VAL A 61 -6.86 4.90 -0.84
CA VAL A 61 -8.16 5.19 -0.24
C VAL A 61 -8.99 3.92 -0.08
N LEU A 62 -8.71 2.92 -0.91
CA LEU A 62 -9.44 1.66 -0.85
C LEU A 62 -8.70 0.65 0.04
N VAL A 63 -7.81 1.17 0.89
CA VAL A 63 -7.04 0.32 1.80
C VAL A 63 -7.12 0.84 3.23
N GLU A 64 -6.94 -0.07 4.19
CA GLU A 64 -6.98 0.31 5.60
C GLU A 64 -5.64 0.02 6.28
N GLU A 65 -5.25 0.90 7.20
CA GLU A 65 -3.99 0.74 7.93
C GLU A 65 -4.13 -0.31 9.02
N LEU A 66 -3.15 -1.21 9.10
CA LEU A 66 -3.16 -2.26 10.11
C LEU A 66 -2.54 -1.77 11.41
N SER A 67 -3.40 -1.32 12.32
CA SER A 67 -2.94 -0.82 13.61
C SER A 67 -3.18 -1.85 14.71
N SER A 68 -4.39 -2.38 14.76
CA SER A 68 -4.75 -3.38 15.76
C SER A 68 -4.24 -2.97 17.14
N GLY A 69 -4.43 -1.70 17.47
CA GLY A 69 -3.98 -1.21 18.77
C GLY A 69 -4.97 -1.51 19.87
N PRO A 70 -5.86 -0.54 20.17
CA PRO A 70 -6.86 -0.69 21.22
C PRO A 70 -7.94 -1.71 20.85
N SER A 71 -7.73 -2.96 21.24
CA SER A 71 -8.68 -4.02 20.93
C SER A 71 -10.11 -3.53 21.07
N SER A 72 -11.03 -4.13 20.31
CA SER A 72 -12.42 -3.74 20.34
C SER A 72 -12.92 -3.59 21.79
N GLY A 73 -12.82 -4.69 22.54
CA GLY A 73 -13.26 -4.66 23.93
C GLY A 73 -12.70 -5.81 24.73
N GLY A 1 24.48 -0.68 14.62
CA GLY A 1 23.88 -0.17 13.39
C GLY A 1 22.76 -1.05 12.88
N SER A 2 21.92 -0.48 12.01
CA SER A 2 20.80 -1.22 11.45
C SER A 2 21.23 -2.00 10.20
N SER A 3 20.40 -2.96 9.80
CA SER A 3 20.69 -3.78 8.64
C SER A 3 20.07 -3.18 7.37
N GLY A 4 18.81 -2.77 7.49
CA GLY A 4 18.12 -2.18 6.35
C GLY A 4 16.72 -1.72 6.71
N SER A 5 15.72 -2.34 6.08
CA SER A 5 14.32 -1.98 6.32
C SER A 5 13.89 -2.41 7.72
N SER A 6 14.24 -1.60 8.72
CA SER A 6 13.89 -1.88 10.10
C SER A 6 12.39 -2.14 10.25
N GLY A 7 11.59 -1.19 9.79
CA GLY A 7 10.15 -1.33 9.88
C GLY A 7 9.44 -0.92 8.60
N VAL A 8 8.59 -1.80 8.09
CA VAL A 8 7.85 -1.52 6.86
C VAL A 8 6.36 -1.43 7.13
N CYS A 9 5.69 -0.53 6.42
CA CYS A 9 4.25 -0.34 6.57
C CYS A 9 3.47 -1.24 5.61
N PHE A 10 2.28 -1.65 6.02
CA PHE A 10 1.45 -2.50 5.19
C PHE A 10 -0.02 -2.10 5.30
N VAL A 11 -0.73 -2.15 4.16
CA VAL A 11 -2.14 -1.79 4.13
C VAL A 11 -2.98 -2.87 3.45
N LYS A 12 -4.23 -2.99 3.87
CA LYS A 12 -5.13 -3.99 3.31
C LYS A 12 -6.16 -3.35 2.39
N ALA A 13 -6.31 -3.90 1.19
CA ALA A 13 -7.27 -3.37 0.23
C ALA A 13 -8.70 -3.63 0.68
N LEU A 14 -9.34 -2.62 1.26
CA LEU A 14 -10.70 -2.74 1.73
C LEU A 14 -11.63 -3.19 0.60
N TYR A 15 -11.37 -2.70 -0.60
CA TYR A 15 -12.19 -3.04 -1.75
C TYR A 15 -11.31 -3.49 -2.92
N ASP A 16 -11.86 -4.33 -3.79
CA ASP A 16 -11.13 -4.83 -4.95
C ASP A 16 -10.79 -3.70 -5.91
N TYR A 17 -9.50 -3.51 -6.16
CA TYR A 17 -9.04 -2.45 -7.06
C TYR A 17 -8.63 -3.03 -8.41
N GLU A 18 -9.20 -2.47 -9.47
CA GLU A 18 -8.89 -2.92 -10.83
C GLU A 18 -8.01 -1.92 -11.55
N GLY A 19 -6.72 -2.23 -11.65
CA GLY A 19 -5.79 -1.35 -12.32
C GLY A 19 -5.99 -1.34 -13.82
N GLN A 20 -6.40 -0.19 -14.36
CA GLN A 20 -6.63 -0.05 -15.78
C GLN A 20 -5.33 -0.26 -16.57
N THR A 21 -4.22 0.22 -16.01
CA THR A 21 -2.93 0.08 -16.66
C THR A 21 -1.90 -0.54 -15.71
N ASP A 22 -0.86 -1.12 -16.28
CA ASP A 22 0.19 -1.75 -15.49
C ASP A 22 0.68 -0.81 -14.39
N ASP A 23 0.92 0.44 -14.76
CA ASP A 23 1.39 1.44 -13.80
C ASP A 23 0.64 1.33 -12.48
N GLU A 24 -0.68 1.12 -12.57
CA GLU A 24 -1.50 1.00 -11.37
C GLU A 24 -1.36 -0.39 -10.75
N LEU A 25 -2.06 -0.61 -9.64
CA LEU A 25 -2.01 -1.89 -8.95
C LEU A 25 -3.40 -2.50 -8.82
N SER A 26 -3.50 -3.79 -9.08
CA SER A 26 -4.77 -4.49 -9.00
C SER A 26 -4.73 -5.58 -7.92
N PHE A 27 -5.56 -5.40 -6.88
CA PHE A 27 -5.61 -6.35 -5.78
C PHE A 27 -7.06 -6.67 -5.42
N PRO A 28 -7.30 -7.93 -5.02
CA PRO A 28 -8.64 -8.40 -4.63
C PRO A 28 -9.12 -7.78 -3.32
N GLU A 29 -10.40 -7.91 -3.04
CA GLU A 29 -10.99 -7.37 -1.82
C GLU A 29 -10.38 -8.02 -0.59
N GLY A 30 -9.40 -7.35 0.01
CA GLY A 30 -8.75 -7.87 1.20
C GLY A 30 -7.34 -8.36 0.91
N ALA A 31 -6.56 -7.55 0.21
CA ALA A 31 -5.19 -7.91 -0.12
C ALA A 31 -4.20 -6.96 0.54
N ILE A 32 -3.17 -7.52 1.16
CA ILE A 32 -2.15 -6.72 1.82
C ILE A 32 -1.17 -6.13 0.83
N ILE A 33 -0.70 -4.92 1.10
CA ILE A 33 0.25 -4.25 0.23
C ILE A 33 1.42 -3.68 1.02
N ARG A 34 2.63 -3.84 0.48
CA ARG A 34 3.82 -3.35 1.14
C ARG A 34 4.14 -1.92 0.70
N ILE A 35 3.90 -0.96 1.59
CA ILE A 35 4.16 0.44 1.29
C ILE A 35 5.65 0.69 1.06
N LEU A 36 6.04 0.72 -0.20
CA LEU A 36 7.44 0.96 -0.57
C LEU A 36 7.78 2.44 -0.45
N ASN A 37 7.02 3.28 -1.14
CA ASN A 37 7.24 4.72 -1.12
C ASN A 37 5.97 5.46 -0.71
N LYS A 38 6.08 6.25 0.36
CA LYS A 38 4.94 7.01 0.86
C LYS A 38 4.86 8.37 0.18
N GLU A 39 5.09 8.39 -1.13
CA GLU A 39 5.04 9.64 -1.90
C GLU A 39 3.64 10.24 -1.87
N ASN A 40 3.39 11.06 -0.86
CA ASN A 40 2.08 11.72 -0.72
C ASN A 40 2.21 13.23 -0.83
N GLN A 41 3.29 13.77 -0.26
CA GLN A 41 3.54 15.21 -0.30
C GLN A 41 3.04 15.81 -1.61
N ASP A 42 3.28 15.11 -2.70
CA ASP A 42 2.86 15.57 -4.03
C ASP A 42 1.34 15.55 -4.15
N ASP A 43 0.80 16.57 -4.80
CA ASP A 43 -0.65 16.67 -4.98
C ASP A 43 -1.23 15.34 -5.47
N ASP A 44 -0.37 14.50 -6.03
CA ASP A 44 -0.80 13.20 -6.54
C ASP A 44 -1.61 12.45 -5.49
N GLY A 45 -0.96 12.12 -4.37
CA GLY A 45 -1.64 11.39 -3.31
C GLY A 45 -1.75 9.92 -3.60
N PHE A 46 -0.71 9.35 -4.21
CA PHE A 46 -0.70 7.93 -4.54
C PHE A 46 0.49 7.23 -3.88
N TRP A 47 0.31 5.96 -3.57
CA TRP A 47 1.35 5.17 -2.94
C TRP A 47 1.84 4.05 -3.86
N GLU A 48 3.06 3.59 -3.64
CA GLU A 48 3.64 2.52 -4.44
C GLU A 48 3.99 1.31 -3.58
N GLY A 49 3.42 0.15 -3.93
CA GLY A 49 3.69 -1.05 -3.18
C GLY A 49 3.67 -2.29 -4.05
N GLU A 50 4.23 -3.39 -3.54
CA GLU A 50 4.27 -4.64 -4.28
C GLU A 50 3.27 -5.65 -3.72
N PHE A 51 2.58 -6.36 -4.60
CA PHE A 51 1.60 -7.35 -4.20
C PHE A 51 1.66 -8.59 -5.08
N ASN A 52 1.65 -9.76 -4.46
CA ASN A 52 1.72 -11.02 -5.19
C ASN A 52 2.69 -10.91 -6.36
N GLY A 53 3.75 -10.13 -6.19
CA GLY A 53 4.73 -9.96 -7.24
C GLY A 53 4.28 -8.98 -8.30
N ARG A 54 3.62 -7.90 -7.87
CA ARG A 54 3.14 -6.88 -8.80
C ARG A 54 3.38 -5.48 -8.24
N ILE A 55 4.07 -4.65 -9.02
CA ILE A 55 4.37 -3.29 -8.61
C ILE A 55 3.48 -2.28 -9.32
N GLY A 56 2.80 -1.43 -8.55
CA GLY A 56 1.93 -0.44 -9.15
C GLY A 56 1.64 0.71 -8.19
N VAL A 57 0.64 1.51 -8.53
CA VAL A 57 0.26 2.65 -7.70
C VAL A 57 -1.22 2.59 -7.32
N PHE A 58 -1.56 3.26 -6.22
CA PHE A 58 -2.94 3.29 -5.75
C PHE A 58 -3.27 4.63 -5.11
N PRO A 59 -4.57 4.95 -5.04
CA PRO A 59 -5.05 6.20 -4.45
C PRO A 59 -4.87 6.24 -2.93
N SER A 60 -4.39 5.13 -2.38
CA SER A 60 -4.18 5.03 -0.94
C SER A 60 -5.44 5.41 -0.18
N VAL A 61 -6.60 5.16 -0.78
CA VAL A 61 -7.87 5.46 -0.16
C VAL A 61 -8.74 4.21 -0.03
N LEU A 62 -8.51 3.24 -0.91
CA LEU A 62 -9.27 2.00 -0.88
C LEU A 62 -8.56 0.95 -0.05
N VAL A 63 -7.62 1.39 0.79
CA VAL A 63 -6.88 0.49 1.65
C VAL A 63 -6.90 0.96 3.09
N GLU A 64 -6.65 0.03 4.02
CA GLU A 64 -6.65 0.37 5.44
C GLU A 64 -5.31 -0.01 6.08
N GLU A 65 -4.89 0.80 7.04
CA GLU A 65 -3.62 0.55 7.73
C GLU A 65 -3.76 -0.60 8.73
N LEU A 66 -2.71 -1.41 8.83
CA LEU A 66 -2.71 -2.55 9.74
C LEU A 66 -2.16 -2.16 11.09
N SER A 67 -2.80 -2.64 12.15
CA SER A 67 -2.36 -2.34 13.52
C SER A 67 -3.07 -3.25 14.52
N SER A 68 -2.39 -3.53 15.63
CA SER A 68 -2.95 -4.38 16.67
C SER A 68 -3.50 -3.54 17.83
N GLY A 69 -4.46 -4.11 18.55
CA GLY A 69 -5.05 -3.40 19.68
C GLY A 69 -6.00 -4.26 20.47
N PRO A 70 -6.05 -4.03 21.79
CA PRO A 70 -6.92 -4.80 22.70
C PRO A 70 -8.40 -4.49 22.48
N SER A 71 -8.70 -3.20 22.29
CA SER A 71 -10.08 -2.77 22.07
C SER A 71 -10.75 -3.61 21.00
N SER A 72 -11.55 -4.59 21.43
CA SER A 72 -12.25 -5.47 20.50
C SER A 72 -13.14 -4.66 19.56
N GLY A 73 -13.99 -3.82 20.14
CA GLY A 73 -14.90 -3.00 19.35
C GLY A 73 -14.18 -1.90 18.60
N GLY A 1 18.80 13.82 10.97
CA GLY A 1 18.59 12.41 11.17
C GLY A 1 19.34 11.56 10.15
N SER A 2 18.96 10.29 10.05
CA SER A 2 19.60 9.37 9.11
C SER A 2 18.65 8.26 8.70
N SER A 3 19.11 7.40 7.79
CA SER A 3 18.29 6.29 7.31
C SER A 3 18.26 5.15 8.32
N GLY A 4 17.06 4.82 8.78
CA GLY A 4 16.92 3.74 9.75
C GLY A 4 16.84 2.38 9.10
N SER A 5 17.46 1.38 9.73
CA SER A 5 17.46 0.03 9.20
C SER A 5 16.04 -0.54 9.16
N SER A 6 15.40 -0.58 10.32
CA SER A 6 14.03 -1.11 10.42
C SER A 6 13.01 -0.04 10.03
N GLY A 7 11.89 -0.48 9.48
CA GLY A 7 10.85 0.45 9.07
C GLY A 7 10.05 -0.06 7.88
N VAL A 8 8.86 -0.59 8.15
CA VAL A 8 8.00 -1.11 7.09
C VAL A 8 6.53 -0.94 7.44
N CYS A 9 5.70 -0.81 6.43
CA CYS A 9 4.26 -0.64 6.63
C CYS A 9 3.47 -1.51 5.66
N PHE A 10 2.19 -1.72 5.96
CA PHE A 10 1.33 -2.53 5.12
C PHE A 10 -0.12 -2.08 5.22
N VAL A 11 -0.95 -2.50 4.26
CA VAL A 11 -2.36 -2.13 4.25
C VAL A 11 -3.19 -3.19 3.56
N LYS A 12 -4.43 -3.37 4.02
CA LYS A 12 -5.33 -4.35 3.45
C LYS A 12 -6.40 -3.68 2.58
N ALA A 13 -6.50 -4.12 1.33
CA ALA A 13 -7.47 -3.57 0.40
C ALA A 13 -8.89 -3.89 0.83
N LEU A 14 -9.58 -2.92 1.42
CA LEU A 14 -10.95 -3.12 1.89
C LEU A 14 -11.85 -3.55 0.73
N TYR A 15 -11.54 -3.08 -0.47
CA TYR A 15 -12.32 -3.43 -1.65
C TYR A 15 -11.42 -3.60 -2.87
N ASP A 16 -11.68 -4.66 -3.64
CA ASP A 16 -10.90 -4.94 -4.84
C ASP A 16 -10.70 -3.68 -5.67
N TYR A 17 -9.52 -3.56 -6.28
CA TYR A 17 -9.21 -2.40 -7.11
C TYR A 17 -8.80 -2.83 -8.51
N GLU A 18 -9.29 -2.09 -9.51
CA GLU A 18 -8.97 -2.40 -10.90
C GLU A 18 -8.02 -1.35 -11.49
N GLY A 19 -6.91 -1.81 -12.05
CA GLY A 19 -5.94 -0.89 -12.63
C GLY A 19 -6.05 -0.82 -14.14
N GLN A 20 -6.40 0.35 -14.65
CA GLN A 20 -6.55 0.55 -16.09
C GLN A 20 -5.24 0.27 -16.81
N THR A 21 -4.13 0.64 -16.17
CA THR A 21 -2.81 0.43 -16.75
C THR A 21 -1.84 -0.14 -15.73
N ASP A 22 -0.76 -0.74 -16.21
CA ASP A 22 0.25 -1.32 -15.33
C ASP A 22 0.57 -0.39 -14.17
N ASP A 23 0.75 0.89 -14.49
CA ASP A 23 1.07 1.90 -13.46
C ASP A 23 0.24 1.66 -12.21
N GLU A 24 -1.04 1.32 -12.40
CA GLU A 24 -1.95 1.09 -11.28
C GLU A 24 -1.74 -0.31 -10.71
N LEU A 25 -2.39 -0.59 -9.58
CA LEU A 25 -2.27 -1.88 -8.93
C LEU A 25 -3.65 -2.53 -8.78
N SER A 26 -3.75 -3.80 -9.20
CA SER A 26 -5.00 -4.54 -9.11
C SER A 26 -4.90 -5.64 -8.07
N PHE A 27 -5.71 -5.52 -7.01
CA PHE A 27 -5.72 -6.51 -5.94
C PHE A 27 -7.15 -6.89 -5.56
N PRO A 28 -7.34 -8.14 -5.13
CA PRO A 28 -8.65 -8.66 -4.73
C PRO A 28 -9.15 -8.03 -3.44
N GLU A 29 -10.34 -8.45 -3.00
CA GLU A 29 -10.93 -7.92 -1.78
C GLU A 29 -10.24 -8.50 -0.55
N GLY A 30 -9.36 -7.71 0.05
CA GLY A 30 -8.64 -8.16 1.23
C GLY A 30 -7.23 -8.59 0.92
N ALA A 31 -6.51 -7.77 0.16
CA ALA A 31 -5.13 -8.07 -0.21
C ALA A 31 -4.15 -7.20 0.56
N ILE A 32 -2.99 -7.77 0.89
CA ILE A 32 -1.97 -7.04 1.63
C ILE A 32 -0.95 -6.43 0.69
N ILE A 33 -0.76 -5.12 0.80
CA ILE A 33 0.21 -4.41 -0.04
C ILE A 33 1.29 -3.76 0.80
N ARG A 34 2.55 -3.98 0.41
CA ARG A 34 3.69 -3.41 1.12
C ARG A 34 3.95 -1.98 0.67
N ILE A 35 3.82 -1.04 1.60
CA ILE A 35 4.05 0.36 1.30
C ILE A 35 5.53 0.66 1.10
N LEU A 36 5.95 0.72 -0.16
CA LEU A 36 7.34 1.00 -0.49
C LEU A 36 7.66 2.48 -0.34
N ASN A 37 6.84 3.32 -0.96
CA ASN A 37 7.03 4.76 -0.90
C ASN A 37 5.68 5.48 -0.83
N LYS A 38 5.43 6.14 0.29
CA LYS A 38 4.19 6.88 0.49
C LYS A 38 4.44 8.38 0.51
N GLU A 39 5.60 8.80 0.01
CA GLU A 39 5.97 10.20 -0.01
C GLU A 39 5.09 10.97 -1.01
N ASN A 40 3.95 11.45 -0.53
CA ASN A 40 3.02 12.20 -1.37
C ASN A 40 3.42 13.67 -1.43
N GLN A 41 4.68 13.92 -1.73
CA GLN A 41 5.18 15.29 -1.83
C GLN A 41 4.75 15.94 -3.15
N ASP A 42 4.88 15.19 -4.23
CA ASP A 42 4.51 15.69 -5.56
C ASP A 42 3.20 15.06 -6.02
N ASP A 43 3.13 13.74 -5.94
CA ASP A 43 1.94 13.00 -6.36
C ASP A 43 0.68 13.67 -5.82
N ASP A 44 -0.45 13.40 -6.47
CA ASP A 44 -1.72 13.98 -6.06
C ASP A 44 -2.18 13.39 -4.73
N GLY A 45 -2.29 12.06 -4.68
CA GLY A 45 -2.72 11.41 -3.46
C GLY A 45 -2.69 9.89 -3.58
N PHE A 46 -1.70 9.37 -4.29
CA PHE A 46 -1.56 7.94 -4.48
C PHE A 46 -0.24 7.43 -3.90
N TRP A 47 -0.23 6.17 -3.48
CA TRP A 47 0.97 5.57 -2.91
C TRP A 47 1.56 4.54 -3.86
N GLU A 48 2.74 4.02 -3.51
CA GLU A 48 3.41 3.02 -4.33
C GLU A 48 3.87 1.84 -3.48
N GLY A 49 3.39 0.65 -3.82
CA GLY A 49 3.76 -0.55 -3.07
C GLY A 49 3.67 -1.80 -3.93
N GLU A 50 4.35 -2.86 -3.49
CA GLU A 50 4.35 -4.12 -4.20
C GLU A 50 3.32 -5.08 -3.60
N PHE A 51 2.76 -5.94 -4.45
CA PHE A 51 1.76 -6.91 -4.01
C PHE A 51 2.32 -8.34 -4.10
N ASN A 52 3.61 -8.48 -3.83
CA ASN A 52 4.26 -9.79 -3.89
C ASN A 52 4.36 -10.28 -5.33
N GLY A 53 4.63 -9.35 -6.24
CA GLY A 53 4.75 -9.73 -7.65
C GLY A 53 4.33 -8.61 -8.57
N ARG A 54 3.34 -7.82 -8.14
CA ARG A 54 2.84 -6.72 -8.95
C ARG A 54 3.18 -5.37 -8.29
N ILE A 55 3.46 -4.37 -9.12
CA ILE A 55 3.81 -3.05 -8.62
C ILE A 55 3.02 -1.96 -9.37
N GLY A 56 2.44 -1.04 -8.62
CA GLY A 56 1.67 0.03 -9.22
C GLY A 56 1.35 1.14 -8.23
N VAL A 57 0.31 1.91 -8.54
CA VAL A 57 -0.10 3.01 -7.68
C VAL A 57 -1.58 2.89 -7.30
N PHE A 58 -1.90 3.27 -6.07
CA PHE A 58 -3.28 3.20 -5.59
C PHE A 58 -3.67 4.51 -4.90
N PRO A 59 -5.00 4.75 -4.84
CA PRO A 59 -5.54 5.96 -4.21
C PRO A 59 -5.35 5.97 -2.70
N SER A 60 -4.71 4.93 -2.18
CA SER A 60 -4.46 4.82 -0.75
C SER A 60 -5.72 5.18 0.05
N VAL A 61 -6.87 4.78 -0.47
CA VAL A 61 -8.14 5.04 0.18
C VAL A 61 -8.97 3.77 0.33
N LEU A 62 -8.80 2.85 -0.62
CA LEU A 62 -9.53 1.59 -0.60
C LEU A 62 -8.82 0.56 0.30
N VAL A 63 -7.78 1.01 0.99
CA VAL A 63 -7.03 0.14 1.88
C VAL A 63 -7.10 0.63 3.33
N GLU A 64 -6.86 -0.29 4.27
CA GLU A 64 -6.90 0.06 5.68
C GLU A 64 -5.60 -0.37 6.38
N GLU A 65 -5.03 0.55 7.15
CA GLU A 65 -3.79 0.29 7.86
C GLU A 65 -3.95 -0.90 8.80
N LEU A 66 -2.91 -1.72 8.91
CA LEU A 66 -2.93 -2.89 9.78
C LEU A 66 -2.39 -2.54 11.17
N SER A 67 -3.16 -2.88 12.20
CA SER A 67 -2.76 -2.62 13.57
C SER A 67 -2.30 -3.89 14.26
N SER A 68 -1.45 -4.65 13.59
CA SER A 68 -0.94 -5.91 14.13
C SER A 68 0.57 -5.82 14.37
N GLY A 69 0.97 -6.01 15.62
CA GLY A 69 2.38 -5.95 15.97
C GLY A 69 2.67 -6.52 17.34
N PRO A 70 2.73 -5.64 18.35
CA PRO A 70 2.99 -6.04 19.74
C PRO A 70 1.83 -6.82 20.35
N SER A 71 1.91 -8.15 20.25
CA SER A 71 0.87 -9.01 20.79
C SER A 71 1.22 -9.47 22.20
N SER A 72 0.66 -8.79 23.20
CA SER A 72 0.91 -9.12 24.60
C SER A 72 -0.39 -9.33 25.36
N GLY A 73 -0.67 -10.59 25.69
CA GLY A 73 -1.89 -10.90 26.41
C GLY A 73 -3.13 -10.42 25.69
N GLY A 1 20.50 8.15 -2.31
CA GLY A 1 21.36 8.06 -1.16
C GLY A 1 20.58 7.85 0.13
N SER A 2 21.23 7.21 1.11
CA SER A 2 20.59 6.94 2.39
C SER A 2 19.15 6.47 2.19
N SER A 3 18.94 5.64 1.18
CA SER A 3 17.61 5.12 0.88
C SER A 3 17.37 3.79 1.57
N GLY A 4 16.11 3.43 1.75
CA GLY A 4 15.76 2.18 2.40
C GLY A 4 16.12 2.18 3.87
N SER A 5 15.26 2.80 4.68
CA SER A 5 15.48 2.87 6.12
C SER A 5 14.72 1.76 6.84
N SER A 6 14.96 1.64 8.13
CA SER A 6 14.31 0.61 8.95
C SER A 6 12.83 0.94 9.15
N GLY A 7 12.04 -0.09 9.46
CA GLY A 7 10.62 0.11 9.68
C GLY A 7 9.82 0.01 8.41
N VAL A 8 8.81 -0.86 8.41
CA VAL A 8 7.95 -1.04 7.24
C VAL A 8 6.48 -0.96 7.62
N CYS A 9 5.64 -0.77 6.61
CA CYS A 9 4.19 -0.67 6.84
C CYS A 9 3.42 -1.51 5.82
N PHE A 10 2.16 -1.78 6.12
CA PHE A 10 1.32 -2.58 5.25
C PHE A 10 -0.13 -2.10 5.29
N VAL A 11 -0.87 -2.36 4.21
CA VAL A 11 -2.27 -1.96 4.13
C VAL A 11 -3.09 -2.98 3.35
N LYS A 12 -4.29 -3.27 3.85
CA LYS A 12 -5.17 -4.23 3.21
C LYS A 12 -6.26 -3.52 2.42
N ALA A 13 -6.43 -3.90 1.16
CA ALA A 13 -7.45 -3.31 0.30
C ALA A 13 -8.84 -3.67 0.77
N LEU A 14 -9.57 -2.67 1.27
CA LEU A 14 -10.93 -2.89 1.77
C LEU A 14 -11.87 -3.29 0.62
N TYR A 15 -11.60 -2.74 -0.55
CA TYR A 15 -12.41 -3.03 -1.73
C TYR A 15 -11.55 -3.50 -2.89
N ASP A 16 -12.13 -4.29 -3.79
CA ASP A 16 -11.41 -4.79 -4.95
C ASP A 16 -11.05 -3.66 -5.91
N TYR A 17 -9.76 -3.39 -6.04
CA TYR A 17 -9.29 -2.33 -6.92
C TYR A 17 -8.99 -2.86 -8.31
N GLU A 18 -9.35 -2.08 -9.32
CA GLU A 18 -9.13 -2.48 -10.72
C GLU A 18 -8.19 -1.49 -11.42
N GLY A 19 -7.01 -1.98 -11.81
CA GLY A 19 -6.05 -1.13 -12.48
C GLY A 19 -6.20 -1.17 -14.00
N GLN A 20 -6.17 -0.01 -14.62
CA GLN A 20 -6.30 0.08 -16.08
C GLN A 20 -4.99 -0.25 -16.77
N THR A 21 -3.89 0.24 -16.19
CA THR A 21 -2.56 0.00 -16.74
C THR A 21 -1.59 -0.49 -15.68
N ASP A 22 -0.48 -1.07 -16.12
CA ASP A 22 0.53 -1.58 -15.19
C ASP A 22 0.81 -0.57 -14.08
N ASP A 23 0.94 0.69 -14.46
CA ASP A 23 1.20 1.76 -13.49
C ASP A 23 0.35 1.58 -12.25
N GLU A 24 -0.92 1.25 -12.44
CA GLU A 24 -1.84 1.06 -11.32
C GLU A 24 -1.68 -0.34 -10.73
N LEU A 25 -2.33 -0.56 -9.59
CA LEU A 25 -2.26 -1.85 -8.91
C LEU A 25 -3.66 -2.45 -8.74
N SER A 26 -3.81 -3.71 -9.12
CA SER A 26 -5.10 -4.40 -9.01
C SER A 26 -5.03 -5.50 -7.96
N PHE A 27 -5.81 -5.34 -6.89
CA PHE A 27 -5.84 -6.32 -5.81
C PHE A 27 -7.28 -6.63 -5.41
N PRO A 28 -7.53 -7.91 -5.05
CA PRO A 28 -8.86 -8.36 -4.64
C PRO A 28 -9.27 -7.80 -3.28
N GLU A 29 -10.54 -8.00 -2.94
CA GLU A 29 -11.06 -7.51 -1.66
C GLU A 29 -10.34 -8.16 -0.50
N GLY A 30 -9.36 -7.46 0.06
CA GLY A 30 -8.61 -7.98 1.19
C GLY A 30 -7.20 -8.42 0.79
N ALA A 31 -6.53 -7.57 0.02
CA ALA A 31 -5.17 -7.88 -0.42
C ALA A 31 -4.16 -6.91 0.18
N ILE A 32 -3.35 -7.41 1.12
CA ILE A 32 -2.34 -6.59 1.77
C ILE A 32 -1.20 -6.24 0.82
N ILE A 33 -0.59 -5.08 1.04
CA ILE A 33 0.51 -4.64 0.19
C ILE A 33 1.64 -4.07 1.04
N ARG A 34 2.87 -4.15 0.52
CA ARG A 34 4.04 -3.63 1.22
C ARG A 34 4.34 -2.20 0.80
N ILE A 35 4.00 -1.25 1.64
CA ILE A 35 4.24 0.16 1.35
C ILE A 35 5.72 0.43 1.12
N LEU A 36 6.13 0.40 -0.15
CA LEU A 36 7.53 0.63 -0.50
C LEU A 36 7.90 2.10 -0.29
N ASN A 37 7.09 2.99 -0.82
CA ASN A 37 7.33 4.43 -0.69
C ASN A 37 6.02 5.19 -0.48
N LYS A 38 5.87 5.81 0.69
CA LYS A 38 4.67 6.56 1.01
C LYS A 38 4.95 8.06 1.01
N GLU A 39 5.92 8.47 0.19
CA GLU A 39 6.29 9.88 0.09
C GLU A 39 5.73 10.50 -1.18
N ASN A 40 4.48 10.91 -1.15
CA ASN A 40 3.83 11.52 -2.30
C ASN A 40 3.04 12.77 -1.89
N GLN A 41 3.42 13.91 -2.44
CA GLN A 41 2.74 15.17 -2.13
C GLN A 41 2.39 15.92 -3.41
N ASP A 42 3.31 15.90 -4.37
CA ASP A 42 3.09 16.59 -5.64
C ASP A 42 1.68 16.33 -6.16
N ASP A 43 1.37 15.06 -6.42
CA ASP A 43 0.06 14.68 -6.93
C ASP A 43 -0.92 14.43 -5.78
N ASP A 44 -2.12 13.98 -6.11
CA ASP A 44 -3.14 13.71 -5.11
C ASP A 44 -2.51 13.18 -3.83
N GLY A 45 -1.97 11.97 -3.89
CA GLY A 45 -1.34 11.36 -2.72
C GLY A 45 -1.30 9.86 -2.80
N PHE A 46 -1.07 9.33 -4.01
CA PHE A 46 -1.00 7.89 -4.21
C PHE A 46 0.31 7.33 -3.68
N TRP A 47 0.26 6.09 -3.22
CA TRP A 47 1.46 5.42 -2.69
C TRP A 47 1.93 4.31 -3.61
N GLU A 48 3.12 3.80 -3.35
CA GLU A 48 3.69 2.73 -4.16
C GLU A 48 3.96 1.49 -3.32
N GLY A 49 3.44 0.35 -3.77
CA GLY A 49 3.63 -0.90 -3.04
C GLY A 49 3.65 -2.10 -3.95
N GLU A 50 4.41 -3.12 -3.58
CA GLU A 50 4.51 -4.34 -4.37
C GLU A 50 3.60 -5.44 -3.81
N PHE A 51 2.82 -6.05 -4.70
CA PHE A 51 1.90 -7.11 -4.30
C PHE A 51 2.06 -8.33 -5.19
N ASN A 52 2.04 -9.52 -4.58
CA ASN A 52 2.18 -10.76 -5.33
C ASN A 52 3.12 -10.58 -6.52
N GLY A 53 4.21 -9.84 -6.31
CA GLY A 53 5.16 -9.61 -7.37
C GLY A 53 4.64 -8.66 -8.42
N ARG A 54 3.98 -7.58 -7.98
CA ARG A 54 3.43 -6.59 -8.90
C ARG A 54 3.61 -5.18 -8.34
N ILE A 55 4.29 -4.34 -9.11
CA ILE A 55 4.53 -2.97 -8.70
C ILE A 55 3.55 -2.01 -9.37
N GLY A 56 2.87 -1.21 -8.55
CA GLY A 56 1.91 -0.26 -9.08
C GLY A 56 1.67 0.91 -8.14
N VAL A 57 0.64 1.70 -8.44
CA VAL A 57 0.31 2.86 -7.62
C VAL A 57 -1.17 2.88 -7.26
N PHE A 58 -1.47 3.19 -6.00
CA PHE A 58 -2.84 3.24 -5.53
C PHE A 58 -3.14 4.57 -4.85
N PRO A 59 -4.43 4.94 -4.81
CA PRO A 59 -4.88 6.19 -4.19
C PRO A 59 -4.71 6.19 -2.67
N SER A 60 -4.39 5.02 -2.12
CA SER A 60 -4.22 4.88 -0.68
C SER A 60 -5.50 5.24 0.06
N VAL A 61 -6.64 5.10 -0.62
CA VAL A 61 -7.93 5.41 -0.03
C VAL A 61 -8.81 4.17 0.04
N LEU A 62 -8.56 3.22 -0.86
CA LEU A 62 -9.32 1.98 -0.89
C LEU A 62 -8.64 0.88 -0.08
N VAL A 63 -7.76 1.30 0.83
CA VAL A 63 -7.05 0.36 1.68
C VAL A 63 -7.17 0.74 3.15
N GLU A 64 -6.76 -0.17 4.03
CA GLU A 64 -6.81 0.08 5.47
C GLU A 64 -5.44 -0.10 6.10
N GLU A 65 -5.29 0.39 7.33
CA GLU A 65 -4.02 0.28 8.06
C GLU A 65 -4.07 -0.88 9.05
N LEU A 66 -3.07 -1.75 8.97
CA LEU A 66 -2.99 -2.90 9.86
C LEU A 66 -2.45 -2.49 11.22
N SER A 67 -3.31 -2.54 12.23
CA SER A 67 -2.93 -2.18 13.60
C SER A 67 -2.63 -3.42 14.42
N SER A 68 -3.59 -4.34 14.48
CA SER A 68 -3.43 -5.57 15.23
C SER A 68 -2.89 -6.69 14.35
N GLY A 69 -2.61 -7.84 14.96
CA GLY A 69 -2.10 -8.97 14.21
C GLY A 69 -3.16 -9.66 13.38
N PRO A 70 -3.76 -10.72 13.94
CA PRO A 70 -4.81 -11.49 13.26
C PRO A 70 -6.11 -10.70 13.12
N SER A 71 -6.33 -10.14 11.95
CA SER A 71 -7.54 -9.36 11.68
C SER A 71 -8.19 -9.77 10.37
N SER A 72 -9.36 -10.39 10.46
CA SER A 72 -10.08 -10.85 9.28
C SER A 72 -11.16 -9.85 8.89
N GLY A 73 -11.66 -9.97 7.66
CA GLY A 73 -12.69 -9.07 7.18
C GLY A 73 -14.08 -9.55 7.52
N GLY A 1 18.61 -9.82 6.48
CA GLY A 1 18.49 -9.92 7.93
C GLY A 1 18.20 -8.59 8.58
N SER A 2 17.32 -8.60 9.58
CA SER A 2 16.94 -7.38 10.28
C SER A 2 18.12 -6.83 11.09
N SER A 3 18.61 -5.66 10.69
CA SER A 3 19.73 -5.03 11.36
C SER A 3 19.66 -3.51 11.22
N GLY A 4 19.50 -2.82 12.34
CA GLY A 4 19.43 -1.37 12.32
C GLY A 4 18.04 -0.86 12.62
N SER A 5 17.63 0.18 11.91
CA SER A 5 16.31 0.78 12.11
C SER A 5 15.46 0.64 10.85
N SER A 6 14.20 0.23 11.05
CA SER A 6 13.28 0.06 9.93
C SER A 6 11.87 0.50 10.32
N GLY A 7 11.04 0.77 9.30
CA GLY A 7 9.68 1.20 9.56
C GLY A 7 8.73 0.81 8.44
N VAL A 8 8.71 -0.47 8.10
CA VAL A 8 7.85 -0.96 7.03
C VAL A 8 6.39 -0.67 7.33
N CYS A 9 5.60 -0.48 6.28
CA CYS A 9 4.17 -0.20 6.43
C CYS A 9 3.35 -0.96 5.41
N PHE A 10 2.20 -1.46 5.84
CA PHE A 10 1.31 -2.23 4.97
C PHE A 10 -0.11 -1.69 5.02
N VAL A 11 -0.94 -2.11 4.07
CA VAL A 11 -2.33 -1.67 4.00
C VAL A 11 -3.22 -2.74 3.40
N LYS A 12 -4.47 -2.81 3.86
CA LYS A 12 -5.42 -3.79 3.37
C LYS A 12 -6.43 -3.13 2.42
N ALA A 13 -6.54 -3.68 1.21
CA ALA A 13 -7.47 -3.15 0.22
C ALA A 13 -8.91 -3.37 0.66
N LEU A 14 -9.50 -2.34 1.26
CA LEU A 14 -10.88 -2.42 1.72
C LEU A 14 -11.81 -2.86 0.60
N TYR A 15 -11.51 -2.46 -0.63
CA TYR A 15 -12.31 -2.81 -1.78
C TYR A 15 -11.42 -3.11 -2.99
N ASP A 16 -11.76 -4.17 -3.71
CA ASP A 16 -11.00 -4.57 -4.90
C ASP A 16 -10.79 -3.38 -5.83
N TYR A 17 -9.56 -3.18 -6.27
CA TYR A 17 -9.22 -2.07 -7.16
C TYR A 17 -8.77 -2.60 -8.53
N GLU A 18 -9.39 -2.06 -9.59
CA GLU A 18 -9.05 -2.47 -10.95
C GLU A 18 -8.16 -1.43 -11.63
N GLY A 19 -6.86 -1.62 -11.52
CA GLY A 19 -5.92 -0.68 -12.13
C GLY A 19 -6.18 -0.48 -13.61
N GLN A 20 -6.39 0.77 -14.01
CA GLN A 20 -6.65 1.08 -15.41
C GLN A 20 -5.57 0.51 -16.31
N THR A 21 -4.31 0.71 -15.94
CA THR A 21 -3.19 0.21 -16.71
C THR A 21 -2.26 -0.65 -15.85
N ASP A 22 -1.31 -1.31 -16.50
CA ASP A 22 -0.35 -2.16 -15.80
C ASP A 22 0.37 -1.38 -14.70
N ASP A 23 0.75 -0.14 -15.03
CA ASP A 23 1.45 0.70 -14.07
C ASP A 23 0.79 0.66 -12.70
N GLU A 24 -0.54 0.66 -12.70
CA GLU A 24 -1.30 0.62 -11.46
C GLU A 24 -1.23 -0.76 -10.82
N LEU A 25 -1.97 -0.94 -9.73
CA LEU A 25 -1.99 -2.22 -9.02
C LEU A 25 -3.42 -2.73 -8.87
N SER A 26 -3.64 -3.99 -9.20
CA SER A 26 -4.96 -4.60 -9.09
C SER A 26 -4.98 -5.68 -8.02
N PHE A 27 -5.76 -5.45 -6.96
CA PHE A 27 -5.87 -6.40 -5.87
C PHE A 27 -7.32 -6.62 -5.47
N PRO A 28 -7.63 -7.84 -5.00
CA PRO A 28 -8.99 -8.21 -4.60
C PRO A 28 -9.42 -7.51 -3.32
N GLU A 29 -10.61 -7.85 -2.83
CA GLU A 29 -11.14 -7.25 -1.61
C GLU A 29 -10.47 -7.85 -0.38
N GLY A 30 -9.50 -7.14 0.18
CA GLY A 30 -8.81 -7.63 1.36
C GLY A 30 -7.41 -8.12 1.05
N ALA A 31 -6.68 -7.35 0.25
CA ALA A 31 -5.32 -7.70 -0.12
C ALA A 31 -4.30 -6.86 0.64
N ILE A 32 -3.22 -7.50 1.09
CA ILE A 32 -2.18 -6.80 1.82
C ILE A 32 -1.09 -6.29 0.87
N ILE A 33 -0.81 -4.99 0.95
CA ILE A 33 0.21 -4.38 0.10
C ILE A 33 1.36 -3.84 0.93
N ARG A 34 2.58 -4.05 0.45
CA ARG A 34 3.77 -3.59 1.15
C ARG A 34 4.17 -2.20 0.69
N ILE A 35 3.96 -1.21 1.54
CA ILE A 35 4.30 0.18 1.21
C ILE A 35 5.79 0.33 0.94
N LEU A 36 6.12 0.84 -0.24
CA LEU A 36 7.52 1.04 -0.61
C LEU A 36 7.87 2.52 -0.62
N ASN A 37 7.04 3.32 -1.27
CA ASN A 37 7.26 4.76 -1.35
C ASN A 37 5.98 5.53 -1.07
N LYS A 38 5.99 6.31 0.01
CA LYS A 38 4.83 7.10 0.40
C LYS A 38 5.22 8.54 0.70
N GLU A 39 6.38 8.95 0.18
CA GLU A 39 6.88 10.31 0.39
C GLU A 39 6.16 11.29 -0.53
N ASN A 40 4.83 11.20 -0.56
CA ASN A 40 4.02 12.09 -1.39
C ASN A 40 2.97 12.82 -0.57
N GLN A 41 2.93 14.14 -0.71
CA GLN A 41 1.97 14.95 0.03
C GLN A 41 1.25 15.92 -0.90
N ASP A 42 0.80 15.41 -2.05
CA ASP A 42 0.09 16.24 -3.02
C ASP A 42 -1.14 15.51 -3.55
N ASP A 43 -1.93 16.21 -4.36
CA ASP A 43 -3.14 15.64 -4.93
C ASP A 43 -2.86 14.24 -5.51
N ASP A 44 -1.59 13.98 -5.79
CA ASP A 44 -1.19 12.69 -6.35
C ASP A 44 -0.43 11.87 -5.31
N GLY A 45 -1.00 11.78 -4.10
CA GLY A 45 -0.36 11.02 -3.04
C GLY A 45 -0.53 9.53 -3.22
N PHE A 46 -0.16 9.02 -4.40
CA PHE A 46 -0.27 7.60 -4.70
C PHE A 46 0.86 6.82 -4.04
N TRP A 47 0.52 5.66 -3.49
CA TRP A 47 1.50 4.81 -2.83
C TRP A 47 1.88 3.63 -3.71
N GLU A 48 3.15 3.21 -3.62
CA GLU A 48 3.64 2.09 -4.42
C GLU A 48 3.98 0.90 -3.52
N GLY A 49 3.57 -0.28 -3.93
CA GLY A 49 3.85 -1.48 -3.16
C GLY A 49 3.90 -2.73 -4.02
N GLU A 50 4.54 -3.77 -3.50
CA GLU A 50 4.67 -5.02 -4.23
C GLU A 50 3.62 -6.04 -3.77
N PHE A 51 2.81 -6.50 -4.71
CA PHE A 51 1.76 -7.47 -4.39
C PHE A 51 1.87 -8.70 -5.29
N ASN A 52 1.73 -9.88 -4.69
CA ASN A 52 1.81 -11.13 -5.43
C ASN A 52 2.86 -11.04 -6.53
N GLY A 53 3.96 -10.33 -6.25
CA GLY A 53 5.02 -10.18 -7.22
C GLY A 53 4.68 -9.18 -8.30
N ARG A 54 4.06 -8.07 -7.90
CA ARG A 54 3.68 -7.02 -8.85
C ARG A 54 3.88 -5.64 -8.24
N ILE A 55 4.63 -4.80 -8.94
CA ILE A 55 4.90 -3.45 -8.46
C ILE A 55 3.99 -2.43 -9.15
N GLY A 56 3.11 -1.82 -8.39
CA GLY A 56 2.20 -0.83 -8.94
C GLY A 56 1.86 0.26 -7.96
N VAL A 57 1.14 1.29 -8.43
CA VAL A 57 0.75 2.40 -7.58
C VAL A 57 -0.76 2.38 -7.32
N PHE A 58 -1.15 2.90 -6.16
CA PHE A 58 -2.56 2.94 -5.79
C PHE A 58 -2.93 4.29 -5.18
N PRO A 59 -4.22 4.62 -5.20
CA PRO A 59 -4.73 5.89 -4.65
C PRO A 59 -4.63 5.93 -3.13
N SER A 60 -4.11 4.88 -2.54
CA SER A 60 -3.97 4.79 -1.09
C SER A 60 -5.26 5.23 -0.39
N VAL A 61 -6.37 5.08 -1.09
CA VAL A 61 -7.67 5.46 -0.54
C VAL A 61 -8.58 4.24 -0.37
N LEU A 62 -8.35 3.23 -1.20
CA LEU A 62 -9.14 2.01 -1.15
C LEU A 62 -8.52 1.00 -0.18
N VAL A 63 -7.40 1.38 0.42
CA VAL A 63 -6.71 0.51 1.37
C VAL A 63 -6.81 1.06 2.78
N GLU A 64 -6.54 0.20 3.76
CA GLU A 64 -6.60 0.59 5.17
C GLU A 64 -5.25 0.36 5.85
N GLU A 65 -4.77 1.39 6.54
CA GLU A 65 -3.49 1.30 7.24
C GLU A 65 -3.62 0.43 8.50
N LEU A 66 -2.80 -0.61 8.57
CA LEU A 66 -2.81 -1.52 9.71
C LEU A 66 -1.96 -0.98 10.85
N SER A 67 -2.45 -1.13 12.08
CA SER A 67 -1.73 -0.65 13.25
C SER A 67 -1.27 -1.82 14.13
N SER A 68 -0.03 -1.77 14.58
CA SER A 68 0.54 -2.81 15.41
C SER A 68 0.69 -2.34 16.86
N GLY A 69 0.97 -3.28 17.75
CA GLY A 69 1.13 -2.94 19.15
C GLY A 69 -0.19 -2.65 19.84
N PRO A 70 -0.13 -1.90 20.96
CA PRO A 70 -1.32 -1.54 21.73
C PRO A 70 -2.20 -0.54 21.00
N SER A 71 -3.07 -1.04 20.14
CA SER A 71 -3.98 -0.19 19.37
C SER A 71 -5.09 0.36 20.26
N SER A 72 -5.81 -0.54 20.93
CA SER A 72 -6.90 -0.14 21.80
C SER A 72 -6.44 0.91 22.81
N GLY A 73 -6.70 2.17 22.50
CA GLY A 73 -6.30 3.25 23.39
C GLY A 73 -7.42 4.24 23.64
N GLY A 1 18.97 3.78 22.05
CA GLY A 1 18.31 4.91 21.42
C GLY A 1 18.50 4.92 19.92
N SER A 2 17.39 4.89 19.18
CA SER A 2 17.44 4.89 17.73
C SER A 2 16.14 5.47 17.14
N SER A 3 16.30 6.51 16.32
CA SER A 3 15.14 7.16 15.70
C SER A 3 15.18 6.99 14.19
N GLY A 4 14.03 6.65 13.61
CA GLY A 4 13.95 6.46 12.17
C GLY A 4 14.41 5.09 11.74
N SER A 5 13.69 4.06 12.15
CA SER A 5 14.03 2.69 11.82
C SER A 5 13.26 2.21 10.58
N SER A 6 13.89 1.39 9.77
CA SER A 6 13.28 0.87 8.56
C SER A 6 12.21 -0.18 8.90
N GLY A 7 10.95 0.24 8.88
CA GLY A 7 9.87 -0.68 9.19
C GLY A 7 8.82 -0.70 8.10
N VAL A 8 9.07 -1.47 7.04
CA VAL A 8 8.12 -1.58 5.94
C VAL A 8 6.69 -1.62 6.43
N CYS A 9 5.86 -0.71 5.94
CA CYS A 9 4.47 -0.65 6.33
C CYS A 9 3.62 -1.57 5.47
N PHE A 10 2.44 -1.93 5.97
CA PHE A 10 1.53 -2.81 5.24
C PHE A 10 0.10 -2.28 5.31
N VAL A 11 -0.68 -2.56 4.27
CA VAL A 11 -2.07 -2.12 4.20
C VAL A 11 -2.95 -3.18 3.54
N LYS A 12 -4.22 -3.21 3.94
CA LYS A 12 -5.16 -4.18 3.39
C LYS A 12 -6.10 -3.50 2.38
N ALA A 13 -6.58 -4.28 1.42
CA ALA A 13 -7.48 -3.77 0.40
C ALA A 13 -8.93 -4.00 0.78
N LEU A 14 -9.60 -2.95 1.25
CA LEU A 14 -11.00 -3.04 1.65
C LEU A 14 -11.87 -3.49 0.49
N TYR A 15 -11.57 -2.98 -0.71
CA TYR A 15 -12.32 -3.32 -1.90
C TYR A 15 -11.40 -3.67 -3.06
N ASP A 16 -11.71 -4.76 -3.75
CA ASP A 16 -10.90 -5.20 -4.88
C ASP A 16 -10.75 -4.09 -5.91
N TYR A 17 -9.54 -3.55 -6.03
CA TYR A 17 -9.28 -2.47 -6.98
C TYR A 17 -8.93 -3.04 -8.36
N GLU A 18 -9.31 -2.30 -9.41
CA GLU A 18 -9.04 -2.73 -10.77
C GLU A 18 -8.21 -1.68 -11.51
N GLY A 19 -6.90 -1.70 -11.27
CA GLY A 19 -6.02 -0.75 -11.92
C GLY A 19 -6.36 -0.55 -13.38
N GLN A 20 -6.62 0.70 -13.76
CA GLN A 20 -6.96 1.03 -15.14
C GLN A 20 -5.80 0.72 -16.08
N THR A 21 -4.60 1.07 -15.64
CA THR A 21 -3.40 0.83 -16.45
C THR A 21 -2.33 0.11 -15.64
N ASP A 22 -1.41 -0.55 -16.35
CA ASP A 22 -0.33 -1.28 -15.69
C ASP A 22 0.29 -0.46 -14.57
N ASP A 23 0.51 0.83 -14.84
CA ASP A 23 1.10 1.72 -13.85
C ASP A 23 0.44 1.53 -12.48
N GLU A 24 -0.88 1.35 -12.48
CA GLU A 24 -1.62 1.16 -11.25
C GLU A 24 -1.51 -0.28 -10.76
N LEU A 25 -2.23 -0.58 -9.68
CA LEU A 25 -2.20 -1.93 -9.11
C LEU A 25 -3.63 -2.50 -9.02
N SER A 26 -3.75 -3.81 -9.23
CA SER A 26 -5.03 -4.47 -9.17
C SER A 26 -5.01 -5.62 -8.17
N PHE A 27 -5.81 -5.50 -7.12
CA PHE A 27 -5.88 -6.53 -6.08
C PHE A 27 -7.33 -6.83 -5.72
N PRO A 28 -7.58 -8.07 -5.27
CA PRO A 28 -8.92 -8.53 -4.88
C PRO A 28 -9.40 -7.85 -3.60
N GLU A 29 -10.47 -8.40 -3.02
CA GLU A 29 -11.02 -7.85 -1.79
C GLU A 29 -10.39 -8.51 -0.57
N GLY A 30 -9.53 -7.74 0.12
CA GLY A 30 -8.87 -8.26 1.30
C GLY A 30 -7.47 -8.77 1.01
N ALA A 31 -6.68 -7.94 0.34
CA ALA A 31 -5.30 -8.31 0.00
C ALA A 31 -4.30 -7.38 0.66
N ILE A 32 -3.30 -7.97 1.31
CA ILE A 32 -2.27 -7.20 1.99
C ILE A 32 -1.23 -6.68 1.00
N ILE A 33 -0.79 -5.44 1.20
CA ILE A 33 0.21 -4.83 0.33
C ILE A 33 1.38 -4.29 1.14
N ARG A 34 2.57 -4.32 0.54
CA ARG A 34 3.77 -3.83 1.21
C ARG A 34 4.09 -2.40 0.77
N ILE A 35 3.66 -1.44 1.58
CA ILE A 35 3.90 -0.03 1.27
C ILE A 35 5.40 0.26 1.16
N LEU A 36 5.84 0.56 -0.06
CA LEU A 36 7.25 0.86 -0.31
C LEU A 36 7.53 2.34 -0.13
N ASN A 37 6.68 3.17 -0.73
CA ASN A 37 6.84 4.62 -0.64
C ASN A 37 5.48 5.30 -0.50
N LYS A 38 5.28 5.98 0.64
CA LYS A 38 4.02 6.68 0.90
C LYS A 38 4.25 8.18 0.99
N GLU A 39 5.50 8.57 1.25
CA GLU A 39 5.85 9.98 1.36
C GLU A 39 5.91 10.64 -0.02
N ASN A 40 4.76 11.03 -0.54
CA ASN A 40 4.68 11.66 -1.84
C ASN A 40 3.86 12.95 -1.77
N GLN A 41 4.30 13.97 -2.51
CA GLN A 41 3.60 15.24 -2.53
C GLN A 41 3.24 15.64 -3.96
N ASP A 42 4.12 15.33 -4.90
CA ASP A 42 3.89 15.65 -6.30
C ASP A 42 2.45 15.33 -6.70
N ASP A 43 2.13 14.05 -6.79
CA ASP A 43 0.79 13.61 -7.17
C ASP A 43 -0.23 14.07 -6.13
N ASP A 44 -1.48 13.65 -6.31
CA ASP A 44 -2.56 14.02 -5.40
C ASP A 44 -2.38 13.32 -4.05
N GLY A 45 -2.27 11.99 -4.09
CA GLY A 45 -2.10 11.22 -2.87
C GLY A 45 -2.01 9.73 -3.13
N PHE A 46 -1.22 9.37 -4.13
CA PHE A 46 -1.03 7.97 -4.48
C PHE A 46 0.27 7.42 -3.91
N TRP A 47 0.24 6.16 -3.49
CA TRP A 47 1.42 5.52 -2.92
C TRP A 47 1.91 4.38 -3.81
N GLU A 48 3.12 3.90 -3.54
CA GLU A 48 3.70 2.81 -4.31
C GLU A 48 4.05 1.63 -3.41
N GLY A 49 3.53 0.46 -3.75
CA GLY A 49 3.81 -0.74 -2.96
C GLY A 49 3.81 -1.99 -3.81
N GLU A 50 4.42 -3.05 -3.27
CA GLU A 50 4.49 -4.33 -3.98
C GLU A 50 3.58 -5.37 -3.33
N PHE A 51 2.64 -5.90 -4.11
CA PHE A 51 1.71 -6.90 -3.61
C PHE A 51 2.12 -8.30 -4.08
N ASN A 52 1.92 -8.57 -5.37
CA ASN A 52 2.26 -9.87 -5.94
C ASN A 52 3.33 -9.72 -7.02
N GLY A 53 4.58 -9.83 -6.61
CA GLY A 53 5.68 -9.70 -7.56
C GLY A 53 5.47 -8.57 -8.55
N ARG A 54 4.72 -7.56 -8.13
CA ARG A 54 4.44 -6.41 -8.98
C ARG A 54 4.53 -5.11 -8.19
N ILE A 55 4.72 -4.00 -8.90
CA ILE A 55 4.81 -2.70 -8.26
C ILE A 55 3.96 -1.67 -9.00
N GLY A 56 2.88 -1.23 -8.35
CA GLY A 56 2.01 -0.25 -8.97
C GLY A 56 1.65 0.88 -8.01
N VAL A 57 0.69 1.71 -8.42
CA VAL A 57 0.25 2.83 -7.59
C VAL A 57 -1.23 2.73 -7.28
N PHE A 58 -1.62 3.27 -6.12
CA PHE A 58 -3.02 3.25 -5.70
C PHE A 58 -3.40 4.55 -5.01
N PRO A 59 -4.71 4.84 -4.99
CA PRO A 59 -5.25 6.06 -4.37
C PRO A 59 -5.12 6.04 -2.85
N SER A 60 -4.61 4.93 -2.32
CA SER A 60 -4.43 4.78 -0.88
C SER A 60 -5.72 5.13 -0.14
N VAL A 61 -6.85 4.96 -0.82
CA VAL A 61 -8.15 5.26 -0.23
C VAL A 61 -8.99 4.00 -0.10
N LEU A 62 -8.73 3.02 -0.94
CA LEU A 62 -9.45 1.76 -0.91
C LEU A 62 -8.81 0.78 0.05
N VAL A 63 -7.73 1.21 0.70
CA VAL A 63 -7.02 0.37 1.65
C VAL A 63 -7.07 0.96 3.05
N GLU A 64 -6.73 0.14 4.04
CA GLU A 64 -6.74 0.58 5.44
C GLU A 64 -5.41 0.28 6.11
N GLU A 65 -5.04 1.12 7.08
CA GLU A 65 -3.79 0.94 7.80
C GLU A 65 -3.92 -0.13 8.88
N LEU A 66 -2.97 -1.05 8.90
CA LEU A 66 -2.99 -2.14 9.89
C LEU A 66 -2.29 -1.72 11.17
N SER A 67 -3.08 -1.44 12.21
CA SER A 67 -2.54 -1.03 13.50
C SER A 67 -2.28 -2.24 14.40
N SER A 68 -1.27 -2.12 15.24
CA SER A 68 -0.91 -3.21 16.15
C SER A 68 -1.83 -3.21 17.37
N GLY A 69 -1.94 -2.07 18.04
CA GLY A 69 -2.79 -1.96 19.20
C GLY A 69 -4.21 -2.43 18.94
N PRO A 70 -4.84 -3.03 19.95
CA PRO A 70 -6.22 -3.54 19.84
C PRO A 70 -7.24 -2.41 19.75
N SER A 71 -6.81 -1.20 20.09
CA SER A 71 -7.69 -0.04 20.05
C SER A 71 -7.35 0.86 18.86
N SER A 72 -8.24 0.91 17.88
CA SER A 72 -8.03 1.72 16.69
C SER A 72 -8.59 3.13 16.89
N GLY A 73 -7.74 4.13 16.70
CA GLY A 73 -8.19 5.51 16.87
C GLY A 73 -7.39 6.47 16.00
N GLY A 1 24.95 -0.02 19.01
CA GLY A 1 24.62 1.28 18.50
C GLY A 1 23.49 1.23 17.48
N SER A 2 22.93 2.38 17.17
CA SER A 2 21.83 2.47 16.20
C SER A 2 22.36 2.77 14.81
N SER A 3 21.84 2.04 13.82
CA SER A 3 22.26 2.22 12.43
C SER A 3 21.45 3.33 11.76
N GLY A 4 20.15 3.31 11.98
CA GLY A 4 19.28 4.32 11.39
C GLY A 4 17.85 4.24 11.91
N SER A 5 16.94 3.78 11.06
CA SER A 5 15.54 3.66 11.44
C SER A 5 14.77 2.82 10.41
N SER A 6 13.87 1.98 10.91
CA SER A 6 13.07 1.14 10.03
C SER A 6 11.84 1.87 9.51
N GLY A 7 11.52 1.66 8.24
CA GLY A 7 10.38 2.31 7.64
C GLY A 7 9.58 1.39 6.74
N VAL A 8 8.68 0.62 7.34
CA VAL A 8 7.85 -0.31 6.59
C VAL A 8 6.42 -0.32 7.12
N CYS A 9 5.46 -0.23 6.20
CA CYS A 9 4.05 -0.22 6.57
C CYS A 9 3.21 -0.99 5.55
N PHE A 10 2.22 -1.71 6.03
CA PHE A 10 1.35 -2.49 5.15
C PHE A 10 -0.10 -2.02 5.27
N VAL A 11 -0.89 -2.30 4.23
CA VAL A 11 -2.30 -1.90 4.22
C VAL A 11 -3.15 -2.95 3.51
N LYS A 12 -4.39 -3.10 3.98
CA LYS A 12 -5.31 -4.07 3.39
C LYS A 12 -6.34 -3.37 2.52
N ALA A 13 -6.44 -3.82 1.26
CA ALA A 13 -7.39 -3.24 0.32
C ALA A 13 -8.83 -3.50 0.75
N LEU A 14 -9.45 -2.52 1.38
CA LEU A 14 -10.83 -2.64 1.84
C LEU A 14 -11.74 -3.09 0.70
N TYR A 15 -11.49 -2.56 -0.50
CA TYR A 15 -12.28 -2.90 -1.66
C TYR A 15 -11.40 -3.33 -2.83
N ASP A 16 -11.98 -4.08 -3.76
CA ASP A 16 -11.24 -4.56 -4.93
C ASP A 16 -10.88 -3.41 -5.85
N TYR A 17 -9.59 -3.25 -6.13
CA TYR A 17 -9.12 -2.19 -7.00
C TYR A 17 -8.71 -2.74 -8.36
N GLU A 18 -9.22 -2.12 -9.42
CA GLU A 18 -8.90 -2.55 -10.78
C GLU A 18 -8.10 -1.48 -11.52
N GLY A 19 -6.80 -1.69 -11.65
CA GLY A 19 -5.94 -0.73 -12.33
C GLY A 19 -6.18 -0.71 -13.82
N GLN A 20 -6.33 0.49 -14.39
CA GLN A 20 -6.56 0.64 -15.81
C GLN A 20 -5.32 0.28 -16.61
N THR A 21 -4.15 0.61 -16.05
CA THR A 21 -2.88 0.32 -16.72
C THR A 21 -1.94 -0.44 -15.80
N ASP A 22 -0.88 -1.01 -16.38
CA ASP A 22 0.09 -1.77 -15.61
C ASP A 22 0.66 -0.92 -14.46
N ASP A 23 1.04 0.31 -14.78
CA ASP A 23 1.59 1.22 -13.78
C ASP A 23 0.83 1.11 -12.46
N GLU A 24 -0.49 1.06 -12.55
CA GLU A 24 -1.33 0.96 -11.36
C GLU A 24 -1.23 -0.44 -10.74
N LEU A 25 -1.94 -0.64 -9.64
CA LEU A 25 -1.92 -1.92 -8.93
C LEU A 25 -3.34 -2.49 -8.83
N SER A 26 -3.48 -3.76 -9.18
CA SER A 26 -4.78 -4.43 -9.13
C SER A 26 -4.77 -5.54 -8.07
N PHE A 27 -5.59 -5.36 -7.04
CA PHE A 27 -5.69 -6.34 -5.96
C PHE A 27 -7.14 -6.64 -5.62
N PRO A 28 -7.40 -7.89 -5.20
CA PRO A 28 -8.75 -8.33 -4.83
C PRO A 28 -9.24 -7.68 -3.54
N GLU A 29 -10.53 -7.84 -3.25
CA GLU A 29 -11.13 -7.27 -2.04
C GLU A 29 -10.53 -7.91 -0.79
N GLY A 30 -9.57 -7.22 -0.18
CA GLY A 30 -8.94 -7.73 1.02
C GLY A 30 -7.55 -8.28 0.76
N ALA A 31 -6.75 -7.51 0.03
CA ALA A 31 -5.39 -7.92 -0.29
C ALA A 31 -4.36 -7.06 0.44
N ILE A 32 -3.29 -7.69 0.91
CA ILE A 32 -2.24 -6.98 1.64
C ILE A 32 -1.23 -6.38 0.67
N ILE A 33 -0.70 -5.21 1.03
CA ILE A 33 0.28 -4.53 0.20
C ILE A 33 1.45 -4.01 1.04
N ARG A 34 2.64 -4.04 0.46
CA ARG A 34 3.84 -3.57 1.16
C ARG A 34 4.20 -2.16 0.71
N ILE A 35 4.03 -1.19 1.59
CA ILE A 35 4.35 0.20 1.29
C ILE A 35 5.85 0.38 1.07
N LEU A 36 6.26 0.32 -0.19
CA LEU A 36 7.67 0.49 -0.54
C LEU A 36 8.09 1.94 -0.44
N ASN A 37 7.33 2.82 -1.09
CA ASN A 37 7.61 4.25 -1.07
C ASN A 37 6.32 5.06 -0.99
N LYS A 38 6.15 5.79 0.11
CA LYS A 38 4.96 6.60 0.31
C LYS A 38 5.34 8.09 0.39
N GLU A 39 6.37 8.47 -0.35
CA GLU A 39 6.83 9.86 -0.37
C GLU A 39 6.16 10.64 -1.49
N ASN A 40 5.05 11.30 -1.18
CA ASN A 40 4.32 12.08 -2.17
C ASN A 40 3.91 13.44 -1.60
N GLN A 41 3.88 14.45 -2.46
CA GLN A 41 3.51 15.80 -2.04
C GLN A 41 2.35 16.32 -2.86
N ASP A 42 2.24 15.84 -4.10
CA ASP A 42 1.17 16.26 -4.99
C ASP A 42 -0.21 15.92 -4.40
N ASP A 43 -1.25 16.45 -5.02
CA ASP A 43 -2.61 16.20 -4.55
C ASP A 43 -3.03 14.76 -4.80
N ASP A 44 -2.34 14.11 -5.74
CA ASP A 44 -2.64 12.72 -6.08
C ASP A 44 -2.84 11.88 -4.82
N GLY A 45 -1.78 11.78 -4.01
CA GLY A 45 -1.85 11.00 -2.80
C GLY A 45 -1.77 9.51 -3.05
N PHE A 46 -0.94 9.11 -4.01
CA PHE A 46 -0.79 7.71 -4.36
C PHE A 46 0.52 7.16 -3.80
N TRP A 47 0.50 5.91 -3.37
CA TRP A 47 1.69 5.26 -2.82
C TRP A 47 2.17 4.14 -3.72
N GLU A 48 3.39 3.67 -3.49
CA GLU A 48 3.96 2.59 -4.28
C GLU A 48 4.23 1.36 -3.42
N GLY A 49 3.62 0.25 -3.79
CA GLY A 49 3.81 -0.99 -3.04
C GLY A 49 3.76 -2.22 -3.93
N GLU A 50 4.29 -3.33 -3.42
CA GLU A 50 4.31 -4.57 -4.18
C GLU A 50 3.25 -5.54 -3.66
N PHE A 51 2.51 -6.15 -4.58
CA PHE A 51 1.47 -7.11 -4.21
C PHE A 51 1.63 -8.42 -4.96
N ASN A 52 1.59 -9.53 -4.23
CA ASN A 52 1.75 -10.85 -4.82
C ASN A 52 2.78 -10.83 -5.94
N GLY A 53 3.81 -9.99 -5.77
CA GLY A 53 4.85 -9.90 -6.77
C GLY A 53 4.48 -8.97 -7.91
N ARG A 54 3.85 -7.85 -7.58
CA ARG A 54 3.43 -6.88 -8.58
C ARG A 54 3.62 -5.46 -8.08
N ILE A 55 4.47 -4.70 -8.77
CA ILE A 55 4.74 -3.32 -8.40
C ILE A 55 3.85 -2.35 -9.18
N GLY A 56 3.17 -1.48 -8.46
CA GLY A 56 2.29 -0.51 -9.10
C GLY A 56 2.02 0.69 -8.22
N VAL A 57 0.88 1.34 -8.46
CA VAL A 57 0.50 2.52 -7.67
C VAL A 57 -0.98 2.49 -7.32
N PHE A 58 -1.32 3.03 -6.16
CA PHE A 58 -2.70 3.06 -5.69
C PHE A 58 -3.04 4.42 -5.08
N PRO A 59 -4.34 4.74 -5.06
CA PRO A 59 -4.83 6.01 -4.50
C PRO A 59 -4.67 6.08 -2.99
N SER A 60 -4.08 5.04 -2.41
CA SER A 60 -3.88 4.98 -0.96
C SER A 60 -5.12 5.44 -0.22
N VAL A 61 -6.30 5.06 -0.74
CA VAL A 61 -7.56 5.43 -0.13
C VAL A 61 -8.47 4.22 0.04
N LEU A 62 -8.34 3.26 -0.87
CA LEU A 62 -9.15 2.05 -0.83
C LEU A 62 -8.48 0.98 0.01
N VAL A 63 -7.58 1.41 0.90
CA VAL A 63 -6.87 0.49 1.78
C VAL A 63 -6.94 0.95 3.23
N GLU A 64 -6.86 0.00 4.15
CA GLU A 64 -6.91 0.31 5.58
C GLU A 64 -5.65 -0.16 6.29
N GLU A 65 -5.11 0.70 7.14
CA GLU A 65 -3.90 0.38 7.88
C GLU A 65 -4.10 -0.87 8.74
N LEU A 66 -3.09 -1.72 8.81
CA LEU A 66 -3.15 -2.95 9.60
C LEU A 66 -2.63 -2.72 11.01
N SER A 67 -3.40 -3.16 12.00
CA SER A 67 -3.01 -3.00 13.40
C SER A 67 -3.14 -4.32 14.15
N SER A 68 -2.34 -4.48 15.20
CA SER A 68 -2.37 -5.69 16.01
C SER A 68 -3.24 -5.52 17.24
N GLY A 69 -3.42 -6.60 17.99
CA GLY A 69 -4.24 -6.54 19.19
C GLY A 69 -5.32 -7.61 19.20
N PRO A 70 -6.38 -7.38 19.99
CA PRO A 70 -7.50 -8.31 20.11
C PRO A 70 -8.34 -8.37 18.83
N SER A 71 -8.28 -9.50 18.15
CA SER A 71 -9.04 -9.69 16.91
C SER A 71 -10.54 -9.61 17.18
N SER A 72 -11.20 -8.67 16.52
CA SER A 72 -12.63 -8.48 16.67
C SER A 72 -13.19 -7.59 15.57
N GLY A 73 -14.10 -8.16 14.78
CA GLY A 73 -14.71 -7.42 13.68
C GLY A 73 -13.67 -6.88 12.71
N GLY A 1 10.51 18.30 7.72
CA GLY A 1 10.39 18.67 9.12
C GLY A 1 10.50 17.47 10.05
N SER A 2 9.35 16.97 10.50
CA SER A 2 9.32 15.82 11.39
C SER A 2 9.57 14.53 10.63
N SER A 3 9.83 13.45 11.37
CA SER A 3 10.09 12.15 10.76
C SER A 3 9.16 11.90 9.59
N GLY A 4 9.74 11.55 8.44
CA GLY A 4 8.95 11.30 7.25
C GLY A 4 8.46 9.86 7.18
N SER A 5 9.23 9.01 6.51
CA SER A 5 8.86 7.61 6.36
C SER A 5 9.27 6.81 7.60
N SER A 6 8.54 5.74 7.87
CA SER A 6 8.83 4.89 9.03
C SER A 6 9.79 3.77 8.65
N GLY A 7 9.55 3.14 7.50
CA GLY A 7 10.39 2.06 7.05
C GLY A 7 9.62 0.97 6.34
N VAL A 8 8.79 0.24 7.08
CA VAL A 8 8.00 -0.83 6.51
C VAL A 8 6.55 -0.75 7.01
N CYS A 9 5.62 -0.65 6.05
CA CYS A 9 4.20 -0.58 6.39
C CYS A 9 3.39 -1.56 5.55
N PHE A 10 2.15 -1.81 5.96
CA PHE A 10 1.27 -2.72 5.25
C PHE A 10 -0.18 -2.28 5.36
N VAL A 11 -0.94 -2.49 4.29
CA VAL A 11 -2.35 -2.12 4.26
C VAL A 11 -3.17 -3.11 3.44
N LYS A 12 -4.37 -3.41 3.93
CA LYS A 12 -5.25 -4.35 3.25
C LYS A 12 -6.32 -3.61 2.44
N ALA A 13 -6.47 -4.00 1.18
CA ALA A 13 -7.47 -3.37 0.31
C ALA A 13 -8.88 -3.70 0.75
N LEU A 14 -9.56 -2.72 1.33
CA LEU A 14 -10.93 -2.92 1.80
C LEU A 14 -11.86 -3.29 0.64
N TYR A 15 -11.60 -2.71 -0.52
CA TYR A 15 -12.40 -2.97 -1.70
C TYR A 15 -11.53 -3.23 -2.92
N ASP A 16 -11.82 -4.31 -3.64
CA ASP A 16 -11.05 -4.68 -4.82
C ASP A 16 -10.76 -3.45 -5.68
N TYR A 17 -9.54 -3.38 -6.19
CA TYR A 17 -9.12 -2.25 -7.03
C TYR A 17 -8.80 -2.71 -8.44
N GLU A 18 -9.48 -2.11 -9.42
CA GLU A 18 -9.26 -2.46 -10.82
C GLU A 18 -8.39 -1.41 -11.51
N GLY A 19 -7.16 -1.78 -11.84
CA GLY A 19 -6.26 -0.88 -12.51
C GLY A 19 -6.46 -0.85 -14.01
N GLN A 20 -6.42 0.35 -14.59
CA GLN A 20 -6.60 0.50 -16.03
C GLN A 20 -5.28 0.29 -16.77
N THR A 21 -4.18 0.67 -16.12
CA THR A 21 -2.86 0.52 -16.72
C THR A 21 -1.91 -0.23 -15.78
N ASP A 22 -0.82 -0.74 -16.34
CA ASP A 22 0.16 -1.49 -15.57
C ASP A 22 0.64 -0.66 -14.37
N ASP A 23 0.92 0.61 -14.61
CA ASP A 23 1.38 1.50 -13.55
C ASP A 23 0.59 1.28 -12.27
N GLU A 24 -0.72 1.11 -12.41
CA GLU A 24 -1.59 0.89 -11.27
C GLU A 24 -1.49 -0.54 -10.76
N LEU A 25 -2.13 -0.81 -9.63
CA LEU A 25 -2.10 -2.15 -9.04
C LEU A 25 -3.52 -2.71 -8.89
N SER A 26 -3.69 -3.96 -9.31
CA SER A 26 -5.00 -4.61 -9.23
C SER A 26 -4.99 -5.73 -8.19
N PHE A 27 -5.77 -5.57 -7.14
CA PHE A 27 -5.85 -6.57 -6.08
C PHE A 27 -7.30 -6.85 -5.70
N PRO A 28 -7.54 -8.05 -5.15
CA PRO A 28 -8.88 -8.47 -4.74
C PRO A 28 -9.38 -7.71 -3.52
N GLU A 29 -10.52 -8.13 -2.97
CA GLU A 29 -11.10 -7.47 -1.82
C GLU A 29 -10.48 -7.99 -0.53
N GLY A 30 -9.52 -7.24 0.01
CA GLY A 30 -8.86 -7.65 1.23
C GLY A 30 -7.46 -8.18 0.98
N ALA A 31 -6.69 -7.46 0.17
CA ALA A 31 -5.33 -7.87 -0.14
C ALA A 31 -4.31 -6.92 0.48
N ILE A 32 -3.40 -7.48 1.28
CA ILE A 32 -2.38 -6.69 1.94
C ILE A 32 -1.29 -6.27 0.96
N ILE A 33 -0.77 -5.06 1.13
CA ILE A 33 0.29 -4.54 0.26
C ILE A 33 1.43 -3.97 1.09
N ARG A 34 2.65 -4.18 0.61
CA ARG A 34 3.85 -3.68 1.29
C ARG A 34 4.19 -2.27 0.82
N ILE A 35 3.92 -1.29 1.68
CA ILE A 35 4.21 0.10 1.35
C ILE A 35 5.71 0.32 1.14
N LEU A 36 6.07 0.87 -0.01
CA LEU A 36 7.46 1.13 -0.33
C LEU A 36 7.77 2.62 -0.23
N ASN A 37 6.91 3.45 -0.83
CA ASN A 37 7.09 4.89 -0.80
C ASN A 37 5.77 5.60 -0.52
N LYS A 38 5.83 6.64 0.30
CA LYS A 38 4.64 7.40 0.66
C LYS A 38 4.87 8.90 0.46
N GLU A 39 5.38 9.26 -0.72
CA GLU A 39 5.65 10.65 -1.04
C GLU A 39 4.36 11.38 -1.45
N ASN A 40 3.50 11.64 -0.47
CA ASN A 40 2.24 12.32 -0.74
C ASN A 40 2.38 13.83 -0.55
N GLN A 41 2.99 14.48 -1.54
CA GLN A 41 3.19 15.93 -1.48
C GLN A 41 2.37 16.63 -2.56
N ASP A 42 2.57 16.23 -3.81
CA ASP A 42 1.85 16.81 -4.93
C ASP A 42 0.62 15.98 -5.28
N ASP A 43 -0.07 16.39 -6.35
CA ASP A 43 -1.27 15.68 -6.79
C ASP A 43 -1.02 14.17 -6.83
N ASP A 44 0.24 13.78 -6.89
CA ASP A 44 0.61 12.38 -6.94
C ASP A 44 0.63 11.76 -5.55
N GLY A 45 -0.43 12.01 -4.79
CA GLY A 45 -0.53 11.48 -3.44
C GLY A 45 -0.84 10.00 -3.42
N PHE A 46 -0.11 9.23 -4.23
CA PHE A 46 -0.32 7.78 -4.30
C PHE A 46 0.86 7.04 -3.70
N TRP A 47 0.57 5.90 -3.09
CA TRP A 47 1.63 5.08 -2.48
C TRP A 47 1.98 3.89 -3.36
N GLU A 48 3.27 3.60 -3.48
CA GLU A 48 3.73 2.48 -4.29
C GLU A 48 4.06 1.27 -3.42
N GLY A 49 3.45 0.13 -3.75
CA GLY A 49 3.69 -1.08 -2.99
C GLY A 49 3.75 -2.31 -3.87
N GLU A 50 4.30 -3.39 -3.33
CA GLU A 50 4.42 -4.64 -4.07
C GLU A 50 3.40 -5.67 -3.59
N PHE A 51 2.73 -6.33 -4.53
CA PHE A 51 1.73 -7.33 -4.20
C PHE A 51 1.66 -8.40 -5.29
N ASN A 52 1.55 -9.66 -4.86
CA ASN A 52 1.47 -10.77 -5.79
C ASN A 52 2.59 -10.70 -6.83
N GLY A 53 3.72 -10.11 -6.43
CA GLY A 53 4.85 -9.99 -7.34
C GLY A 53 4.65 -8.88 -8.36
N ARG A 54 3.82 -7.90 -8.01
CA ARG A 54 3.55 -6.78 -8.90
C ARG A 54 4.02 -5.47 -8.28
N ILE A 55 4.12 -4.44 -9.10
CA ILE A 55 4.54 -3.13 -8.64
C ILE A 55 3.77 -2.01 -9.33
N GLY A 56 2.89 -1.35 -8.57
CA GLY A 56 2.09 -0.28 -9.12
C GLY A 56 1.84 0.83 -8.12
N VAL A 57 0.79 1.63 -8.36
CA VAL A 57 0.44 2.72 -7.47
C VAL A 57 -1.05 2.72 -7.15
N PHE A 58 -1.39 2.94 -5.89
CA PHE A 58 -2.78 2.97 -5.47
C PHE A 58 -3.12 4.29 -4.78
N PRO A 59 -4.40 4.63 -4.75
CA PRO A 59 -4.89 5.87 -4.12
C PRO A 59 -4.76 5.84 -2.60
N SER A 60 -4.19 4.75 -2.08
CA SER A 60 -4.02 4.60 -0.64
C SER A 60 -5.29 5.02 0.10
N VAL A 61 -6.44 4.74 -0.49
CA VAL A 61 -7.72 5.09 0.12
C VAL A 61 -8.62 3.86 0.23
N LEU A 62 -8.44 2.91 -0.68
CA LEU A 62 -9.23 1.68 -0.68
C LEU A 62 -8.59 0.62 0.21
N VAL A 63 -7.58 1.03 0.97
CA VAL A 63 -6.87 0.11 1.86
C VAL A 63 -7.00 0.56 3.32
N GLU A 64 -6.61 -0.31 4.23
CA GLU A 64 -6.67 0.00 5.66
C GLU A 64 -5.34 -0.32 6.35
N GLU A 65 -5.02 0.45 7.38
CA GLU A 65 -3.78 0.26 8.12
C GLU A 65 -3.92 -0.91 9.10
N LEU A 66 -2.89 -1.74 9.17
CA LEU A 66 -2.89 -2.89 10.07
C LEU A 66 -2.17 -2.56 11.37
N SER A 67 -2.47 -3.33 12.41
CA SER A 67 -1.86 -3.12 13.72
C SER A 67 -2.00 -4.37 14.60
N SER A 68 -0.92 -4.71 15.28
CA SER A 68 -0.91 -5.89 16.16
C SER A 68 -0.99 -5.48 17.61
N GLY A 69 -1.50 -6.37 18.46
CA GLY A 69 -1.62 -6.08 19.87
C GLY A 69 -3.06 -5.90 20.31
N PRO A 70 -3.24 -5.29 21.50
CA PRO A 70 -4.58 -5.04 22.05
C PRO A 70 -5.34 -3.98 21.27
N SER A 71 -6.59 -4.30 20.92
CA SER A 71 -7.42 -3.38 20.16
C SER A 71 -8.59 -2.89 21.01
N SER A 72 -9.23 -3.82 21.72
CA SER A 72 -10.36 -3.47 22.58
C SER A 72 -9.92 -3.26 24.02
N GLY A 73 -9.87 -2.00 24.43
CA GLY A 73 -9.45 -1.68 25.78
C GLY A 73 -10.56 -1.01 26.58
N GLY A 1 21.18 5.75 2.04
CA GLY A 1 22.62 5.66 1.90
C GLY A 1 23.12 4.24 1.85
N SER A 2 23.57 3.73 3.00
CA SER A 2 24.08 2.37 3.09
C SER A 2 22.93 1.36 3.10
N SER A 3 22.07 1.47 4.10
CA SER A 3 20.94 0.56 4.23
C SER A 3 19.62 1.30 3.99
N GLY A 4 19.43 2.41 4.70
CA GLY A 4 18.21 3.19 4.54
C GLY A 4 17.50 3.41 5.86
N SER A 5 16.55 4.33 5.87
CA SER A 5 15.79 4.64 7.07
C SER A 5 14.88 3.48 7.45
N SER A 6 15.06 2.98 8.67
CA SER A 6 14.26 1.86 9.17
C SER A 6 12.78 2.23 9.25
N GLY A 7 11.91 1.29 8.92
CA GLY A 7 10.48 1.53 8.97
C GLY A 7 9.73 0.78 7.89
N VAL A 8 8.57 0.23 8.25
CA VAL A 8 7.75 -0.51 7.30
C VAL A 8 6.28 -0.51 7.72
N CYS A 9 5.39 -0.37 6.74
CA CYS A 9 3.97 -0.35 7.00
C CYS A 9 3.21 -1.17 5.96
N PHE A 10 2.02 -1.63 6.34
CA PHE A 10 1.19 -2.43 5.44
C PHE A 10 -0.27 -2.01 5.53
N VAL A 11 -0.97 -2.11 4.41
CA VAL A 11 -2.39 -1.75 4.36
C VAL A 11 -3.22 -2.84 3.70
N LYS A 12 -4.44 -3.04 4.19
CA LYS A 12 -5.34 -4.05 3.65
C LYS A 12 -6.39 -3.42 2.75
N ALA A 13 -6.53 -3.96 1.54
CA ALA A 13 -7.50 -3.45 0.58
C ALA A 13 -8.92 -3.81 1.00
N LEU A 14 -9.68 -2.80 1.44
CA LEU A 14 -11.05 -3.01 1.88
C LEU A 14 -11.92 -3.47 0.71
N TYR A 15 -11.56 -3.05 -0.50
CA TYR A 15 -12.31 -3.43 -1.69
C TYR A 15 -11.37 -3.74 -2.85
N ASP A 16 -11.83 -4.60 -3.75
CA ASP A 16 -11.03 -4.99 -4.90
C ASP A 16 -10.77 -3.79 -5.82
N TYR A 17 -9.50 -3.57 -6.15
CA TYR A 17 -9.11 -2.46 -7.00
C TYR A 17 -8.75 -2.95 -8.40
N GLU A 18 -9.44 -2.41 -9.40
CA GLU A 18 -9.18 -2.80 -10.79
C GLU A 18 -8.36 -1.72 -11.51
N GLY A 19 -7.08 -1.99 -11.69
CA GLY A 19 -6.22 -1.03 -12.36
C GLY A 19 -6.39 -1.06 -13.87
N GLN A 20 -6.48 0.12 -14.47
CA GLN A 20 -6.65 0.23 -15.92
C GLN A 20 -5.31 0.12 -16.63
N THR A 21 -4.27 0.71 -16.03
CA THR A 21 -2.93 0.69 -16.62
C THR A 21 -1.94 0.01 -15.68
N ASP A 22 -0.89 -0.57 -16.25
CA ASP A 22 0.14 -1.25 -15.47
C ASP A 22 0.59 -0.38 -14.30
N ASP A 23 0.79 0.90 -14.57
CA ASP A 23 1.24 1.85 -13.55
C ASP A 23 0.44 1.66 -12.26
N GLU A 24 -0.80 1.22 -12.40
CA GLU A 24 -1.68 1.00 -11.25
C GLU A 24 -1.44 -0.38 -10.65
N LEU A 25 -2.10 -0.65 -9.53
CA LEU A 25 -1.97 -1.94 -8.85
C LEU A 25 -3.32 -2.63 -8.73
N SER A 26 -3.36 -3.91 -9.10
CA SER A 26 -4.59 -4.69 -9.04
C SER A 26 -4.50 -5.77 -7.96
N PHE A 27 -5.34 -5.65 -6.94
CA PHE A 27 -5.36 -6.60 -5.84
C PHE A 27 -6.78 -7.02 -5.50
N PRO A 28 -6.95 -8.30 -5.12
CA PRO A 28 -8.26 -8.85 -4.76
C PRO A 28 -8.78 -8.28 -3.44
N GLU A 29 -10.08 -8.46 -3.21
CA GLU A 29 -10.71 -7.96 -1.99
C GLU A 29 -10.09 -8.62 -0.75
N GLY A 30 -9.37 -7.83 0.03
CA GLY A 30 -8.74 -8.37 1.23
C GLY A 30 -7.28 -8.70 1.01
N ALA A 31 -6.62 -7.94 0.15
CA ALA A 31 -5.21 -8.17 -0.15
C ALA A 31 -4.32 -7.21 0.65
N ILE A 32 -3.20 -7.72 1.14
CA ILE A 32 -2.26 -6.91 1.92
C ILE A 32 -1.15 -6.37 1.04
N ILE A 33 -0.93 -5.06 1.12
CA ILE A 33 0.11 -4.41 0.32
C ILE A 33 1.26 -3.94 1.22
N ARG A 34 2.48 -3.98 0.67
CA ARG A 34 3.65 -3.55 1.41
C ARG A 34 4.05 -2.13 1.03
N ILE A 35 3.64 -1.17 1.84
CA ILE A 35 3.96 0.23 1.58
C ILE A 35 5.46 0.42 1.34
N LEU A 36 5.84 0.53 0.08
CA LEU A 36 7.24 0.72 -0.28
C LEU A 36 7.65 2.18 -0.13
N ASN A 37 6.87 3.07 -0.73
CA ASN A 37 7.15 4.50 -0.66
C ASN A 37 5.86 5.30 -0.56
N LYS A 38 5.83 6.24 0.37
CA LYS A 38 4.65 7.09 0.56
C LYS A 38 5.04 8.56 0.65
N GLU A 39 6.09 8.92 -0.08
CA GLU A 39 6.56 10.30 -0.09
C GLU A 39 5.67 11.19 -0.94
N ASN A 40 4.50 11.52 -0.41
CA ASN A 40 3.55 12.36 -1.13
C ASN A 40 4.05 13.80 -1.24
N GLN A 41 4.57 14.15 -2.41
CA GLN A 41 5.09 15.49 -2.64
C GLN A 41 4.33 16.19 -3.76
N ASP A 42 4.32 15.58 -4.94
CA ASP A 42 3.62 16.14 -6.08
C ASP A 42 2.29 15.42 -6.31
N ASP A 43 2.35 14.10 -6.42
CA ASP A 43 1.17 13.29 -6.64
C ASP A 43 0.00 13.79 -5.80
N ASP A 44 -1.22 13.52 -6.25
CA ASP A 44 -2.42 13.95 -5.54
C ASP A 44 -2.48 13.31 -4.15
N GLY A 45 -2.42 11.98 -4.12
CA GLY A 45 -2.47 11.27 -2.85
C GLY A 45 -2.39 9.77 -3.02
N PHE A 46 -1.50 9.32 -3.90
CA PHE A 46 -1.34 7.89 -4.15
C PHE A 46 -0.04 7.37 -3.55
N TRP A 47 -0.03 6.10 -3.19
CA TRP A 47 1.16 5.48 -2.60
C TRP A 47 1.73 4.41 -3.53
N GLU A 48 2.86 3.84 -3.12
CA GLU A 48 3.52 2.81 -3.92
C GLU A 48 3.69 1.53 -3.12
N GLY A 49 3.29 0.41 -3.72
CA GLY A 49 3.41 -0.87 -3.05
C GLY A 49 3.63 -2.02 -4.02
N GLU A 50 4.08 -3.16 -3.49
CA GLU A 50 4.34 -4.32 -4.32
C GLU A 50 3.45 -5.49 -3.90
N PHE A 51 2.74 -6.06 -4.85
CA PHE A 51 1.86 -7.19 -4.59
C PHE A 51 1.85 -8.18 -5.76
N ASN A 52 1.54 -9.43 -5.46
CA ASN A 52 1.50 -10.47 -6.48
C ASN A 52 2.73 -10.39 -7.39
N GLY A 53 3.82 -9.84 -6.85
CA GLY A 53 5.04 -9.72 -7.62
C GLY A 53 4.96 -8.64 -8.68
N ARG A 54 4.23 -7.57 -8.37
CA ARG A 54 4.07 -6.47 -9.31
C ARG A 54 4.15 -5.12 -8.59
N ILE A 55 4.51 -4.08 -9.33
CA ILE A 55 4.62 -2.74 -8.76
C ILE A 55 3.66 -1.77 -9.45
N GLY A 56 3.01 -0.93 -8.66
CA GLY A 56 2.08 0.03 -9.21
C GLY A 56 1.78 1.17 -8.25
N VAL A 57 0.56 1.70 -8.33
CA VAL A 57 0.15 2.80 -7.45
C VAL A 57 -1.35 2.72 -7.14
N PHE A 58 -1.72 3.20 -5.97
CA PHE A 58 -3.12 3.19 -5.55
C PHE A 58 -3.50 4.51 -4.89
N PRO A 59 -4.81 4.80 -4.85
CA PRO A 59 -5.33 6.02 -4.25
C PRO A 59 -5.19 6.04 -2.74
N SER A 60 -4.72 4.93 -2.18
CA SER A 60 -4.53 4.81 -0.74
C SER A 60 -5.83 5.13 0.00
N VAL A 61 -6.95 4.90 -0.67
CA VAL A 61 -8.26 5.18 -0.07
C VAL A 61 -9.07 3.88 0.08
N LEU A 62 -8.84 2.94 -0.82
CA LEU A 62 -9.53 1.66 -0.79
C LEU A 62 -8.84 0.68 0.14
N VAL A 63 -7.87 1.18 0.90
CA VAL A 63 -7.13 0.34 1.83
C VAL A 63 -7.30 0.83 3.27
N GLU A 64 -6.91 0.00 4.23
CA GLU A 64 -7.02 0.35 5.63
C GLU A 64 -5.75 -0.01 6.39
N GLU A 65 -5.27 0.92 7.21
CA GLU A 65 -4.06 0.69 7.99
C GLU A 65 -4.20 -0.53 8.88
N LEU A 66 -3.09 -1.23 9.11
CA LEU A 66 -3.08 -2.42 9.93
C LEU A 66 -2.04 -2.32 11.04
N SER A 67 -2.12 -1.26 11.84
CA SER A 67 -1.18 -1.05 12.93
C SER A 67 -1.72 -1.61 14.24
N SER A 68 -2.07 -2.90 14.21
CA SER A 68 -2.61 -3.57 15.39
C SER A 68 -3.89 -2.90 15.86
N GLY A 69 -4.74 -2.52 14.91
CA GLY A 69 -5.98 -1.86 15.25
C GLY A 69 -5.79 -0.47 15.80
N PRO A 70 -6.74 0.43 15.52
CA PRO A 70 -6.68 1.82 15.98
C PRO A 70 -6.88 1.93 17.49
N SER A 71 -5.89 2.48 18.17
CA SER A 71 -5.96 2.65 19.63
C SER A 71 -5.50 4.04 20.03
N SER A 72 -5.99 4.51 21.17
CA SER A 72 -5.63 5.84 21.68
C SER A 72 -4.44 5.74 22.63
N GLY A 73 -3.72 6.86 22.77
CA GLY A 73 -2.58 6.89 23.65
C GLY A 73 -2.67 7.99 24.68
N GLY A 1 30.78 0.81 12.51
CA GLY A 1 30.82 0.12 11.24
C GLY A 1 29.69 0.51 10.32
N SER A 2 28.52 -0.10 10.53
CA SER A 2 27.35 0.19 9.71
C SER A 2 26.11 0.39 10.59
N SER A 3 25.25 1.32 10.17
CA SER A 3 24.03 1.61 10.92
C SER A 3 22.92 2.08 9.98
N GLY A 4 21.69 2.07 10.48
CA GLY A 4 20.57 2.49 9.67
C GLY A 4 19.25 2.35 10.40
N SER A 5 18.19 2.94 9.84
CA SER A 5 16.86 2.88 10.45
C SER A 5 15.77 3.02 9.39
N SER A 6 15.11 1.91 9.07
CA SER A 6 14.05 1.91 8.08
C SER A 6 12.82 1.18 8.60
N GLY A 7 11.66 1.80 8.45
CA GLY A 7 10.42 1.19 8.91
C GLY A 7 9.50 0.82 7.77
N VAL A 8 8.85 -0.34 7.87
CA VAL A 8 7.93 -0.79 6.83
C VAL A 8 6.49 -0.70 7.31
N CYS A 9 5.56 -0.88 6.37
CA CYS A 9 4.13 -0.81 6.68
C CYS A 9 3.31 -1.53 5.63
N PHE A 10 2.25 -2.21 6.08
CA PHE A 10 1.38 -2.96 5.17
C PHE A 10 -0.06 -2.47 5.28
N VAL A 11 -0.83 -2.70 4.22
CA VAL A 11 -2.24 -2.29 4.20
C VAL A 11 -3.12 -3.34 3.55
N LYS A 12 -4.36 -3.43 3.99
CA LYS A 12 -5.31 -4.40 3.46
C LYS A 12 -6.34 -3.72 2.56
N ALA A 13 -6.47 -4.22 1.34
CA ALA A 13 -7.43 -3.66 0.39
C ALA A 13 -8.86 -3.99 0.79
N LEU A 14 -9.55 -3.02 1.40
CA LEU A 14 -10.92 -3.21 1.83
C LEU A 14 -11.81 -3.66 0.67
N TYR A 15 -11.60 -3.06 -0.49
CA TYR A 15 -12.38 -3.39 -1.68
C TYR A 15 -11.46 -3.74 -2.84
N ASP A 16 -12.03 -4.38 -3.87
CA ASP A 16 -11.26 -4.76 -5.04
C ASP A 16 -11.04 -3.56 -5.96
N TYR A 17 -9.76 -3.25 -6.20
CA TYR A 17 -9.40 -2.12 -7.05
C TYR A 17 -8.90 -2.61 -8.41
N GLU A 18 -9.40 -1.97 -9.47
CA GLU A 18 -9.01 -2.34 -10.82
C GLU A 18 -8.16 -1.23 -11.46
N GLY A 19 -6.84 -1.38 -11.39
CA GLY A 19 -5.96 -0.39 -11.96
C GLY A 19 -6.23 -0.14 -13.43
N GLN A 20 -6.60 1.09 -13.75
CA GLN A 20 -6.91 1.46 -15.14
C GLN A 20 -5.74 1.13 -16.06
N THR A 21 -4.53 1.52 -15.64
CA THR A 21 -3.33 1.27 -16.42
C THR A 21 -2.32 0.45 -15.63
N ASP A 22 -1.35 -0.14 -16.33
CA ASP A 22 -0.32 -0.94 -15.70
C ASP A 22 0.27 -0.21 -14.50
N ASP A 23 0.65 1.04 -14.69
CA ASP A 23 1.23 1.85 -13.62
C ASP A 23 0.49 1.62 -12.31
N GLU A 24 -0.84 1.54 -12.39
CA GLU A 24 -1.67 1.34 -11.21
C GLU A 24 -1.51 -0.09 -10.69
N LEU A 25 -2.17 -0.37 -9.57
CA LEU A 25 -2.11 -1.71 -8.96
C LEU A 25 -3.50 -2.31 -8.83
N SER A 26 -3.66 -3.54 -9.28
CA SER A 26 -4.94 -4.24 -9.21
C SER A 26 -4.91 -5.35 -8.16
N PHE A 27 -5.71 -5.21 -7.12
CA PHE A 27 -5.78 -6.20 -6.06
C PHE A 27 -7.22 -6.52 -5.70
N PRO A 28 -7.47 -7.79 -5.35
CA PRO A 28 -8.81 -8.26 -4.98
C PRO A 28 -9.26 -7.70 -3.63
N GLU A 29 -10.47 -8.08 -3.22
CA GLU A 29 -11.03 -7.62 -1.95
C GLU A 29 -10.41 -8.38 -0.78
N GLY A 30 -9.49 -7.73 -0.07
CA GLY A 30 -8.85 -8.37 1.06
C GLY A 30 -7.44 -8.83 0.75
N ALA A 31 -6.66 -7.95 0.13
CA ALA A 31 -5.29 -8.28 -0.24
C ALA A 31 -4.30 -7.47 0.59
N ILE A 32 -3.11 -8.02 0.79
CA ILE A 32 -2.08 -7.35 1.58
C ILE A 32 -1.05 -6.70 0.66
N ILE A 33 -0.85 -5.39 0.84
CA ILE A 33 0.11 -4.65 0.03
C ILE A 33 1.26 -4.12 0.89
N ARG A 34 2.48 -4.33 0.42
CA ARG A 34 3.66 -3.88 1.15
C ARG A 34 4.04 -2.46 0.73
N ILE A 35 3.68 -1.49 1.56
CA ILE A 35 3.99 -0.09 1.28
C ILE A 35 5.48 0.12 1.12
N LEU A 36 5.87 0.70 -0.02
CA LEU A 36 7.28 0.96 -0.29
C LEU A 36 7.62 2.43 -0.06
N ASN A 37 6.79 3.32 -0.61
CA ASN A 37 6.99 4.75 -0.46
C ASN A 37 5.67 5.47 -0.26
N LYS A 38 5.68 6.49 0.60
CA LYS A 38 4.47 7.27 0.87
C LYS A 38 4.74 8.76 0.72
N GLU A 39 5.54 9.12 -0.29
CA GLU A 39 5.87 10.52 -0.54
C GLU A 39 5.00 11.09 -1.64
N ASN A 40 3.93 11.79 -1.23
CA ASN A 40 3.00 12.40 -2.18
C ASN A 40 3.52 13.75 -2.64
N GLN A 41 4.83 13.84 -2.89
CA GLN A 41 5.44 15.07 -3.34
C GLN A 41 4.72 15.63 -4.56
N ASP A 42 4.43 14.75 -5.52
CA ASP A 42 3.74 15.14 -6.74
C ASP A 42 2.34 14.54 -6.79
N ASP A 43 2.27 13.21 -6.78
CA ASP A 43 1.00 12.51 -6.83
C ASP A 43 0.01 13.10 -5.83
N ASP A 44 -1.18 13.42 -6.31
CA ASP A 44 -2.22 14.00 -5.46
C ASP A 44 -2.26 13.28 -4.10
N GLY A 45 -2.44 11.97 -4.14
CA GLY A 45 -2.51 11.19 -2.92
C GLY A 45 -2.42 9.70 -3.17
N PHE A 46 -1.44 9.30 -3.98
CA PHE A 46 -1.26 7.89 -4.30
C PHE A 46 0.09 7.39 -3.78
N TRP A 47 0.10 6.16 -3.26
CA TRP A 47 1.32 5.56 -2.73
C TRP A 47 1.83 4.47 -3.66
N GLU A 48 3.04 3.98 -3.37
CA GLU A 48 3.65 2.93 -4.18
C GLU A 48 4.02 1.73 -3.31
N GLY A 49 3.47 0.57 -3.66
CA GLY A 49 3.76 -0.64 -2.91
C GLY A 49 3.69 -1.89 -3.77
N GLU A 50 4.36 -2.94 -3.33
CA GLU A 50 4.38 -4.21 -4.06
C GLU A 50 3.38 -5.20 -3.48
N PHE A 51 2.60 -5.82 -4.35
CA PHE A 51 1.60 -6.79 -3.93
C PHE A 51 2.18 -8.19 -3.89
N ASN A 52 3.46 -8.30 -3.55
CA ASN A 52 4.14 -9.59 -3.48
C ASN A 52 4.37 -10.15 -4.87
N GLY A 53 4.98 -9.35 -5.74
CA GLY A 53 5.24 -9.78 -7.10
C GLY A 53 5.01 -8.68 -8.12
N ARG A 54 3.96 -7.90 -7.91
CA ARG A 54 3.62 -6.81 -8.81
C ARG A 54 3.79 -5.46 -8.13
N ILE A 55 4.22 -4.46 -8.89
CA ILE A 55 4.41 -3.12 -8.36
C ILE A 55 3.51 -2.10 -9.06
N GLY A 56 2.96 -1.17 -8.29
CA GLY A 56 2.09 -0.17 -8.87
C GLY A 56 1.74 0.93 -7.87
N VAL A 57 0.67 1.66 -8.14
CA VAL A 57 0.23 2.74 -7.28
C VAL A 57 -1.27 2.66 -7.00
N PHE A 58 -1.69 3.20 -5.86
CA PHE A 58 -3.09 3.18 -5.48
C PHE A 58 -3.50 4.51 -4.85
N PRO A 59 -4.81 4.78 -4.83
CA PRO A 59 -5.36 6.01 -4.25
C PRO A 59 -5.23 6.05 -2.73
N SER A 60 -4.67 4.98 -2.16
CA SER A 60 -4.48 4.90 -0.72
C SER A 60 -5.80 5.15 0.01
N VAL A 61 -6.90 4.72 -0.59
CA VAL A 61 -8.23 4.90 0.00
C VAL A 61 -8.99 3.58 0.06
N LEU A 62 -8.69 2.70 -0.89
CA LEU A 62 -9.35 1.40 -0.95
C LEU A 62 -8.60 0.38 -0.10
N VAL A 63 -7.77 0.87 0.82
CA VAL A 63 -7.00 0.00 1.70
C VAL A 63 -7.11 0.45 3.15
N GLU A 64 -6.70 -0.42 4.07
CA GLU A 64 -6.75 -0.11 5.49
C GLU A 64 -5.44 -0.48 6.18
N GLU A 65 -4.91 0.45 6.98
CA GLU A 65 -3.66 0.22 7.69
C GLU A 65 -3.84 -0.85 8.76
N LEU A 66 -3.12 -1.96 8.61
CA LEU A 66 -3.20 -3.06 9.56
C LEU A 66 -2.63 -2.65 10.92
N SER A 67 -1.47 -2.01 10.89
CA SER A 67 -0.83 -1.56 12.12
C SER A 67 -0.81 -2.67 13.16
N SER A 68 -0.46 -3.88 12.74
CA SER A 68 -0.41 -5.03 13.64
C SER A 68 1.00 -5.58 13.73
N GLY A 69 1.78 -5.04 14.67
CA GLY A 69 3.15 -5.48 14.85
C GLY A 69 3.25 -6.63 15.83
N PRO A 70 3.33 -6.32 17.13
CA PRO A 70 3.44 -7.33 18.19
C PRO A 70 2.15 -8.12 18.36
N SER A 71 1.16 -7.84 17.51
CA SER A 71 -0.12 -8.53 17.58
C SER A 71 -0.94 -8.07 18.78
N SER A 72 -1.06 -6.75 18.93
CA SER A 72 -1.80 -6.16 20.03
C SER A 72 -3.20 -5.74 19.59
N GLY A 73 -4.19 -6.54 19.96
CA GLY A 73 -5.56 -6.23 19.58
C GLY A 73 -6.07 -7.11 18.46
N GLY A 1 24.66 0.50 5.24
CA GLY A 1 23.96 1.67 4.73
C GLY A 1 22.76 2.05 5.58
N SER A 2 22.98 2.19 6.88
CA SER A 2 21.90 2.54 7.80
C SER A 2 21.10 3.72 7.27
N SER A 3 21.80 4.79 6.89
CA SER A 3 21.14 5.98 6.36
C SER A 3 19.95 5.59 5.48
N GLY A 4 18.75 5.94 5.96
CA GLY A 4 17.55 5.62 5.20
C GLY A 4 16.36 5.34 6.10
N SER A 5 15.36 6.20 6.05
CA SER A 5 14.16 6.04 6.87
C SER A 5 13.50 4.69 6.60
N SER A 6 13.59 3.79 7.58
CA SER A 6 13.00 2.45 7.45
C SER A 6 11.70 2.36 8.23
N GLY A 7 10.59 2.68 7.57
CA GLY A 7 9.29 2.62 8.23
C GLY A 7 8.32 1.69 7.52
N VAL A 8 8.69 0.42 7.44
CA VAL A 8 7.84 -0.58 6.79
C VAL A 8 6.39 -0.43 7.21
N CYS A 9 5.47 -0.80 6.32
CA CYS A 9 4.05 -0.70 6.59
C CYS A 9 3.24 -1.58 5.64
N PHE A 10 2.05 -1.96 6.06
CA PHE A 10 1.18 -2.80 5.24
C PHE A 10 -0.28 -2.35 5.34
N VAL A 11 -1.01 -2.48 4.24
CA VAL A 11 -2.41 -2.09 4.22
C VAL A 11 -3.25 -3.14 3.50
N LYS A 12 -4.49 -3.32 3.98
CA LYS A 12 -5.40 -4.29 3.39
C LYS A 12 -6.42 -3.60 2.49
N ALA A 13 -6.55 -4.10 1.26
CA ALA A 13 -7.49 -3.54 0.30
C ALA A 13 -8.92 -3.72 0.77
N LEU A 14 -9.47 -2.68 1.41
CA LEU A 14 -10.84 -2.74 1.91
C LEU A 14 -11.81 -3.16 0.81
N TYR A 15 -11.57 -2.68 -0.40
CA TYR A 15 -12.42 -3.03 -1.54
C TYR A 15 -11.58 -3.34 -2.77
N ASP A 16 -11.84 -4.48 -3.38
CA ASP A 16 -11.11 -4.90 -4.58
C ASP A 16 -10.94 -3.73 -5.54
N TYR A 17 -9.69 -3.47 -5.92
CA TYR A 17 -9.39 -2.38 -6.84
C TYR A 17 -8.79 -2.91 -8.14
N GLU A 18 -9.44 -2.59 -9.25
CA GLU A 18 -8.98 -3.02 -10.56
C GLU A 18 -8.27 -1.89 -11.30
N GLY A 19 -6.96 -1.81 -11.12
CA GLY A 19 -6.18 -0.78 -11.78
C GLY A 19 -6.52 -0.64 -13.25
N GLN A 20 -6.70 0.59 -13.71
CA GLN A 20 -7.03 0.85 -15.10
C GLN A 20 -5.84 0.55 -16.00
N THR A 21 -4.67 1.04 -15.61
CA THR A 21 -3.45 0.82 -16.38
C THR A 21 -2.46 -0.05 -15.61
N ASP A 22 -1.36 -0.41 -16.27
CA ASP A 22 -0.33 -1.24 -15.66
C ASP A 22 0.30 -0.52 -14.48
N ASP A 23 0.73 0.71 -14.71
CA ASP A 23 1.36 1.52 -13.67
C ASP A 23 0.65 1.33 -12.33
N GLU A 24 -0.69 1.32 -12.38
CA GLU A 24 -1.49 1.15 -11.18
C GLU A 24 -1.39 -0.28 -10.65
N LEU A 25 -2.06 -0.54 -9.53
CA LEU A 25 -2.05 -1.86 -8.92
C LEU A 25 -3.46 -2.42 -8.79
N SER A 26 -3.65 -3.66 -9.23
CA SER A 26 -4.95 -4.31 -9.17
C SER A 26 -4.93 -5.47 -8.19
N PHE A 27 -5.71 -5.35 -7.12
CA PHE A 27 -5.79 -6.39 -6.10
C PHE A 27 -7.24 -6.69 -5.72
N PRO A 28 -7.49 -7.93 -5.29
CA PRO A 28 -8.84 -8.37 -4.89
C PRO A 28 -9.29 -7.72 -3.59
N GLU A 29 -10.42 -8.19 -3.07
CA GLU A 29 -10.96 -7.65 -1.83
C GLU A 29 -10.28 -8.29 -0.62
N GLY A 30 -9.44 -7.51 0.05
CA GLY A 30 -8.74 -8.02 1.22
C GLY A 30 -7.33 -8.46 0.90
N ALA A 31 -6.63 -7.65 0.11
CA ALA A 31 -5.25 -7.96 -0.27
C ALA A 31 -4.25 -7.13 0.54
N ILE A 32 -3.22 -7.79 1.04
CA ILE A 32 -2.19 -7.11 1.83
C ILE A 32 -1.11 -6.51 0.94
N ILE A 33 -0.93 -5.20 1.05
CA ILE A 33 0.08 -4.50 0.26
C ILE A 33 1.25 -4.05 1.12
N ARG A 34 2.45 -4.13 0.56
CA ARG A 34 3.66 -3.73 1.29
C ARG A 34 4.05 -2.29 0.93
N ILE A 35 3.56 -1.34 1.71
CA ILE A 35 3.86 0.07 1.48
C ILE A 35 5.36 0.29 1.33
N LEU A 36 5.77 0.68 0.13
CA LEU A 36 7.18 0.93 -0.15
C LEU A 36 7.50 2.43 -0.08
N ASN A 37 6.61 3.24 -0.65
CA ASN A 37 6.79 4.69 -0.66
C ASN A 37 5.53 5.40 -0.20
N LYS A 38 5.62 6.15 0.89
CA LYS A 38 4.49 6.88 1.43
C LYS A 38 4.54 8.36 1.02
N GLU A 39 5.74 8.93 1.07
CA GLU A 39 5.92 10.33 0.71
C GLU A 39 5.46 10.59 -0.72
N ASN A 40 4.18 10.90 -0.87
CA ASN A 40 3.60 11.17 -2.19
C ASN A 40 4.28 12.38 -2.83
N GLN A 41 5.22 12.12 -3.73
CA GLN A 41 5.93 13.19 -4.42
C GLN A 41 4.96 14.10 -5.17
N ASP A 42 3.96 13.51 -5.81
CA ASP A 42 2.97 14.27 -6.55
C ASP A 42 1.76 14.56 -5.68
N ASP A 43 1.13 15.71 -5.92
CA ASP A 43 -0.05 16.12 -5.16
C ASP A 43 -1.17 15.10 -5.31
N ASP A 44 -1.10 14.30 -6.37
CA ASP A 44 -2.12 13.29 -6.64
C ASP A 44 -2.58 12.63 -5.33
N GLY A 45 -1.62 12.08 -4.58
CA GLY A 45 -1.94 11.43 -3.32
C GLY A 45 -2.04 9.93 -3.46
N PHE A 46 -1.07 9.33 -4.15
CA PHE A 46 -1.06 7.89 -4.36
C PHE A 46 0.19 7.26 -3.73
N TRP A 47 0.03 6.04 -3.21
CA TRP A 47 1.14 5.34 -2.59
C TRP A 47 1.67 4.23 -3.50
N GLU A 48 2.92 3.85 -3.28
CA GLU A 48 3.55 2.80 -4.08
C GLU A 48 3.95 1.62 -3.22
N GLY A 49 3.38 0.45 -3.51
CA GLY A 49 3.70 -0.74 -2.74
C GLY A 49 3.70 -1.99 -3.60
N GLU A 50 4.40 -3.03 -3.12
CA GLU A 50 4.48 -4.29 -3.85
C GLU A 50 3.39 -5.24 -3.40
N PHE A 51 2.73 -5.88 -4.37
CA PHE A 51 1.66 -6.83 -4.07
C PHE A 51 2.09 -8.25 -4.40
N ASN A 52 2.13 -8.57 -5.69
CA ASN A 52 2.52 -9.89 -6.15
C ASN A 52 3.68 -9.81 -7.15
N GLY A 53 4.83 -9.35 -6.66
CA GLY A 53 5.99 -9.23 -7.52
C GLY A 53 5.92 -8.03 -8.44
N ARG A 54 4.89 -7.21 -8.26
CA ARG A 54 4.70 -6.02 -9.08
C ARG A 54 4.47 -4.79 -8.21
N ILE A 55 5.01 -3.66 -8.65
CA ILE A 55 4.86 -2.41 -7.91
C ILE A 55 3.97 -1.42 -8.67
N GLY A 56 2.86 -1.03 -8.06
CA GLY A 56 1.95 -0.10 -8.69
C GLY A 56 1.59 1.06 -7.78
N VAL A 57 0.68 1.92 -8.25
CA VAL A 57 0.26 3.07 -7.47
C VAL A 57 -1.25 3.03 -7.21
N PHE A 58 -1.63 3.23 -5.96
CA PHE A 58 -3.05 3.21 -5.59
C PHE A 58 -3.47 4.56 -5.01
N PRO A 59 -4.78 4.83 -5.01
CA PRO A 59 -5.35 6.08 -4.49
C PRO A 59 -5.23 6.17 -2.97
N SER A 60 -4.64 5.16 -2.36
CA SER A 60 -4.47 5.13 -0.91
C SER A 60 -5.80 5.36 -0.21
N VAL A 61 -6.88 4.85 -0.78
CA VAL A 61 -8.21 5.01 -0.21
C VAL A 61 -8.93 3.66 -0.11
N LEU A 62 -8.63 2.78 -1.05
CA LEU A 62 -9.25 1.45 -1.07
C LEU A 62 -8.46 0.47 -0.20
N VAL A 63 -7.72 1.00 0.76
CA VAL A 63 -6.92 0.18 1.65
C VAL A 63 -7.06 0.63 3.10
N GLU A 64 -6.68 -0.24 4.03
CA GLU A 64 -6.77 0.07 5.45
C GLU A 64 -5.49 -0.31 6.18
N GLU A 65 -4.98 0.61 7.00
CA GLU A 65 -3.75 0.37 7.75
C GLU A 65 -3.95 -0.78 8.75
N LEU A 66 -3.09 -1.79 8.64
CA LEU A 66 -3.16 -2.94 9.53
C LEU A 66 -2.36 -2.70 10.81
N SER A 67 -2.95 -3.03 11.95
CA SER A 67 -2.29 -2.84 13.24
C SER A 67 -2.90 -3.76 14.30
N SER A 68 -2.07 -4.20 15.24
CA SER A 68 -2.53 -5.08 16.31
C SER A 68 -2.91 -4.27 17.55
N GLY A 69 -3.74 -4.85 18.40
CA GLY A 69 -4.18 -4.18 19.61
C GLY A 69 -4.19 -5.10 20.82
N PRO A 70 -3.02 -5.27 21.44
CA PRO A 70 -2.88 -6.14 22.62
C PRO A 70 -3.57 -5.55 23.85
N SER A 71 -3.51 -4.24 24.01
CA SER A 71 -4.13 -3.56 25.13
C SER A 71 -5.55 -4.06 25.35
N SER A 72 -6.36 -4.01 24.29
CA SER A 72 -7.75 -4.47 24.37
C SER A 72 -7.83 -5.98 24.18
N GLY A 73 -9.04 -6.52 24.33
CA GLY A 73 -9.25 -7.94 24.17
C GLY A 73 -10.62 -8.39 24.64
N GLY A 1 25.77 4.41 9.29
CA GLY A 1 24.44 3.90 9.55
C GLY A 1 23.77 3.37 8.30
N SER A 2 22.46 3.14 8.38
CA SER A 2 21.71 2.63 7.25
C SER A 2 21.53 3.70 6.18
N SER A 3 21.18 4.91 6.60
CA SER A 3 20.98 6.02 5.68
C SER A 3 19.98 5.65 4.60
N GLY A 4 18.91 4.97 5.00
CA GLY A 4 17.89 4.56 4.04
C GLY A 4 16.54 4.34 4.69
N SER A 5 15.55 3.97 3.88
CA SER A 5 14.20 3.73 4.39
C SER A 5 14.17 2.53 5.32
N SER A 6 14.29 2.80 6.62
CA SER A 6 14.29 1.74 7.62
C SER A 6 12.88 1.50 8.17
N GLY A 7 12.37 0.29 7.98
CA GLY A 7 11.05 -0.03 8.47
C GLY A 7 10.16 -0.61 7.38
N VAL A 8 8.89 -0.82 7.70
CA VAL A 8 7.94 -1.38 6.74
C VAL A 8 6.51 -1.09 7.17
N CYS A 9 5.60 -1.06 6.19
CA CYS A 9 4.19 -0.79 6.46
C CYS A 9 3.30 -1.59 5.52
N PHE A 10 2.26 -2.22 6.07
CA PHE A 10 1.33 -3.01 5.27
C PHE A 10 -0.08 -2.46 5.38
N VAL A 11 -0.83 -2.57 4.29
CA VAL A 11 -2.21 -2.09 4.25
C VAL A 11 -3.13 -3.10 3.59
N LYS A 12 -4.38 -3.15 4.05
CA LYS A 12 -5.37 -4.07 3.49
C LYS A 12 -6.34 -3.34 2.57
N ALA A 13 -6.48 -3.85 1.35
CA ALA A 13 -7.37 -3.26 0.36
C ALA A 13 -8.83 -3.45 0.77
N LEU A 14 -9.42 -2.39 1.32
CA LEU A 14 -10.82 -2.45 1.75
C LEU A 14 -11.73 -2.89 0.61
N TYR A 15 -11.43 -2.40 -0.59
CA TYR A 15 -12.22 -2.76 -1.77
C TYR A 15 -11.35 -3.41 -2.84
N ASP A 16 -11.98 -4.03 -3.82
CA ASP A 16 -11.27 -4.70 -4.90
C ASP A 16 -10.82 -3.69 -5.95
N TYR A 17 -9.52 -3.47 -6.04
CA TYR A 17 -8.96 -2.53 -6.99
C TYR A 17 -8.62 -3.23 -8.31
N GLU A 18 -9.21 -2.74 -9.40
CA GLU A 18 -8.98 -3.33 -10.72
C GLU A 18 -8.11 -2.40 -11.57
N GLY A 19 -6.81 -2.45 -11.35
CA GLY A 19 -5.89 -1.61 -12.10
C GLY A 19 -6.14 -1.67 -13.60
N GLN A 20 -6.31 -0.52 -14.22
CA GLN A 20 -6.56 -0.45 -15.65
C GLN A 20 -5.29 -0.76 -16.44
N THR A 21 -4.16 -0.26 -15.95
CA THR A 21 -2.88 -0.49 -16.61
C THR A 21 -1.89 -1.16 -15.67
N ASP A 22 -0.70 -1.47 -16.19
CA ASP A 22 0.33 -2.11 -15.39
C ASP A 22 0.87 -1.16 -14.33
N ASP A 23 1.07 0.10 -14.71
CA ASP A 23 1.58 1.10 -13.79
C ASP A 23 0.83 1.05 -12.46
N GLU A 24 -0.47 0.83 -12.53
CA GLU A 24 -1.29 0.77 -11.32
C GLU A 24 -1.22 -0.62 -10.69
N LEU A 25 -1.92 -0.80 -9.57
CA LEU A 25 -1.93 -2.07 -8.86
C LEU A 25 -3.34 -2.62 -8.74
N SER A 26 -3.50 -3.90 -9.03
CA SER A 26 -4.82 -4.55 -8.95
C SER A 26 -4.82 -5.63 -7.88
N PHE A 27 -5.64 -5.42 -6.84
CA PHE A 27 -5.74 -6.37 -5.74
C PHE A 27 -7.20 -6.64 -5.38
N PRO A 28 -7.49 -7.88 -4.98
CA PRO A 28 -8.85 -8.29 -4.60
C PRO A 28 -9.31 -7.65 -3.30
N GLU A 29 -10.61 -7.65 -3.06
CA GLU A 29 -11.18 -7.06 -1.85
C GLU A 29 -10.67 -7.79 -0.62
N GLY A 30 -9.69 -7.18 0.05
CA GLY A 30 -9.13 -7.79 1.25
C GLY A 30 -7.77 -8.42 0.99
N ALA A 31 -6.90 -7.68 0.33
CA ALA A 31 -5.56 -8.17 0.03
C ALA A 31 -4.50 -7.34 0.75
N ILE A 32 -3.37 -7.97 1.06
CA ILE A 32 -2.28 -7.31 1.75
C ILE A 32 -1.30 -6.68 0.76
N ILE A 33 -0.83 -5.48 1.08
CA ILE A 33 0.11 -4.77 0.21
C ILE A 33 1.28 -4.22 1.01
N ARG A 34 2.49 -4.38 0.47
CA ARG A 34 3.69 -3.90 1.14
C ARG A 34 3.99 -2.46 0.74
N ILE A 35 3.70 -1.53 1.64
CA ILE A 35 3.93 -0.12 1.37
C ILE A 35 5.43 0.18 1.27
N LEU A 36 5.94 0.18 0.05
CA LEU A 36 7.36 0.45 -0.18
C LEU A 36 7.67 1.92 0.00
N ASN A 37 6.81 2.78 -0.53
CA ASN A 37 6.99 4.22 -0.42
C ASN A 37 5.64 4.93 -0.32
N LYS A 38 5.50 5.76 0.71
CA LYS A 38 4.26 6.51 0.92
C LYS A 38 4.55 7.99 1.15
N GLU A 39 5.73 8.43 0.72
CA GLU A 39 6.12 9.82 0.88
C GLU A 39 5.99 10.58 -0.44
N ASN A 40 4.84 11.20 -0.65
CA ASN A 40 4.59 11.95 -1.87
C ASN A 40 4.11 13.37 -1.55
N GLN A 41 4.19 14.26 -2.54
CA GLN A 41 3.76 15.63 -2.35
C GLN A 41 2.62 15.99 -3.30
N ASP A 42 2.78 15.63 -4.57
CA ASP A 42 1.76 15.91 -5.59
C ASP A 42 0.36 15.80 -4.98
N ASP A 43 -0.56 16.58 -5.53
CA ASP A 43 -1.94 16.57 -5.05
C ASP A 43 -2.57 15.20 -5.23
N ASP A 44 -1.99 14.39 -6.12
CA ASP A 44 -2.50 13.06 -6.40
C ASP A 44 -2.70 12.28 -5.10
N GLY A 45 -1.62 12.11 -4.34
CA GLY A 45 -1.70 11.38 -3.09
C GLY A 45 -1.71 9.88 -3.29
N PHE A 46 -0.73 9.38 -4.04
CA PHE A 46 -0.63 7.95 -4.31
C PHE A 46 0.68 7.38 -3.76
N TRP A 47 0.66 6.11 -3.41
CA TRP A 47 1.84 5.45 -2.87
C TRP A 47 2.27 4.29 -3.76
N GLU A 48 3.47 3.78 -3.52
CA GLU A 48 4.00 2.66 -4.30
C GLU A 48 4.17 1.42 -3.43
N GLY A 49 3.65 0.29 -3.90
CA GLY A 49 3.76 -0.94 -3.14
C GLY A 49 3.72 -2.17 -4.04
N GLU A 50 4.16 -3.30 -3.50
CA GLU A 50 4.18 -4.55 -4.26
C GLU A 50 3.13 -5.52 -3.73
N PHE A 51 2.29 -6.02 -4.64
CA PHE A 51 1.24 -6.96 -4.27
C PHE A 51 1.50 -8.35 -4.87
N ASN A 52 1.28 -8.47 -6.16
CA ASN A 52 1.49 -9.74 -6.86
C ASN A 52 2.65 -9.63 -7.85
N GLY A 53 3.86 -9.78 -7.36
CA GLY A 53 5.03 -9.69 -8.22
C GLY A 53 5.03 -8.45 -9.08
N ARG A 54 4.21 -7.47 -8.71
CA ARG A 54 4.10 -6.23 -9.46
C ARG A 54 3.96 -5.03 -8.52
N ILE A 55 4.58 -3.92 -8.89
CA ILE A 55 4.52 -2.71 -8.08
C ILE A 55 3.93 -1.55 -8.88
N GLY A 56 2.82 -1.02 -8.38
CA GLY A 56 2.17 0.09 -9.06
C GLY A 56 1.89 1.26 -8.13
N VAL A 57 0.91 2.08 -8.47
CA VAL A 57 0.54 3.23 -7.65
C VAL A 57 -0.95 3.23 -7.36
N PHE A 58 -1.29 3.39 -6.07
CA PHE A 58 -2.69 3.41 -5.66
C PHE A 58 -3.02 4.72 -4.96
N PRO A 59 -4.33 5.05 -4.91
CA PRO A 59 -4.81 6.28 -4.29
C PRO A 59 -4.66 6.27 -2.77
N SER A 60 -4.13 5.16 -2.26
CA SER A 60 -3.94 5.02 -0.81
C SER A 60 -5.19 5.42 -0.05
N VAL A 61 -6.34 5.25 -0.69
CA VAL A 61 -7.62 5.60 -0.07
C VAL A 61 -8.54 4.38 0.02
N LEU A 62 -8.27 3.39 -0.82
CA LEU A 62 -9.08 2.17 -0.84
C LEU A 62 -8.46 1.10 0.05
N VAL A 63 -7.44 1.48 0.81
CA VAL A 63 -6.77 0.56 1.72
C VAL A 63 -6.83 1.04 3.16
N GLU A 64 -6.62 0.13 4.10
CA GLU A 64 -6.66 0.47 5.51
C GLU A 64 -5.39 0.00 6.23
N GLU A 65 -4.82 0.87 7.04
CA GLU A 65 -3.60 0.53 7.78
C GLU A 65 -3.86 -0.57 8.79
N LEU A 66 -2.89 -1.45 8.98
CA LEU A 66 -3.02 -2.55 9.93
C LEU A 66 -2.36 -2.20 11.26
N SER A 67 -3.18 -2.04 12.29
CA SER A 67 -2.68 -1.70 13.62
C SER A 67 -2.13 -2.94 14.32
N SER A 68 -0.88 -3.27 14.04
CA SER A 68 -0.25 -4.44 14.64
C SER A 68 1.28 -4.36 14.50
N GLY A 69 1.97 -5.14 15.32
CA GLY A 69 3.42 -5.14 15.27
C GLY A 69 3.98 -6.23 14.37
N PRO A 70 5.27 -6.12 14.03
CA PRO A 70 5.94 -7.08 13.16
C PRO A 70 6.13 -8.44 13.83
N SER A 71 5.90 -8.47 15.14
CA SER A 71 6.05 -9.71 15.90
C SER A 71 5.65 -10.92 15.07
N SER A 72 4.40 -10.93 14.61
CA SER A 72 3.89 -12.02 13.80
C SER A 72 3.97 -11.69 12.32
N GLY A 73 4.71 -12.50 11.58
CA GLY A 73 4.86 -12.28 10.15
C GLY A 73 4.44 -13.48 9.32
N GLY A 1 19.31 10.60 18.35
CA GLY A 1 18.30 11.38 17.67
C GLY A 1 17.16 10.52 17.15
N SER A 2 17.50 9.47 16.41
CA SER A 2 16.49 8.57 15.85
C SER A 2 17.02 7.15 15.78
N SER A 3 16.14 6.18 16.03
CA SER A 3 16.52 4.77 16.00
C SER A 3 17.52 4.51 14.87
N GLY A 4 17.10 4.77 13.64
CA GLY A 4 17.96 4.55 12.50
C GLY A 4 17.30 3.73 11.41
N SER A 5 16.61 2.66 11.82
CA SER A 5 15.93 1.79 10.88
C SER A 5 14.46 2.19 10.71
N SER A 6 14.00 2.20 9.47
CA SER A 6 12.62 2.57 9.17
C SER A 6 11.76 1.34 8.97
N GLY A 7 10.61 1.31 9.63
CA GLY A 7 9.70 0.18 9.50
C GLY A 7 8.69 0.36 8.39
N VAL A 8 8.54 -0.67 7.56
CA VAL A 8 7.59 -0.62 6.45
C VAL A 8 6.16 -0.79 6.94
N CYS A 9 5.23 -0.13 6.27
CA CYS A 9 3.82 -0.22 6.63
C CYS A 9 3.07 -1.15 5.68
N PHE A 10 1.99 -1.76 6.17
CA PHE A 10 1.19 -2.67 5.37
C PHE A 10 -0.28 -2.31 5.44
N VAL A 11 -0.99 -2.46 4.32
CA VAL A 11 -2.40 -2.16 4.26
C VAL A 11 -3.16 -3.22 3.47
N LYS A 12 -4.37 -3.55 3.93
CA LYS A 12 -5.19 -4.54 3.26
C LYS A 12 -6.26 -3.88 2.39
N ALA A 13 -6.50 -4.46 1.23
CA ALA A 13 -7.49 -3.92 0.30
C ALA A 13 -8.91 -4.16 0.81
N LEU A 14 -9.57 -3.10 1.24
CA LEU A 14 -10.93 -3.20 1.75
C LEU A 14 -11.91 -3.58 0.64
N TYR A 15 -11.61 -3.15 -0.58
CA TYR A 15 -12.45 -3.45 -1.73
C TYR A 15 -11.61 -3.88 -2.93
N ASP A 16 -12.14 -4.81 -3.70
CA ASP A 16 -11.44 -5.31 -4.88
C ASP A 16 -11.05 -4.15 -5.81
N TYR A 17 -9.74 -3.89 -5.88
CA TYR A 17 -9.23 -2.81 -6.72
C TYR A 17 -9.08 -3.27 -8.17
N GLU A 18 -9.39 -2.37 -9.11
CA GLU A 18 -9.28 -2.69 -10.52
C GLU A 18 -8.48 -1.62 -11.26
N GLY A 19 -7.26 -1.96 -11.65
CA GLY A 19 -6.41 -1.02 -12.36
C GLY A 19 -6.66 -1.03 -13.85
N GLN A 20 -6.78 0.16 -14.43
CA GLN A 20 -7.03 0.28 -15.87
C GLN A 20 -5.74 0.12 -16.65
N THR A 21 -4.61 0.38 -16.00
CA THR A 21 -3.30 0.25 -16.63
C THR A 21 -2.28 -0.35 -15.68
N ASP A 22 -1.19 -0.86 -16.25
CA ASP A 22 -0.13 -1.47 -15.44
C ASP A 22 0.33 -0.52 -14.34
N ASP A 23 0.48 0.76 -14.69
CA ASP A 23 0.90 1.76 -13.72
C ASP A 23 0.15 1.61 -12.41
N GLU A 24 -1.09 1.15 -12.48
CA GLU A 24 -1.91 0.97 -11.30
C GLU A 24 -1.67 -0.41 -10.68
N LEU A 25 -2.34 -0.67 -9.56
CA LEU A 25 -2.20 -1.95 -8.87
C LEU A 25 -3.55 -2.63 -8.72
N SER A 26 -3.60 -3.91 -9.08
CA SER A 26 -4.84 -4.68 -8.98
C SER A 26 -4.70 -5.79 -7.94
N PHE A 27 -5.51 -5.70 -6.88
CA PHE A 27 -5.47 -6.70 -5.82
C PHE A 27 -6.89 -7.11 -5.43
N PRO A 28 -7.04 -8.37 -5.01
CA PRO A 28 -8.34 -8.93 -4.60
C PRO A 28 -8.83 -8.32 -3.29
N GLU A 29 -10.14 -8.43 -3.04
CA GLU A 29 -10.74 -7.89 -1.83
C GLU A 29 -10.07 -8.48 -0.59
N GLY A 30 -9.15 -7.73 -0.01
CA GLY A 30 -8.45 -8.18 1.18
C GLY A 30 -7.04 -8.64 0.88
N ALA A 31 -6.30 -7.84 0.12
CA ALA A 31 -4.92 -8.17 -0.23
C ALA A 31 -3.94 -7.22 0.44
N ILE A 32 -3.11 -7.77 1.33
CA ILE A 32 -2.12 -6.97 2.04
C ILE A 32 -1.00 -6.51 1.10
N ILE A 33 -0.87 -5.20 0.95
CA ILE A 33 0.15 -4.63 0.09
C ILE A 33 1.30 -4.04 0.90
N ARG A 34 2.53 -4.21 0.41
CA ARG A 34 3.70 -3.71 1.10
C ARG A 34 3.97 -2.24 0.71
N ILE A 35 3.53 -1.33 1.57
CA ILE A 35 3.73 0.10 1.30
C ILE A 35 5.21 0.44 1.18
N LEU A 36 5.62 0.85 -0.01
CA LEU A 36 7.01 1.21 -0.27
C LEU A 36 7.25 2.69 0.03
N ASN A 37 6.40 3.54 -0.52
CA ASN A 37 6.52 4.98 -0.32
C ASN A 37 5.14 5.61 -0.10
N LYS A 38 4.92 6.14 1.09
CA LYS A 38 3.66 6.79 1.42
C LYS A 38 3.79 8.30 1.39
N GLU A 39 5.02 8.78 1.49
CA GLU A 39 5.28 10.22 1.47
C GLU A 39 5.51 10.72 0.04
N ASN A 40 4.50 10.54 -0.80
CA ASN A 40 4.59 10.97 -2.20
C ASN A 40 4.91 12.46 -2.29
N GLN A 41 6.05 12.77 -2.91
CA GLN A 41 6.47 14.16 -3.05
C GLN A 41 5.52 14.92 -3.98
N ASP A 42 5.41 14.44 -5.21
CA ASP A 42 4.53 15.07 -6.19
C ASP A 42 3.14 15.29 -5.63
N ASP A 43 2.42 16.25 -6.19
CA ASP A 43 1.06 16.56 -5.73
C ASP A 43 0.03 15.73 -6.50
N ASP A 44 0.17 14.42 -6.44
CA ASP A 44 -0.74 13.51 -7.12
C ASP A 44 -1.77 12.93 -6.15
N GLY A 45 -1.29 12.46 -5.01
CA GLY A 45 -2.17 11.88 -4.01
C GLY A 45 -2.30 10.38 -4.15
N PHE A 46 -1.20 9.72 -4.48
CA PHE A 46 -1.20 8.27 -4.66
C PHE A 46 -0.06 7.63 -3.84
N TRP A 47 -0.26 6.37 -3.47
CA TRP A 47 0.74 5.64 -2.70
C TRP A 47 1.41 4.57 -3.54
N GLU A 48 2.71 4.42 -3.38
CA GLU A 48 3.47 3.42 -4.13
C GLU A 48 3.76 2.20 -3.27
N GLY A 49 3.28 1.04 -3.71
CA GLY A 49 3.49 -0.19 -2.97
C GLY A 49 3.60 -1.40 -3.87
N GLU A 50 4.22 -2.46 -3.36
CA GLU A 50 4.38 -3.69 -4.13
C GLU A 50 3.53 -4.81 -3.55
N PHE A 51 2.99 -5.66 -4.43
CA PHE A 51 2.15 -6.77 -4.01
C PHE A 51 2.25 -7.94 -4.99
N ASN A 52 2.19 -9.15 -4.47
CA ASN A 52 2.27 -10.35 -5.30
C ASN A 52 3.27 -10.15 -6.45
N GLY A 53 4.35 -9.43 -6.16
CA GLY A 53 5.36 -9.19 -7.17
C GLY A 53 4.90 -8.17 -8.21
N ARG A 54 4.18 -7.16 -7.76
CA ARG A 54 3.67 -6.13 -8.67
C ARG A 54 4.07 -4.75 -8.17
N ILE A 55 3.94 -3.75 -9.04
CA ILE A 55 4.28 -2.38 -8.71
C ILE A 55 3.37 -1.39 -9.43
N GLY A 56 2.67 -0.56 -8.65
CA GLY A 56 1.78 0.42 -9.23
C GLY A 56 1.45 1.55 -8.27
N VAL A 57 0.32 2.22 -8.50
CA VAL A 57 -0.10 3.33 -7.65
C VAL A 57 -1.57 3.18 -7.26
N PHE A 58 -1.89 3.58 -6.04
CA PHE A 58 -3.26 3.50 -5.54
C PHE A 58 -3.64 4.78 -4.80
N PRO A 59 -4.96 5.04 -4.71
CA PRO A 59 -5.49 6.22 -4.03
C PRO A 59 -5.30 6.16 -2.53
N SER A 60 -4.73 5.06 -2.06
CA SER A 60 -4.49 4.88 -0.62
C SER A 60 -5.78 5.09 0.17
N VAL A 61 -6.91 4.77 -0.44
CA VAL A 61 -8.21 4.92 0.19
C VAL A 61 -8.97 3.60 0.22
N LEU A 62 -8.75 2.78 -0.80
CA LEU A 62 -9.42 1.49 -0.91
C LEU A 62 -8.69 0.44 -0.07
N VAL A 63 -7.77 0.88 0.78
CA VAL A 63 -7.01 -0.02 1.64
C VAL A 63 -7.15 0.38 3.10
N GLU A 64 -6.74 -0.52 3.99
CA GLU A 64 -6.81 -0.27 5.43
C GLU A 64 -5.48 -0.58 6.10
N GLU A 65 -5.06 0.31 7.00
CA GLU A 65 -3.79 0.14 7.71
C GLU A 65 -3.90 -1.00 8.73
N LEU A 66 -2.86 -1.83 8.78
CA LEU A 66 -2.83 -2.96 9.70
C LEU A 66 -2.35 -2.52 11.07
N SER A 67 -2.86 -1.40 11.55
CA SER A 67 -2.47 -0.87 12.86
C SER A 67 -3.30 -1.52 13.97
N SER A 68 -3.48 -2.84 13.89
CA SER A 68 -4.25 -3.57 14.87
C SER A 68 -3.33 -4.32 15.84
N GLY A 69 -3.14 -3.77 17.03
CA GLY A 69 -2.28 -4.39 18.01
C GLY A 69 -0.82 -4.35 17.62
N PRO A 70 -0.02 -5.26 18.21
CA PRO A 70 1.42 -5.33 17.93
C PRO A 70 1.71 -5.85 16.52
N SER A 71 2.53 -5.10 15.78
CA SER A 71 2.89 -5.49 14.42
C SER A 71 4.40 -5.59 14.27
N SER A 72 4.86 -6.76 13.81
CA SER A 72 6.28 -6.98 13.62
C SER A 72 6.56 -7.56 12.24
N GLY A 73 7.81 -7.45 11.78
CA GLY A 73 8.17 -7.95 10.48
C GLY A 73 9.22 -9.06 10.57
N GLY A 1 21.80 -6.30 20.65
CA GLY A 1 22.17 -5.44 19.54
C GLY A 1 21.01 -5.13 18.64
N SER A 2 21.20 -5.31 17.34
CA SER A 2 20.14 -5.04 16.36
C SER A 2 18.98 -6.01 16.53
N SER A 3 17.76 -5.48 16.46
CA SER A 3 16.57 -6.29 16.61
C SER A 3 15.57 -6.02 15.49
N GLY A 4 15.76 -6.71 14.37
CA GLY A 4 14.88 -6.53 13.23
C GLY A 4 15.03 -5.17 12.59
N SER A 5 13.91 -4.58 12.19
CA SER A 5 13.93 -3.27 11.56
C SER A 5 12.50 -2.75 11.33
N SER A 6 12.34 -1.43 11.46
CA SER A 6 11.02 -0.82 11.28
C SER A 6 11.05 0.17 10.12
N GLY A 7 9.87 0.48 9.59
CA GLY A 7 9.78 1.41 8.48
C GLY A 7 8.74 0.99 7.45
N VAL A 8 8.93 -0.19 6.87
CA VAL A 8 8.00 -0.71 5.87
C VAL A 8 6.56 -0.66 6.38
N CYS A 9 5.68 -0.04 5.60
CA CYS A 9 4.28 0.07 5.96
C CYS A 9 3.42 -0.93 5.20
N PHE A 10 2.20 -1.15 5.68
CA PHE A 10 1.29 -2.09 5.03
C PHE A 10 -0.15 -1.60 5.12
N VAL A 11 -0.92 -1.86 4.07
CA VAL A 11 -2.32 -1.44 4.03
C VAL A 11 -3.22 -2.58 3.56
N LYS A 12 -4.46 -2.57 4.03
CA LYS A 12 -5.43 -3.61 3.66
C LYS A 12 -6.42 -3.08 2.63
N ALA A 13 -6.57 -3.81 1.52
CA ALA A 13 -7.49 -3.42 0.47
C ALA A 13 -8.93 -3.69 0.87
N LEU A 14 -9.64 -2.65 1.31
CA LEU A 14 -11.03 -2.78 1.72
C LEU A 14 -11.89 -3.33 0.59
N TYR A 15 -11.56 -2.93 -0.64
CA TYR A 15 -12.30 -3.37 -1.81
C TYR A 15 -11.35 -3.74 -2.96
N ASP A 16 -11.76 -4.69 -3.77
CA ASP A 16 -10.96 -5.13 -4.90
C ASP A 16 -10.80 -4.02 -5.93
N TYR A 17 -9.56 -3.62 -6.18
CA TYR A 17 -9.28 -2.55 -7.14
C TYR A 17 -8.96 -3.13 -8.51
N GLU A 18 -9.35 -2.41 -9.55
CA GLU A 18 -9.12 -2.85 -10.93
C GLU A 18 -8.18 -1.89 -11.66
N GLY A 19 -6.90 -1.96 -11.35
CA GLY A 19 -5.93 -1.08 -11.99
C GLY A 19 -6.18 -0.92 -13.47
N GLN A 20 -6.13 0.31 -13.95
CA GLN A 20 -6.36 0.59 -15.36
C GLN A 20 -5.19 0.10 -16.21
N THR A 21 -3.97 0.34 -15.71
CA THR A 21 -2.77 -0.07 -16.43
C THR A 21 -1.75 -0.69 -15.47
N ASP A 22 -0.66 -1.19 -16.04
CA ASP A 22 0.39 -1.81 -15.23
C ASP A 22 0.90 -0.85 -14.16
N ASP A 23 1.04 0.42 -14.53
CA ASP A 23 1.51 1.43 -13.60
C ASP A 23 0.77 1.34 -12.27
N GLU A 24 -0.53 1.11 -12.33
CA GLU A 24 -1.35 0.99 -11.13
C GLU A 24 -1.22 -0.40 -10.52
N LEU A 25 -1.96 -0.64 -9.44
CA LEU A 25 -1.93 -1.92 -8.76
C LEU A 25 -3.33 -2.53 -8.68
N SER A 26 -3.43 -3.81 -9.02
CA SER A 26 -4.71 -4.52 -8.99
C SER A 26 -4.69 -5.64 -7.97
N PHE A 27 -5.53 -5.52 -6.94
CA PHE A 27 -5.61 -6.52 -5.89
C PHE A 27 -7.06 -6.86 -5.57
N PRO A 28 -7.28 -8.10 -5.11
CA PRO A 28 -8.63 -8.58 -4.76
C PRO A 28 -9.17 -7.90 -3.51
N GLU A 29 -10.27 -8.45 -2.98
CA GLU A 29 -10.89 -7.90 -1.78
C GLU A 29 -10.26 -8.48 -0.53
N GLY A 30 -9.47 -7.66 0.17
CA GLY A 30 -8.82 -8.11 1.38
C GLY A 30 -7.39 -8.56 1.14
N ALA A 31 -6.65 -7.78 0.37
CA ALA A 31 -5.25 -8.10 0.06
C ALA A 31 -4.30 -7.13 0.73
N ILE A 32 -3.19 -7.65 1.23
CA ILE A 32 -2.19 -6.83 1.90
C ILE A 32 -1.15 -6.30 0.91
N ILE A 33 -0.73 -5.06 1.12
CA ILE A 33 0.27 -4.44 0.24
C ILE A 33 1.46 -3.92 1.05
N ARG A 34 2.66 -4.15 0.53
CA ARG A 34 3.87 -3.70 1.20
C ARG A 34 4.32 -2.35 0.65
N ILE A 35 4.00 -1.28 1.36
CA ILE A 35 4.37 0.06 0.96
C ILE A 35 5.84 0.11 0.51
N LEU A 36 6.05 0.33 -0.78
CA LEU A 36 7.40 0.41 -1.33
C LEU A 36 7.91 1.84 -1.32
N ASN A 37 7.09 2.76 -1.84
CA ASN A 37 7.47 4.16 -1.89
C ASN A 37 6.24 5.06 -1.75
N LYS A 38 6.41 6.19 -1.07
CA LYS A 38 5.32 7.13 -0.88
C LYS A 38 5.75 8.56 -1.20
N GLU A 39 6.67 8.68 -2.16
CA GLU A 39 7.17 10.00 -2.56
C GLU A 39 6.07 11.05 -2.49
N ASN A 40 4.85 10.64 -2.81
CA ASN A 40 3.71 11.54 -2.78
C ASN A 40 3.80 12.50 -1.60
N GLN A 41 4.19 13.74 -1.88
CA GLN A 41 4.32 14.75 -0.84
C GLN A 41 2.98 15.46 -0.60
N ASP A 42 1.90 14.70 -0.69
CA ASP A 42 0.56 15.25 -0.48
C ASP A 42 0.14 16.12 -1.67
N ASP A 43 0.51 15.69 -2.87
CA ASP A 43 0.17 16.43 -4.08
C ASP A 43 -0.82 15.66 -4.93
N ASP A 44 -0.87 14.34 -4.72
CA ASP A 44 -1.78 13.48 -5.46
C ASP A 44 -2.59 12.58 -4.53
N GLY A 45 -1.88 11.89 -3.63
CA GLY A 45 -2.55 11.01 -2.70
C GLY A 45 -2.42 9.55 -3.08
N PHE A 46 -1.41 9.23 -3.87
CA PHE A 46 -1.18 7.86 -4.32
C PHE A 46 0.16 7.33 -3.82
N TRP A 47 0.22 6.05 -3.54
CA TRP A 47 1.44 5.42 -3.05
C TRP A 47 1.85 4.24 -3.93
N GLU A 48 3.07 3.77 -3.76
CA GLU A 48 3.57 2.64 -4.54
C GLU A 48 3.89 1.46 -3.64
N GLY A 49 3.30 0.30 -3.94
CA GLY A 49 3.53 -0.88 -3.16
C GLY A 49 3.58 -2.14 -4.00
N GLU A 50 4.11 -3.22 -3.43
CA GLU A 50 4.21 -4.49 -4.14
C GLU A 50 3.18 -5.49 -3.61
N PHE A 51 2.75 -6.40 -4.48
CA PHE A 51 1.78 -7.41 -4.11
C PHE A 51 1.97 -8.68 -4.92
N ASN A 52 2.03 -9.82 -4.24
CA ASN A 52 2.22 -11.10 -4.90
C ASN A 52 3.13 -10.97 -6.12
N GLY A 53 4.12 -10.08 -6.01
CA GLY A 53 5.03 -9.87 -7.11
C GLY A 53 4.49 -8.90 -8.14
N ARG A 54 3.82 -7.85 -7.68
CA ARG A 54 3.24 -6.85 -8.56
C ARG A 54 3.41 -5.45 -7.99
N ILE A 55 4.12 -4.59 -8.72
CA ILE A 55 4.36 -3.22 -8.28
C ILE A 55 3.49 -2.24 -9.05
N GLY A 56 2.97 -1.24 -8.36
CA GLY A 56 2.12 -0.25 -9.00
C GLY A 56 1.71 0.86 -8.06
N VAL A 57 0.95 1.82 -8.57
CA VAL A 57 0.48 2.94 -7.77
C VAL A 57 -1.02 2.84 -7.48
N PHE A 58 -1.41 3.22 -6.27
CA PHE A 58 -2.81 3.17 -5.87
C PHE A 58 -3.26 4.48 -5.27
N PRO A 59 -4.58 4.75 -5.31
CA PRO A 59 -5.16 5.97 -4.77
C PRO A 59 -5.09 6.02 -3.24
N SER A 60 -4.62 4.93 -2.63
CA SER A 60 -4.51 4.86 -1.18
C SER A 60 -5.84 5.22 -0.52
N VAL A 61 -6.93 5.03 -1.25
CA VAL A 61 -8.25 5.35 -0.73
C VAL A 61 -9.06 4.07 -0.49
N LEU A 62 -8.85 3.08 -1.34
CA LEU A 62 -9.56 1.81 -1.22
C LEU A 62 -8.90 0.91 -0.17
N VAL A 63 -7.75 1.35 0.34
CA VAL A 63 -7.02 0.58 1.34
C VAL A 63 -7.08 1.29 2.70
N GLU A 64 -6.90 0.51 3.77
CA GLU A 64 -6.93 1.05 5.11
C GLU A 64 -5.62 0.76 5.85
N GLU A 65 -5.16 1.72 6.64
CA GLU A 65 -3.93 1.57 7.40
C GLU A 65 -4.06 0.48 8.44
N LEU A 66 -3.18 -0.52 8.37
CA LEU A 66 -3.20 -1.63 9.31
C LEU A 66 -2.66 -1.20 10.67
N SER A 67 -3.54 -0.65 11.50
CA SER A 67 -3.15 -0.18 12.84
C SER A 67 -3.83 -1.02 13.91
N SER A 68 -3.07 -1.92 14.52
CA SER A 68 -3.61 -2.79 15.57
C SER A 68 -2.89 -2.54 16.89
N GLY A 69 -3.45 -1.65 17.70
CA GLY A 69 -2.85 -1.34 18.99
C GLY A 69 -2.12 -0.02 18.98
N PRO A 70 -1.89 0.56 20.17
CA PRO A 70 -1.20 1.83 20.33
C PRO A 70 0.29 1.72 20.00
N SER A 71 0.97 2.86 19.96
CA SER A 71 2.40 2.89 19.66
C SER A 71 3.20 2.15 20.73
N SER A 72 3.34 0.85 20.56
CA SER A 72 4.07 0.02 21.49
C SER A 72 3.55 0.22 22.92
N GLY A 73 2.23 0.29 23.06
CA GLY A 73 1.62 0.48 24.36
C GLY A 73 1.17 -0.83 24.99
N GLY A 1 21.30 5.43 12.22
CA GLY A 1 22.68 5.69 11.84
C GLY A 1 22.93 5.45 10.36
N SER A 2 22.53 6.41 9.54
CA SER A 2 22.70 6.31 8.09
C SER A 2 22.06 5.03 7.56
N SER A 3 20.96 4.63 8.19
CA SER A 3 20.24 3.43 7.77
C SER A 3 18.73 3.64 7.86
N GLY A 4 18.04 3.35 6.76
CA GLY A 4 16.60 3.51 6.73
C GLY A 4 15.92 2.97 7.98
N SER A 5 14.65 3.29 8.16
CA SER A 5 13.89 2.84 9.32
C SER A 5 13.21 1.49 9.03
N SER A 6 13.69 0.44 9.69
CA SER A 6 13.15 -0.89 9.52
C SER A 6 11.70 -0.95 9.99
N GLY A 7 10.95 -1.93 9.48
CA GLY A 7 9.56 -2.07 9.87
C GLY A 7 8.61 -1.49 8.84
N VAL A 8 8.60 -2.08 7.65
CA VAL A 8 7.73 -1.60 6.57
C VAL A 8 6.26 -1.75 6.96
N CYS A 9 5.46 -0.78 6.56
CA CYS A 9 4.02 -0.80 6.86
C CYS A 9 3.27 -1.65 5.84
N PHE A 10 2.01 -1.96 6.16
CA PHE A 10 1.19 -2.76 5.28
C PHE A 10 -0.28 -2.36 5.38
N VAL A 11 -0.97 -2.35 4.25
CA VAL A 11 -2.38 -1.99 4.21
C VAL A 11 -3.21 -3.04 3.48
N LYS A 12 -4.45 -3.21 3.91
CA LYS A 12 -5.35 -4.18 3.29
C LYS A 12 -6.37 -3.48 2.39
N ALA A 13 -6.48 -3.97 1.16
CA ALA A 13 -7.42 -3.40 0.20
C ALA A 13 -8.86 -3.63 0.65
N LEU A 14 -9.42 -2.66 1.35
CA LEU A 14 -10.79 -2.75 1.84
C LEU A 14 -11.76 -3.11 0.71
N TYR A 15 -11.51 -2.53 -0.47
CA TYR A 15 -12.35 -2.78 -1.64
C TYR A 15 -11.50 -3.07 -2.86
N ASP A 16 -11.79 -4.18 -3.53
CA ASP A 16 -11.06 -4.58 -4.73
C ASP A 16 -10.70 -3.36 -5.58
N TYR A 17 -9.52 -3.38 -6.18
CA TYR A 17 -9.07 -2.27 -7.01
C TYR A 17 -8.68 -2.76 -8.40
N GLU A 18 -9.42 -2.33 -9.41
CA GLU A 18 -9.16 -2.72 -10.79
C GLU A 18 -8.36 -1.65 -11.52
N GLY A 19 -7.05 -1.87 -11.63
CA GLY A 19 -6.20 -0.91 -12.30
C GLY A 19 -6.47 -0.83 -13.79
N GLN A 20 -6.59 0.38 -14.30
CA GLN A 20 -6.86 0.59 -15.72
C GLN A 20 -5.66 0.18 -16.57
N THR A 21 -4.46 0.36 -16.02
CA THR A 21 -3.24 0.01 -16.73
C THR A 21 -2.28 -0.75 -15.82
N ASP A 22 -1.18 -1.22 -16.39
CA ASP A 22 -0.17 -1.96 -15.63
C ASP A 22 0.42 -1.09 -14.53
N ASP A 23 0.69 0.17 -14.85
CA ASP A 23 1.26 1.11 -13.89
C ASP A 23 0.55 1.01 -12.55
N GLU A 24 -0.77 0.87 -12.59
CA GLU A 24 -1.56 0.75 -11.37
C GLU A 24 -1.41 -0.64 -10.75
N LEU A 25 -2.09 -0.84 -9.62
CA LEU A 25 -2.03 -2.12 -8.92
C LEU A 25 -3.42 -2.73 -8.79
N SER A 26 -3.54 -4.01 -9.15
CA SER A 26 -4.83 -4.70 -9.07
C SER A 26 -4.78 -5.78 -7.99
N PHE A 27 -5.60 -5.60 -6.95
CA PHE A 27 -5.65 -6.57 -5.86
C PHE A 27 -7.10 -6.90 -5.50
N PRO A 28 -7.33 -8.13 -5.03
CA PRO A 28 -8.66 -8.60 -4.65
C PRO A 28 -9.16 -7.92 -3.37
N GLU A 29 -10.46 -8.04 -3.11
CA GLU A 29 -11.06 -7.45 -1.93
C GLU A 29 -10.48 -8.07 -0.65
N GLY A 30 -9.59 -7.33 0.00
CA GLY A 30 -8.98 -7.82 1.23
C GLY A 30 -7.59 -8.41 0.99
N ALA A 31 -6.76 -7.66 0.28
CA ALA A 31 -5.40 -8.10 -0.01
C ALA A 31 -4.37 -7.22 0.70
N ILE A 32 -3.28 -7.84 1.15
CA ILE A 32 -2.22 -7.11 1.83
C ILE A 32 -1.26 -6.47 0.84
N ILE A 33 -0.84 -5.24 1.15
CA ILE A 33 0.08 -4.52 0.29
C ILE A 33 1.23 -3.91 1.10
N ARG A 34 2.45 -4.08 0.59
CA ARG A 34 3.63 -3.55 1.27
C ARG A 34 3.90 -2.12 0.83
N ILE A 35 3.82 -1.19 1.78
CA ILE A 35 4.06 0.22 1.51
C ILE A 35 5.55 0.49 1.33
N LEU A 36 6.00 0.49 0.08
CA LEU A 36 7.41 0.75 -0.22
C LEU A 36 7.74 2.22 -0.07
N ASN A 37 7.00 3.08 -0.79
CA ASN A 37 7.22 4.51 -0.72
C ASN A 37 5.90 5.27 -0.75
N LYS A 38 5.57 5.93 0.35
CA LYS A 38 4.33 6.69 0.46
C LYS A 38 4.61 8.13 0.86
N GLU A 39 5.76 8.65 0.43
CA GLU A 39 6.14 10.02 0.75
C GLU A 39 5.83 10.96 -0.42
N ASN A 40 4.59 11.45 -0.46
CA ASN A 40 4.15 12.34 -1.51
C ASN A 40 3.36 13.52 -0.94
N GLN A 41 3.63 14.71 -1.48
CA GLN A 41 2.94 15.91 -1.01
C GLN A 41 2.44 16.75 -2.19
N ASP A 42 1.79 16.09 -3.15
CA ASP A 42 1.27 16.76 -4.32
C ASP A 42 -0.03 16.10 -4.79
N ASP A 43 -0.71 16.76 -5.73
CA ASP A 43 -1.96 16.24 -6.26
C ASP A 43 -1.85 14.75 -6.58
N ASP A 44 -0.62 14.28 -6.76
CA ASP A 44 -0.37 12.88 -7.07
C ASP A 44 0.08 12.12 -5.82
N GLY A 45 -0.77 12.13 -4.80
CA GLY A 45 -0.44 11.43 -3.56
C GLY A 45 -0.65 9.93 -3.67
N PHE A 46 -0.03 9.32 -4.67
CA PHE A 46 -0.14 7.89 -4.88
C PHE A 46 0.97 7.14 -4.16
N TRP A 47 0.62 6.03 -3.52
CA TRP A 47 1.60 5.22 -2.80
C TRP A 47 2.03 4.02 -3.63
N GLU A 48 3.34 3.73 -3.59
CA GLU A 48 3.88 2.60 -4.34
C GLU A 48 4.09 1.39 -3.43
N GLY A 49 3.53 0.25 -3.84
CA GLY A 49 3.67 -0.96 -3.05
C GLY A 49 3.80 -2.19 -3.91
N GLU A 50 4.42 -3.24 -3.36
CA GLU A 50 4.62 -4.49 -4.09
C GLU A 50 3.64 -5.56 -3.61
N PHE A 51 2.90 -6.14 -4.56
CA PHE A 51 1.92 -7.18 -4.23
C PHE A 51 1.89 -8.25 -5.31
N ASN A 52 1.80 -9.51 -4.89
CA ASN A 52 1.77 -10.63 -5.82
C ASN A 52 2.83 -10.47 -6.90
N GLY A 53 4.03 -10.07 -6.49
CA GLY A 53 5.11 -9.89 -7.44
C GLY A 53 4.80 -8.84 -8.49
N ARG A 54 4.02 -7.84 -8.11
CA ARG A 54 3.64 -6.77 -9.01
C ARG A 54 3.80 -5.40 -8.35
N ILE A 55 4.34 -4.45 -9.09
CA ILE A 55 4.54 -3.09 -8.58
C ILE A 55 3.65 -2.09 -9.30
N GLY A 56 2.89 -1.32 -8.52
CA GLY A 56 2.01 -0.33 -9.11
C GLY A 56 1.72 0.81 -8.16
N VAL A 57 0.77 1.67 -8.53
CA VAL A 57 0.39 2.81 -7.70
C VAL A 57 -1.10 2.77 -7.36
N PHE A 58 -1.42 3.17 -6.13
CA PHE A 58 -2.80 3.18 -5.67
C PHE A 58 -3.15 4.51 -5.02
N PRO A 59 -4.46 4.82 -4.97
CA PRO A 59 -4.94 6.07 -4.37
C PRO A 59 -4.77 6.09 -2.86
N SER A 60 -4.20 5.02 -2.31
CA SER A 60 -3.99 4.92 -0.87
C SER A 60 -5.23 5.33 -0.10
N VAL A 61 -6.40 4.95 -0.61
CA VAL A 61 -7.67 5.27 0.03
C VAL A 61 -8.56 4.05 0.15
N LEU A 62 -8.43 3.12 -0.80
CA LEU A 62 -9.22 1.90 -0.80
C LEU A 62 -8.56 0.83 0.06
N VAL A 63 -7.56 1.23 0.83
CA VAL A 63 -6.85 0.31 1.71
C VAL A 63 -6.97 0.73 3.16
N GLU A 64 -6.73 -0.21 4.08
CA GLU A 64 -6.82 0.07 5.50
C GLU A 64 -5.49 -0.24 6.18
N GLU A 65 -5.08 0.63 7.10
CA GLU A 65 -3.83 0.46 7.84
C GLU A 65 -3.95 -0.65 8.87
N LEU A 66 -2.92 -1.49 8.96
CA LEU A 66 -2.92 -2.60 9.91
C LEU A 66 -2.18 -2.21 11.18
N SER A 67 -2.78 -2.55 12.32
CA SER A 67 -2.18 -2.24 13.62
C SER A 67 -1.73 -3.51 14.32
N SER A 68 -0.45 -3.83 14.17
CA SER A 68 0.12 -5.03 14.79
C SER A 68 0.11 -4.92 16.31
N GLY A 69 -0.94 -5.46 16.93
CA GLY A 69 -1.06 -5.42 18.37
C GLY A 69 -2.48 -5.14 18.83
N PRO A 70 -2.74 -5.35 20.12
CA PRO A 70 -4.06 -5.14 20.71
C PRO A 70 -4.42 -3.66 20.78
N SER A 71 -5.68 -3.38 21.11
CA SER A 71 -6.16 -2.01 21.21
C SER A 71 -6.73 -1.73 22.60
N SER A 72 -6.49 -0.53 23.10
CA SER A 72 -6.97 -0.13 24.42
C SER A 72 -7.42 1.33 24.43
N GLY A 73 -8.72 1.53 24.64
CA GLY A 73 -9.27 2.87 24.66
C GLY A 73 -10.68 2.92 25.19
N GLY A 1 23.60 -9.01 4.84
CA GLY A 1 23.84 -7.74 5.49
C GLY A 1 23.17 -6.60 4.75
N SER A 2 22.56 -5.68 5.52
CA SER A 2 21.87 -4.53 4.93
C SER A 2 21.94 -3.32 5.85
N SER A 3 21.77 -2.14 5.29
CA SER A 3 21.82 -0.90 6.06
C SER A 3 20.78 0.09 5.56
N GLY A 4 20.68 1.23 6.24
CA GLY A 4 19.73 2.25 5.85
C GLY A 4 18.50 2.25 6.74
N SER A 5 17.33 2.41 6.14
CA SER A 5 16.08 2.43 6.87
C SER A 5 15.46 1.04 6.95
N SER A 6 14.88 0.71 8.09
CA SER A 6 14.25 -0.59 8.30
C SER A 6 12.76 -0.44 8.60
N GLY A 7 12.06 -1.57 8.66
CA GLY A 7 10.63 -1.54 8.94
C GLY A 7 9.83 -0.96 7.80
N VAL A 8 8.62 -1.48 7.60
CA VAL A 8 7.75 -1.01 6.54
C VAL A 8 6.29 -1.09 6.94
N CYS A 9 5.48 -0.16 6.44
CA CYS A 9 4.06 -0.13 6.75
C CYS A 9 3.27 -0.98 5.76
N PHE A 10 2.04 -1.33 6.14
CA PHE A 10 1.18 -2.14 5.29
C PHE A 10 -0.27 -1.70 5.40
N VAL A 11 -1.09 -2.12 4.43
CA VAL A 11 -2.51 -1.76 4.42
C VAL A 11 -3.34 -2.84 3.74
N LYS A 12 -4.57 -3.03 4.23
CA LYS A 12 -5.46 -4.03 3.67
C LYS A 12 -6.49 -3.38 2.75
N ALA A 13 -6.58 -3.88 1.51
CA ALA A 13 -7.52 -3.35 0.55
C ALA A 13 -8.96 -3.67 0.95
N LEU A 14 -9.65 -2.68 1.50
CA LEU A 14 -11.03 -2.86 1.93
C LEU A 14 -11.90 -3.35 0.78
N TYR A 15 -11.71 -2.77 -0.40
CA TYR A 15 -12.47 -3.15 -1.59
C TYR A 15 -11.55 -3.58 -2.72
N ASP A 16 -12.11 -4.26 -3.71
CA ASP A 16 -11.33 -4.72 -4.86
C ASP A 16 -11.04 -3.57 -5.81
N TYR A 17 -9.76 -3.36 -6.11
CA TYR A 17 -9.35 -2.28 -7.01
C TYR A 17 -8.81 -2.85 -8.32
N GLU A 18 -9.12 -2.18 -9.42
CA GLU A 18 -8.67 -2.61 -10.73
C GLU A 18 -7.71 -1.59 -11.34
N GLY A 19 -6.47 -2.00 -11.54
CA GLY A 19 -5.47 -1.11 -12.12
C GLY A 19 -5.70 -0.86 -13.59
N GLN A 20 -6.16 0.33 -13.92
CA GLN A 20 -6.43 0.69 -15.31
C GLN A 20 -5.29 0.26 -16.22
N THR A 21 -4.06 0.57 -15.81
CA THR A 21 -2.87 0.20 -16.58
C THR A 21 -1.89 -0.60 -15.74
N ASP A 22 -0.90 -1.19 -16.39
CA ASP A 22 0.11 -1.99 -15.71
C ASP A 22 0.85 -1.16 -14.66
N ASP A 23 0.71 0.16 -14.76
CA ASP A 23 1.36 1.08 -13.83
C ASP A 23 0.69 1.02 -12.46
N GLU A 24 -0.62 0.78 -12.45
CA GLU A 24 -1.38 0.72 -11.21
C GLU A 24 -1.25 -0.67 -10.57
N LEU A 25 -1.95 -0.87 -9.46
CA LEU A 25 -1.92 -2.15 -8.76
C LEU A 25 -3.31 -2.74 -8.65
N SER A 26 -3.43 -4.03 -8.92
CA SER A 26 -4.71 -4.72 -8.86
C SER A 26 -4.71 -5.77 -7.74
N PHE A 27 -5.55 -5.56 -6.74
CA PHE A 27 -5.65 -6.48 -5.62
C PHE A 27 -7.10 -6.80 -5.29
N PRO A 28 -7.36 -8.05 -4.90
CA PRO A 28 -8.72 -8.51 -4.55
C PRO A 28 -9.22 -7.90 -3.25
N GLU A 29 -10.53 -7.92 -3.06
CA GLU A 29 -11.14 -7.37 -1.86
C GLU A 29 -10.59 -8.04 -0.61
N GLY A 30 -9.65 -7.37 0.06
CA GLY A 30 -9.06 -7.93 1.26
C GLY A 30 -7.65 -8.44 1.03
N ALA A 31 -6.84 -7.64 0.34
CA ALA A 31 -5.46 -8.02 0.06
C ALA A 31 -4.48 -7.18 0.87
N ILE A 32 -3.25 -7.67 1.00
CA ILE A 32 -2.23 -6.97 1.76
C ILE A 32 -1.23 -6.28 0.83
N ILE A 33 -0.87 -5.05 1.16
CA ILE A 33 0.08 -4.29 0.35
C ILE A 33 1.27 -3.84 1.19
N ARG A 34 2.46 -3.94 0.61
CA ARG A 34 3.69 -3.54 1.30
C ARG A 34 4.13 -2.14 0.86
N ILE A 35 3.91 -1.16 1.72
CA ILE A 35 4.30 0.22 1.43
C ILE A 35 5.78 0.31 1.09
N LEU A 36 6.08 0.50 -0.19
CA LEU A 36 7.45 0.61 -0.65
C LEU A 36 7.98 2.03 -0.44
N ASN A 37 7.26 3.01 -0.97
CA ASN A 37 7.66 4.41 -0.85
C ASN A 37 6.43 5.31 -0.68
N LYS A 38 6.54 6.30 0.20
CA LYS A 38 5.45 7.23 0.44
C LYS A 38 5.88 8.66 0.15
N GLU A 39 6.63 8.84 -0.93
CA GLU A 39 7.09 10.17 -1.32
C GLU A 39 6.07 10.87 -2.21
N ASN A 40 5.02 11.39 -1.59
CA ASN A 40 3.97 12.08 -2.32
C ASN A 40 3.79 13.51 -1.80
N GLN A 41 4.08 14.48 -2.66
CA GLN A 41 3.96 15.89 -2.29
C GLN A 41 2.50 16.35 -2.36
N ASP A 42 1.60 15.51 -1.86
CA ASP A 42 0.17 15.84 -1.87
C ASP A 42 -0.24 16.40 -3.23
N ASP A 43 0.29 15.80 -4.30
CA ASP A 43 -0.03 16.25 -5.66
C ASP A 43 -0.90 15.21 -6.37
N ASP A 44 -0.86 13.98 -5.89
CA ASP A 44 -1.65 12.90 -6.47
C ASP A 44 -2.36 12.09 -5.40
N GLY A 45 -1.63 11.75 -4.34
CA GLY A 45 -2.21 10.98 -3.25
C GLY A 45 -2.12 9.48 -3.49
N PHE A 46 -1.08 9.06 -4.20
CA PHE A 46 -0.88 7.64 -4.49
C PHE A 46 0.43 7.14 -3.90
N TRP A 47 0.45 5.88 -3.48
CA TRP A 47 1.63 5.28 -2.89
C TRP A 47 2.12 4.11 -3.74
N GLU A 48 3.41 3.78 -3.61
CA GLU A 48 4.00 2.68 -4.36
C GLU A 48 4.13 1.44 -3.49
N GLY A 49 3.47 0.36 -3.89
CA GLY A 49 3.53 -0.88 -3.14
C GLY A 49 3.69 -2.09 -4.03
N GLU A 50 4.08 -3.21 -3.43
CA GLU A 50 4.27 -4.45 -4.18
C GLU A 50 3.22 -5.49 -3.79
N PHE A 51 2.68 -6.18 -4.79
CA PHE A 51 1.66 -7.20 -4.56
C PHE A 51 1.45 -8.05 -5.80
N ASN A 52 1.47 -9.37 -5.61
CA ASN A 52 1.29 -10.30 -6.73
C ASN A 52 2.52 -10.33 -7.63
N GLY A 53 3.67 -9.99 -7.05
CA GLY A 53 4.91 -9.98 -7.82
C GLY A 53 4.92 -8.90 -8.88
N ARG A 54 4.30 -7.76 -8.57
CA ARG A 54 4.24 -6.65 -9.51
C ARG A 54 4.11 -5.32 -8.76
N ILE A 55 4.97 -4.36 -9.10
CA ILE A 55 4.96 -3.06 -8.46
C ILE A 55 4.03 -2.10 -9.20
N GLY A 56 3.23 -1.36 -8.44
CA GLY A 56 2.30 -0.42 -9.04
C GLY A 56 1.98 0.74 -8.11
N VAL A 57 0.92 1.49 -8.44
CA VAL A 57 0.51 2.62 -7.63
C VAL A 57 -0.98 2.57 -7.33
N PHE A 58 -1.35 2.94 -6.10
CA PHE A 58 -2.75 2.94 -5.69
C PHE A 58 -3.15 4.29 -5.11
N PRO A 59 -4.45 4.57 -5.12
CA PRO A 59 -5.00 5.82 -4.59
C PRO A 59 -4.91 5.90 -3.07
N SER A 60 -4.33 4.87 -2.47
CA SER A 60 -4.19 4.82 -1.02
C SER A 60 -5.47 5.26 -0.32
N VAL A 61 -6.61 4.85 -0.87
CA VAL A 61 -7.91 5.19 -0.31
C VAL A 61 -8.79 3.97 -0.15
N LEU A 62 -8.60 2.99 -1.03
CA LEU A 62 -9.38 1.76 -0.99
C LEU A 62 -8.72 0.73 -0.09
N VAL A 63 -7.91 1.20 0.85
CA VAL A 63 -7.22 0.32 1.79
C VAL A 63 -7.41 0.79 3.23
N GLU A 64 -6.96 -0.03 4.18
CA GLU A 64 -7.08 0.30 5.59
C GLU A 64 -5.78 0.02 6.33
N GLU A 65 -5.49 0.83 7.34
CA GLU A 65 -4.27 0.67 8.13
C GLU A 65 -4.41 -0.48 9.12
N LEU A 66 -3.34 -1.25 9.29
CA LEU A 66 -3.34 -2.38 10.21
C LEU A 66 -2.56 -2.05 11.48
N SER A 67 -3.26 -1.46 12.45
CA SER A 67 -2.63 -1.09 13.71
C SER A 67 -3.47 -1.57 14.89
N SER A 68 -2.82 -2.25 15.84
CA SER A 68 -3.51 -2.77 17.02
C SER A 68 -3.94 -1.62 17.94
N GLY A 69 -5.12 -1.78 18.54
CA GLY A 69 -5.63 -0.75 19.44
C GLY A 69 -4.77 -0.59 20.68
N PRO A 70 -5.15 -1.28 21.76
CA PRO A 70 -4.43 -1.22 23.03
C PRO A 70 -3.07 -1.91 22.96
N SER A 71 -2.00 -1.13 23.04
CA SER A 71 -0.65 -1.66 22.97
C SER A 71 0.02 -1.61 24.34
N SER A 72 -0.13 -0.47 25.02
CA SER A 72 0.47 -0.30 26.34
C SER A 72 -0.09 -1.32 27.33
N GLY A 73 0.75 -1.75 28.27
CA GLY A 73 0.32 -2.71 29.26
C GLY A 73 0.35 -4.14 28.74
N GLY A 1 26.62 -5.82 8.16
CA GLY A 1 25.38 -5.17 8.59
C GLY A 1 24.19 -5.63 7.78
N SER A 2 23.12 -6.01 8.47
CA SER A 2 21.91 -6.47 7.81
C SER A 2 20.72 -5.61 8.20
N SER A 3 20.61 -5.31 9.49
CA SER A 3 19.51 -4.50 10.00
C SER A 3 19.85 -3.01 9.93
N GLY A 4 18.82 -2.17 9.87
CA GLY A 4 19.05 -0.74 9.80
C GLY A 4 17.77 0.03 9.51
N SER A 5 17.32 -0.02 8.27
CA SER A 5 16.10 0.68 7.87
C SER A 5 14.88 0.06 8.53
N SER A 6 14.33 0.76 9.54
CA SER A 6 13.17 0.27 10.26
C SER A 6 11.97 1.19 10.03
N GLY A 7 11.27 0.97 8.92
CA GLY A 7 10.11 1.78 8.61
C GLY A 7 9.17 1.10 7.63
N VAL A 8 8.97 -0.21 7.81
CA VAL A 8 8.09 -0.97 6.95
C VAL A 8 6.62 -0.69 7.26
N CYS A 9 5.77 -0.83 6.25
CA CYS A 9 4.34 -0.60 6.42
C CYS A 9 3.53 -1.49 5.49
N PHE A 10 2.29 -1.77 5.87
CA PHE A 10 1.41 -2.61 5.07
C PHE A 10 -0.04 -2.12 5.15
N VAL A 11 -0.82 -2.42 4.12
CA VAL A 11 -2.21 -2.01 4.08
C VAL A 11 -3.07 -3.07 3.39
N LYS A 12 -4.28 -3.27 3.91
CA LYS A 12 -5.20 -4.26 3.35
C LYS A 12 -6.24 -3.58 2.46
N ALA A 13 -6.40 -4.09 1.25
CA ALA A 13 -7.36 -3.54 0.31
C ALA A 13 -8.79 -3.75 0.80
N LEU A 14 -9.35 -2.75 1.46
CA LEU A 14 -10.71 -2.83 1.99
C LEU A 14 -11.69 -3.25 0.89
N TYR A 15 -11.41 -2.80 -0.33
CA TYR A 15 -12.28 -3.12 -1.47
C TYR A 15 -11.45 -3.56 -2.66
N ASP A 16 -11.97 -4.53 -3.41
CA ASP A 16 -11.28 -5.05 -4.59
C ASP A 16 -10.99 -3.93 -5.59
N TYR A 17 -9.71 -3.72 -5.87
CA TYR A 17 -9.30 -2.67 -6.81
C TYR A 17 -9.04 -3.26 -8.19
N GLU A 18 -9.62 -2.65 -9.21
CA GLU A 18 -9.44 -3.10 -10.58
C GLU A 18 -8.77 -2.02 -11.43
N GLY A 19 -7.45 -2.10 -11.54
CA GLY A 19 -6.71 -1.13 -12.32
C GLY A 19 -7.04 -1.20 -13.80
N GLN A 20 -7.08 -0.05 -14.46
CA GLN A 20 -7.39 0.01 -15.88
C GLN A 20 -6.14 -0.21 -16.72
N THR A 21 -5.00 0.22 -16.19
CA THR A 21 -3.73 0.07 -16.90
C THR A 21 -2.73 -0.70 -16.05
N ASP A 22 -1.60 -1.06 -16.67
CA ASP A 22 -0.55 -1.80 -15.98
C ASP A 22 0.04 -0.98 -14.83
N ASP A 23 0.35 0.28 -15.11
CA ASP A 23 0.91 1.17 -14.11
C ASP A 23 0.20 1.00 -12.77
N GLU A 24 -1.11 0.89 -12.81
CA GLU A 24 -1.91 0.72 -11.60
C GLU A 24 -1.75 -0.68 -11.04
N LEU A 25 -2.37 -0.92 -9.88
CA LEU A 25 -2.28 -2.23 -9.23
C LEU A 25 -3.68 -2.82 -9.03
N SER A 26 -3.82 -4.10 -9.36
CA SER A 26 -5.10 -4.79 -9.21
C SER A 26 -5.02 -5.90 -8.17
N PHE A 27 -5.77 -5.74 -7.08
CA PHE A 27 -5.77 -6.73 -6.01
C PHE A 27 -7.20 -7.04 -5.56
N PRO A 28 -7.39 -8.25 -5.02
CA PRO A 28 -8.71 -8.70 -4.55
C PRO A 28 -9.17 -7.95 -3.30
N GLU A 29 -10.32 -8.34 -2.77
CA GLU A 29 -10.87 -7.70 -1.57
C GLU A 29 -10.22 -8.27 -0.30
N GLY A 30 -9.33 -7.49 0.30
CA GLY A 30 -8.67 -7.92 1.51
C GLY A 30 -7.27 -8.45 1.24
N ALA A 31 -6.48 -7.69 0.48
CA ALA A 31 -5.12 -8.09 0.16
C ALA A 31 -4.11 -7.15 0.79
N ILE A 32 -3.05 -7.73 1.36
CA ILE A 32 -2.00 -6.94 2.00
C ILE A 32 -0.99 -6.43 0.98
N ILE A 33 -0.69 -5.13 1.05
CA ILE A 33 0.27 -4.52 0.13
C ILE A 33 1.42 -3.87 0.89
N ARG A 34 2.60 -3.89 0.29
CA ARG A 34 3.78 -3.29 0.90
C ARG A 34 3.92 -1.82 0.51
N ILE A 35 3.50 -0.93 1.40
CA ILE A 35 3.58 0.50 1.14
C ILE A 35 5.04 0.96 1.03
N LEU A 36 5.56 0.95 -0.19
CA LEU A 36 6.94 1.37 -0.43
C LEU A 36 7.09 2.88 -0.27
N ASN A 37 6.13 3.63 -0.79
CA ASN A 37 6.14 5.08 -0.70
C ASN A 37 4.74 5.63 -0.47
N LYS A 38 4.58 6.39 0.60
CA LYS A 38 3.28 6.99 0.93
C LYS A 38 3.43 8.47 1.24
N GLU A 39 4.56 8.84 1.83
CA GLU A 39 4.82 10.23 2.17
C GLU A 39 4.91 11.10 0.92
N ASN A 40 3.76 11.52 0.41
CA ASN A 40 3.70 12.35 -0.79
C ASN A 40 2.59 13.38 -0.69
N GLN A 41 2.97 14.65 -0.61
CA GLN A 41 2.00 15.74 -0.51
C GLN A 41 2.19 16.74 -1.64
N ASP A 42 3.38 16.74 -2.23
CA ASP A 42 3.69 17.65 -3.32
C ASP A 42 3.21 17.10 -4.66
N ASP A 43 3.49 15.82 -4.90
CA ASP A 43 3.08 15.17 -6.14
C ASP A 43 2.90 13.67 -5.93
N ASP A 44 2.39 13.00 -6.95
CA ASP A 44 2.17 11.55 -6.88
C ASP A 44 1.20 11.20 -5.76
N GLY A 45 0.07 11.88 -5.72
CA GLY A 45 -0.93 11.63 -4.70
C GLY A 45 -1.12 10.16 -4.42
N PHE A 46 -0.79 9.32 -5.41
CA PHE A 46 -0.93 7.88 -5.28
C PHE A 46 0.30 7.27 -4.63
N TRP A 47 0.11 6.15 -3.93
CA TRP A 47 1.21 5.47 -3.25
C TRP A 47 1.68 4.27 -4.06
N GLU A 48 2.95 3.90 -3.88
CA GLU A 48 3.52 2.77 -4.60
C GLU A 48 3.82 1.61 -3.65
N GLY A 49 3.38 0.43 -4.02
CA GLY A 49 3.60 -0.75 -3.19
C GLY A 49 3.62 -2.03 -3.99
N GLU A 50 4.39 -3.01 -3.53
CA GLU A 50 4.48 -4.30 -4.21
C GLU A 50 3.62 -5.35 -3.52
N PHE A 51 2.56 -5.77 -4.20
CA PHE A 51 1.65 -6.77 -3.66
C PHE A 51 2.16 -8.18 -3.94
N ASN A 52 2.02 -8.62 -5.19
CA ASN A 52 2.47 -9.95 -5.58
C ASN A 52 3.38 -9.88 -6.81
N GLY A 53 4.67 -9.70 -6.56
CA GLY A 53 5.64 -9.61 -7.65
C GLY A 53 5.31 -8.50 -8.62
N ARG A 54 4.37 -7.64 -8.24
CA ARG A 54 3.96 -6.53 -9.09
C ARG A 54 4.26 -5.19 -8.41
N ILE A 55 4.26 -4.13 -9.20
CA ILE A 55 4.52 -2.79 -8.67
C ILE A 55 3.70 -1.74 -9.40
N GLY A 56 2.70 -1.19 -8.71
CA GLY A 56 1.85 -0.17 -9.31
C GLY A 56 1.53 0.95 -8.36
N VAL A 57 0.56 1.78 -8.72
CA VAL A 57 0.16 2.91 -7.89
C VAL A 57 -1.33 2.85 -7.57
N PHE A 58 -1.67 2.98 -6.29
CA PHE A 58 -3.06 2.93 -5.86
C PHE A 58 -3.48 4.27 -5.24
N PRO A 59 -4.79 4.52 -5.20
CA PRO A 59 -5.34 5.76 -4.64
C PRO A 59 -5.19 5.83 -3.13
N SER A 60 -4.54 4.81 -2.56
CA SER A 60 -4.32 4.76 -1.11
C SER A 60 -5.60 5.13 -0.36
N VAL A 61 -6.74 4.72 -0.91
CA VAL A 61 -8.02 5.01 -0.28
C VAL A 61 -8.83 3.74 -0.08
N LEU A 62 -8.63 2.76 -0.95
CA LEU A 62 -9.35 1.49 -0.87
C LEU A 62 -8.60 0.52 0.05
N VAL A 63 -7.62 1.03 0.78
CA VAL A 63 -6.83 0.21 1.69
C VAL A 63 -6.86 0.78 3.10
N GLU A 64 -6.57 -0.07 4.08
CA GLU A 64 -6.56 0.35 5.48
C GLU A 64 -5.18 0.16 6.09
N GLU A 65 -4.97 0.76 7.26
CA GLU A 65 -3.69 0.66 7.96
C GLU A 65 -3.74 -0.41 9.04
N LEU A 66 -2.85 -1.38 8.94
CA LEU A 66 -2.78 -2.46 9.92
C LEU A 66 -2.14 -1.99 11.22
N SER A 67 -2.95 -1.40 12.10
CA SER A 67 -2.46 -0.90 13.38
C SER A 67 -1.60 -1.95 14.07
N SER A 68 -2.20 -3.10 14.37
CA SER A 68 -1.49 -4.18 15.04
C SER A 68 -0.62 -4.95 14.06
N GLY A 69 0.59 -5.30 14.49
CA GLY A 69 1.51 -6.03 13.64
C GLY A 69 2.21 -7.15 14.38
N PRO A 70 2.89 -8.03 13.62
CA PRO A 70 3.63 -9.16 14.18
C PRO A 70 4.87 -8.73 14.95
N SER A 71 5.07 -7.42 15.03
CA SER A 71 6.23 -6.87 15.74
C SER A 71 7.50 -7.08 14.93
N SER A 72 7.50 -6.64 13.68
CA SER A 72 8.65 -6.78 12.80
C SER A 72 9.59 -5.59 12.95
N GLY A 73 10.83 -5.77 12.50
CA GLY A 73 11.81 -4.69 12.58
C GLY A 73 12.92 -4.85 11.57
N GLY A 1 13.01 -5.76 0.15
CA GLY A 1 12.68 -4.80 -0.89
C GLY A 1 13.25 -3.42 -0.62
N SER A 2 13.51 -2.67 -1.69
CA SER A 2 14.07 -1.32 -1.56
C SER A 2 13.21 -0.47 -0.63
N SER A 3 13.82 0.04 0.43
CA SER A 3 13.11 0.88 1.39
C SER A 3 13.72 2.27 1.46
N GLY A 4 12.87 3.29 1.45
CA GLY A 4 13.35 4.66 1.51
C GLY A 4 13.68 5.09 2.93
N SER A 5 12.71 4.97 3.82
CA SER A 5 12.91 5.36 5.22
C SER A 5 12.58 4.21 6.16
N SER A 6 12.79 4.43 7.45
CA SER A 6 12.52 3.40 8.46
C SER A 6 11.08 3.48 8.93
N GLY A 7 10.47 2.31 9.15
CA GLY A 7 9.09 2.27 9.60
C GLY A 7 8.17 1.61 8.59
N VAL A 8 8.45 0.35 8.27
CA VAL A 8 7.64 -0.39 7.31
C VAL A 8 6.18 -0.45 7.75
N CYS A 9 5.28 -0.25 6.80
CA CYS A 9 3.84 -0.29 7.10
C CYS A 9 3.08 -1.05 6.01
N PHE A 10 2.06 -1.78 6.42
CA PHE A 10 1.24 -2.55 5.49
C PHE A 10 -0.21 -2.08 5.50
N VAL A 11 -0.89 -2.24 4.37
CA VAL A 11 -2.28 -1.84 4.25
C VAL A 11 -3.11 -2.93 3.59
N LYS A 12 -4.36 -3.06 4.03
CA LYS A 12 -5.27 -4.07 3.50
C LYS A 12 -6.30 -3.43 2.57
N ALA A 13 -6.38 -3.92 1.34
CA ALA A 13 -7.33 -3.40 0.37
C ALA A 13 -8.76 -3.71 0.79
N LEU A 14 -9.40 -2.75 1.45
CA LEU A 14 -10.78 -2.91 1.90
C LEU A 14 -11.67 -3.42 0.78
N TYR A 15 -11.50 -2.84 -0.41
CA TYR A 15 -12.29 -3.25 -1.57
C TYR A 15 -11.38 -3.71 -2.70
N ASP A 16 -11.99 -4.30 -3.73
CA ASP A 16 -11.25 -4.79 -4.88
C ASP A 16 -10.99 -3.67 -5.88
N TYR A 17 -9.72 -3.36 -6.12
CA TYR A 17 -9.35 -2.31 -7.06
C TYR A 17 -8.90 -2.91 -8.40
N GLU A 18 -9.48 -2.42 -9.48
CA GLU A 18 -9.14 -2.90 -10.81
C GLU A 18 -8.30 -1.88 -11.56
N GLY A 19 -6.98 -1.95 -11.37
CA GLY A 19 -6.08 -1.02 -12.02
C GLY A 19 -6.40 -0.85 -13.50
N GLN A 20 -6.66 0.38 -13.90
CA GLN A 20 -6.99 0.68 -15.29
C GLN A 20 -5.88 0.20 -16.23
N THR A 21 -4.64 0.55 -15.90
CA THR A 21 -3.50 0.16 -16.71
C THR A 21 -2.47 -0.60 -15.88
N ASP A 22 -1.44 -1.11 -16.54
CA ASP A 22 -0.39 -1.86 -15.86
C ASP A 22 0.27 -1.02 -14.76
N ASP A 23 0.63 0.21 -15.11
CA ASP A 23 1.27 1.11 -14.16
C ASP A 23 0.59 1.02 -12.79
N GLU A 24 -0.74 0.96 -12.79
CA GLU A 24 -1.49 0.86 -11.55
C GLU A 24 -1.37 -0.53 -10.94
N LEU A 25 -2.04 -0.73 -9.81
CA LEU A 25 -2.02 -2.02 -9.13
C LEU A 25 -3.43 -2.59 -8.98
N SER A 26 -3.60 -3.85 -9.37
CA SER A 26 -4.89 -4.52 -9.27
C SER A 26 -4.88 -5.59 -8.20
N PHE A 27 -5.69 -5.39 -7.17
CA PHE A 27 -5.77 -6.34 -6.06
C PHE A 27 -7.23 -6.63 -5.70
N PRO A 28 -7.51 -7.88 -5.31
CA PRO A 28 -8.86 -8.31 -4.92
C PRO A 28 -9.31 -7.68 -3.61
N GLU A 29 -10.60 -7.81 -3.32
CA GLU A 29 -11.17 -7.26 -2.09
C GLU A 29 -10.64 -8.00 -0.86
N GLY A 30 -9.65 -7.40 -0.20
CA GLY A 30 -9.07 -8.02 0.98
C GLY A 30 -7.67 -8.53 0.74
N ALA A 31 -6.85 -7.71 0.08
CA ALA A 31 -5.48 -8.08 -0.22
C ALA A 31 -4.49 -7.19 0.53
N ILE A 32 -3.47 -7.80 1.12
CA ILE A 32 -2.46 -7.05 1.87
C ILE A 32 -1.38 -6.51 0.94
N ILE A 33 -1.01 -5.24 1.15
CA ILE A 33 0.01 -4.61 0.33
C ILE A 33 1.12 -4.02 1.20
N ARG A 34 2.35 -4.10 0.70
CA ARG A 34 3.50 -3.57 1.44
C ARG A 34 3.83 -2.15 0.97
N ILE A 35 3.44 -1.16 1.76
CA ILE A 35 3.70 0.23 1.43
C ILE A 35 5.19 0.51 1.36
N LEU A 36 5.73 0.54 0.14
CA LEU A 36 7.14 0.80 -0.08
C LEU A 36 7.47 2.28 0.13
N ASN A 37 6.66 3.14 -0.49
CA ASN A 37 6.85 4.58 -0.38
C ASN A 37 5.61 5.26 0.19
N LYS A 38 5.81 6.32 0.95
CA LYS A 38 4.71 7.06 1.55
C LYS A 38 4.83 8.56 1.26
N GLU A 39 6.03 9.09 1.43
CA GLU A 39 6.29 10.51 1.18
C GLU A 39 6.02 10.86 -0.28
N ASN A 40 4.77 11.21 -0.58
CA ASN A 40 4.40 11.57 -1.94
C ASN A 40 4.84 12.99 -2.28
N GLN A 41 5.16 13.21 -3.55
CA GLN A 41 5.60 14.53 -3.99
C GLN A 41 4.42 15.39 -4.44
N ASP A 42 3.69 14.90 -5.44
CA ASP A 42 2.53 15.62 -5.96
C ASP A 42 1.34 15.48 -5.02
N ASP A 43 0.35 16.36 -5.18
CA ASP A 43 -0.83 16.33 -4.35
C ASP A 43 -1.88 15.37 -4.91
N ASP A 44 -1.40 14.27 -5.49
CA ASP A 44 -2.29 13.26 -6.07
C ASP A 44 -2.95 12.44 -4.97
N GLY A 45 -2.13 11.85 -4.10
CA GLY A 45 -2.67 11.03 -3.02
C GLY A 45 -2.55 9.55 -3.31
N PHE A 46 -1.43 9.15 -3.90
CA PHE A 46 -1.21 7.74 -4.22
C PHE A 46 0.13 7.26 -3.65
N TRP A 47 0.18 5.98 -3.28
CA TRP A 47 1.39 5.40 -2.71
C TRP A 47 1.91 4.28 -3.60
N GLU A 48 3.17 3.90 -3.40
CA GLU A 48 3.78 2.84 -4.18
C GLU A 48 4.05 1.62 -3.31
N GLY A 49 3.54 0.47 -3.74
CA GLY A 49 3.73 -0.76 -2.98
C GLY A 49 3.86 -1.97 -3.88
N GLU A 50 4.38 -3.06 -3.33
CA GLU A 50 4.56 -4.30 -4.09
C GLU A 50 3.56 -5.36 -3.64
N PHE A 51 2.91 -6.01 -4.60
CA PHE A 51 1.94 -7.05 -4.30
C PHE A 51 2.02 -8.18 -5.32
N ASN A 52 2.32 -9.38 -4.84
CA ASN A 52 2.44 -10.55 -5.71
C ASN A 52 3.50 -10.33 -6.77
N GLY A 53 4.63 -9.75 -6.37
CA GLY A 53 5.71 -9.49 -7.30
C GLY A 53 5.34 -8.48 -8.37
N ARG A 54 4.59 -7.46 -7.97
CA ARG A 54 4.15 -6.43 -8.92
C ARG A 54 4.20 -5.05 -8.25
N ILE A 55 4.82 -4.10 -8.94
CA ILE A 55 4.92 -2.74 -8.43
C ILE A 55 4.01 -1.79 -9.19
N GLY A 56 3.05 -1.20 -8.47
CA GLY A 56 2.12 -0.28 -9.09
C GLY A 56 1.77 0.89 -8.20
N VAL A 57 0.78 1.69 -8.60
CA VAL A 57 0.36 2.84 -7.83
C VAL A 57 -1.12 2.76 -7.50
N PHE A 58 -1.48 3.14 -6.28
CA PHE A 58 -2.86 3.11 -5.83
C PHE A 58 -3.26 4.45 -5.21
N PRO A 59 -4.58 4.72 -5.18
CA PRO A 59 -5.12 5.96 -4.61
C PRO A 59 -4.97 6.01 -3.09
N SER A 60 -4.33 4.99 -2.53
CA SER A 60 -4.12 4.92 -1.09
C SER A 60 -5.38 5.34 -0.33
N VAL A 61 -6.53 4.91 -0.84
CA VAL A 61 -7.82 5.23 -0.23
C VAL A 61 -8.67 3.98 -0.04
N LEU A 62 -8.49 3.02 -0.94
CA LEU A 62 -9.23 1.77 -0.88
C LEU A 62 -8.52 0.73 -0.02
N VAL A 63 -7.71 1.22 0.92
CA VAL A 63 -6.97 0.33 1.81
C VAL A 63 -7.08 0.79 3.26
N GLU A 64 -6.47 0.03 4.16
CA GLU A 64 -6.50 0.35 5.58
C GLU A 64 -5.20 -0.09 6.27
N GLU A 65 -4.72 0.76 7.17
CA GLU A 65 -3.48 0.46 7.90
C GLU A 65 -3.68 -0.75 8.82
N LEU A 66 -2.75 -1.69 8.74
CA LEU A 66 -2.81 -2.90 9.56
C LEU A 66 -2.24 -2.64 10.96
N SER A 67 -1.09 -1.98 11.01
CA SER A 67 -0.45 -1.67 12.28
C SER A 67 -0.03 -2.95 13.00
N SER A 68 0.52 -3.89 12.25
CA SER A 68 0.96 -5.16 12.83
C SER A 68 2.44 -5.12 13.17
N GLY A 69 2.77 -5.47 14.41
CA GLY A 69 4.15 -5.47 14.84
C GLY A 69 4.32 -4.89 16.23
N PRO A 70 5.42 -5.27 16.90
CA PRO A 70 5.72 -4.79 18.25
C PRO A 70 6.11 -3.32 18.27
N SER A 71 5.19 -2.48 18.74
CA SER A 71 5.44 -1.04 18.81
C SER A 71 4.31 -0.33 19.54
N SER A 72 4.53 0.93 19.87
CA SER A 72 3.53 1.73 20.58
C SER A 72 2.98 2.82 19.69
N GLY A 73 1.66 3.03 19.76
CA GLY A 73 1.02 4.04 18.95
C GLY A 73 0.66 3.54 17.56
#